data_2IHV
#
_entry.id   2IHV
#
_cell.length_a   120.744
_cell.length_b   128.297
_cell.length_c   197.638
_cell.angle_alpha   90.00
_cell.angle_beta   90.00
_cell.angle_gamma   90.00
#
_symmetry.space_group_name_H-M   'P 21 21 21'
#
loop_
_entity.id
_entity.type
_entity.pdbx_description
1 polymer 'Carboxyethylarginine synthase'
2 non-polymer 'MAGNESIUM ION'
3 non-polymer 'POTASSIUM ION'
4 non-polymer 'THIAMINE DIPHOSPHATE'
5 non-polymer '5-{[AMINO(IMINO)METHYL]AMINO}PENTANOIC ACID'
6 water water
#
_entity_poly.entity_id   1
_entity_poly.type   'polypeptide(L)'
_entity_poly.pdbx_seq_one_letter_code
;MSRVSTAPSGKPTAAHALLSRLRDHGVGKVFGVVGREAASILFDEVEGIDFVLTRHEFTAGVAADVLARITGRPQACWAT
LGPGMTNLSTGIATSVLDRSPVIALAAQSESHDIFPNDTHQCLDSVAIVAPMSKYAVELQRPHEITDLVDSAVNAAMTEP
VGPSFISLPVDLLGSSEGIDTTVPNPPANTPAKPVGVVADGWQKAADQAAALLAEAKHPVLVVGAAAIRSGAVPAIRALA
ERLNIPVITTYIAKGVLPVGHELNYGAVTGYMDGILNFPALQTMFAPVDLVLTVGYDYAEDLRPSMWQKGIEKKTVRISP
TVNPIPRVYRPDVDVVTDVLAFVEHFETATASFGAKQRHDIEPLRARIAEFLADPETYEDGMRVHQVIDSMNTVMEEAAE
PGEGTIVSDIGFFRHYGVLFARADQPFGFLTSAGCSSFGYGIPAAIGAQMARPDQPTFLIAGDGGFHSNSSDLETIARLN
LPIVTVVVNNDTNGLIELYQNIGHHRSHDPAVKFGGVDFVALAEANGVDATRATNREELLAALRKGAELGRPFLIEVPVN
YDFQPGGFGALSI
;
_entity_poly.pdbx_strand_id   A,B,C,D
#
loop_
_chem_comp.id
_chem_comp.type
_chem_comp.name
_chem_comp.formula
GVA non-polymer '5-{[AMINO(IMINO)METHYL]AMINO}PENTANOIC ACID' 'C6 H13 N3 O2'
K non-polymer 'POTASSIUM ION' 'K 1'
MG non-polymer 'MAGNESIUM ION' 'Mg 2'
TPP non-polymer 'THIAMINE DIPHOSPHATE' 'C12 H19 N4 O7 P2 S 1'
#
# COMPACT_ATOMS: atom_id res chain seq x y z
N LYS A 11 38.28 3.61 6.58
CA LYS A 11 37.41 4.74 6.10
C LYS A 11 36.00 4.66 6.74
N PRO A 12 35.51 5.80 7.27
CA PRO A 12 34.16 5.84 7.86
C PRO A 12 33.07 5.38 6.88
N THR A 13 32.13 4.57 7.38
CA THR A 13 31.06 4.04 6.55
C THR A 13 29.75 4.82 6.80
N ALA A 14 28.66 4.41 6.15
CA ALA A 14 27.32 4.96 6.40
C ALA A 14 26.87 4.79 7.87
N ALA A 15 27.37 3.75 8.55
CA ALA A 15 27.19 3.56 10.00
C ALA A 15 27.70 4.75 10.82
N HIS A 16 28.88 5.23 10.44
CA HIS A 16 29.49 6.42 11.04
C HIS A 16 28.65 7.65 10.73
N ALA A 17 28.27 7.82 9.46
CA ALA A 17 27.54 8.98 9.00
C ALA A 17 26.16 9.08 9.66
N LEU A 18 25.52 7.92 9.86
CA LEU A 18 24.22 7.84 10.54
C LEU A 18 24.30 8.27 12.03
N LEU A 19 25.19 7.65 12.79
CA LEU A 19 25.40 7.96 14.20
C LEU A 19 25.82 9.42 14.40
N SER A 20 26.67 9.91 13.52
CA SER A 20 27.12 11.28 13.55
C SER A 20 25.99 12.27 13.29
N ARG A 21 25.11 11.98 12.33
CA ARG A 21 23.98 12.87 12.05
C ARG A 21 22.91 12.85 13.15
N LEU A 22 22.70 11.69 13.77
CA LEU A 22 21.89 11.60 14.99
C LEU A 22 22.47 12.49 16.11
N ARG A 23 23.80 12.47 16.30
CA ARG A 23 24.45 13.34 17.27
C ARG A 23 24.21 14.82 17.01
N ASP A 24 24.33 15.24 15.75
CA ASP A 24 24.02 16.60 15.32
C ASP A 24 22.59 17.05 15.69
N HIS A 25 21.67 16.09 15.77
CA HIS A 25 20.28 16.36 16.18
C HIS A 25 20.05 16.25 17.70
N GLY A 26 21.15 16.15 18.45
CA GLY A 26 21.13 16.10 19.92
C GLY A 26 20.96 14.73 20.53
N VAL A 27 20.91 13.69 19.69
CA VAL A 27 20.73 12.33 20.19
C VAL A 27 22.00 11.83 20.91
N GLY A 28 21.83 11.25 22.10
CA GLY A 28 22.94 10.71 22.87
C GLY A 28 22.77 9.24 23.23
N LYS A 29 21.57 8.71 23.01
CA LYS A 29 21.26 7.30 23.27
C LYS A 29 20.55 6.69 22.08
N VAL A 30 20.90 5.45 21.76
CA VAL A 30 20.12 4.63 20.83
C VAL A 30 19.65 3.40 21.60
N PHE A 31 18.34 3.24 21.73
CA PHE A 31 17.78 2.08 22.43
C PHE A 31 17.53 0.96 21.42
N GLY A 32 17.83 -0.28 21.81
CA GLY A 32 17.40 -1.41 21.00
C GLY A 32 18.02 -2.78 21.24
N VAL A 33 17.91 -3.62 20.21
CA VAL A 33 18.50 -4.97 20.16
C VAL A 33 19.23 -5.08 18.82
N VAL A 34 20.52 -5.41 18.85
CA VAL A 34 21.31 -5.54 17.61
C VAL A 34 21.30 -6.99 17.12
N GLY A 35 21.13 -7.14 15.81
CA GLY A 35 21.19 -8.45 15.15
C GLY A 35 22.47 -8.58 14.36
N ARG A 36 22.41 -9.31 13.23
CA ARG A 36 23.61 -9.63 12.45
C ARG A 36 24.23 -8.43 11.75
N GLU A 37 23.49 -7.32 11.73
CA GLU A 37 24.03 -6.05 11.21
C GLU A 37 25.16 -5.52 12.08
N ALA A 38 25.40 -6.18 13.22
CA ALA A 38 26.57 -5.93 14.07
C ALA A 38 27.89 -6.02 13.28
N ALA A 39 27.87 -6.78 12.18
CA ALA A 39 29.00 -6.87 11.25
C ALA A 39 29.30 -5.55 10.52
N SER A 40 28.27 -4.71 10.38
CA SER A 40 28.37 -3.39 9.74
C SER A 40 28.40 -2.21 10.72
N ILE A 41 27.83 -2.37 11.91
CA ILE A 41 27.79 -1.27 12.90
C ILE A 41 28.09 -1.78 14.31
N LEU A 42 29.14 -1.24 14.93
CA LEU A 42 29.51 -1.61 16.31
C LEU A 42 28.78 -0.79 17.39
N PHE A 43 28.57 0.49 17.10
CA PHE A 43 27.98 1.49 18.02
C PHE A 43 28.99 2.21 18.91
N ASP A 44 30.27 2.10 18.56
CA ASP A 44 31.34 2.89 19.17
C ASP A 44 31.99 3.87 18.19
N GLU A 45 31.38 4.04 17.02
CA GLU A 45 31.96 4.84 15.94
C GLU A 45 32.05 6.33 16.30
N VAL A 46 31.12 6.79 17.12
CA VAL A 46 30.95 8.22 17.37
C VAL A 46 30.89 8.51 18.87
N GLU A 47 31.75 9.43 19.32
CA GLU A 47 31.75 9.86 20.73
C GLU A 47 30.49 10.64 21.11
N GLY A 48 29.87 10.25 22.22
CA GLY A 48 28.73 11.00 22.74
C GLY A 48 27.41 10.30 22.52
N ILE A 49 27.43 9.21 21.76
CA ILE A 49 26.23 8.43 21.51
C ILE A 49 26.45 6.97 21.96
N ASP A 50 25.62 6.51 22.89
CA ASP A 50 25.78 5.20 23.53
C ASP A 50 24.58 4.29 23.23
N PHE A 51 24.86 3.01 23.01
CA PHE A 51 23.79 2.05 22.77
C PHE A 51 23.21 1.55 24.09
N VAL A 52 21.87 1.51 24.15
CA VAL A 52 21.16 0.93 25.29
C VAL A 52 20.42 -0.36 24.92
N LEU A 53 20.97 -1.48 25.37
CA LEU A 53 20.47 -2.79 25.03
C LEU A 53 19.29 -3.20 25.90
N THR A 54 18.19 -3.60 25.24
CA THR A 54 16.99 -4.06 25.95
C THR A 54 16.79 -5.55 25.72
N ARG A 55 15.85 -6.16 26.41
CA ARG A 55 15.54 -7.60 26.22
C ARG A 55 14.55 -7.87 25.06
N HIS A 56 13.82 -6.84 24.66
CA HIS A 56 12.81 -6.92 23.60
C HIS A 56 12.75 -5.57 22.92
N GLU A 57 12.48 -5.55 21.61
CA GLU A 57 12.49 -4.29 20.85
C GLU A 57 11.38 -3.34 21.28
N PHE A 58 10.27 -3.87 21.80
CA PHE A 58 9.13 -3.04 22.24
C PHE A 58 9.59 -2.04 23.31
N THR A 59 10.31 -2.55 24.31
CA THR A 59 10.93 -1.74 25.37
C THR A 59 11.80 -0.60 24.83
N ALA A 60 12.63 -0.90 23.82
CA ALA A 60 13.48 0.08 23.16
C ALA A 60 12.68 1.24 22.53
N GLY A 61 11.59 0.89 21.83
CA GLY A 61 10.72 1.88 21.18
C GLY A 61 9.97 2.79 22.15
N VAL A 62 9.45 2.21 23.22
CA VAL A 62 8.71 2.98 24.23
C VAL A 62 9.64 3.89 25.05
N ALA A 63 10.82 3.38 25.42
CA ALA A 63 11.75 4.17 26.19
C ALA A 63 12.16 5.40 25.39
N ALA A 64 12.34 5.23 24.08
CA ALA A 64 12.69 6.37 23.23
C ALA A 64 11.52 7.36 23.14
N ASP A 65 10.31 6.84 22.95
CA ASP A 65 9.08 7.66 22.90
C ASP A 65 8.90 8.51 24.15
N VAL A 66 9.07 7.90 25.33
CA VAL A 66 8.91 8.61 26.61
C VAL A 66 10.02 9.64 26.84
N LEU A 67 11.26 9.26 26.54
CA LEU A 67 12.39 10.19 26.57
C LEU A 67 12.15 11.38 25.63
N ALA A 68 11.65 11.11 24.43
CA ALA A 68 11.30 12.17 23.47
C ALA A 68 10.20 13.11 23.99
N ARG A 69 9.18 12.54 24.62
CA ARG A 69 8.06 13.29 25.16
C ARG A 69 8.51 14.28 26.25
N ILE A 70 9.35 13.80 27.18
CA ILE A 70 9.80 14.62 28.32
C ILE A 70 10.84 15.68 27.93
N THR A 71 11.82 15.31 27.12
CA THR A 71 12.88 16.24 26.67
C THR A 71 12.41 17.22 25.60
N GLY A 72 11.36 16.86 24.86
CA GLY A 72 10.91 17.64 23.70
C GLY A 72 11.85 17.54 22.50
N ARG A 73 12.70 16.52 22.49
CA ARG A 73 13.73 16.34 21.45
C ARG A 73 13.60 14.96 20.78
N PRO A 74 13.94 14.87 19.48
CA PRO A 74 13.94 13.57 18.77
C PRO A 74 14.86 12.55 19.43
N GLN A 75 14.33 11.32 19.60
CA GLN A 75 15.11 10.19 20.12
C GLN A 75 15.17 9.05 19.08
N ALA A 76 15.93 8.00 19.37
CA ALA A 76 16.22 6.95 18.39
C ALA A 76 16.15 5.55 18.97
N CYS A 77 15.60 4.61 18.19
CA CYS A 77 15.62 3.20 18.54
C CYS A 77 16.05 2.34 17.35
N TRP A 78 16.41 1.08 17.64
CA TRP A 78 17.12 0.22 16.71
C TRP A 78 16.61 -1.22 16.74
N ALA A 79 16.37 -1.80 15.57
CA ALA A 79 16.09 -3.24 15.49
C ALA A 79 16.78 -3.90 14.29
N THR A 80 16.82 -5.23 14.32
CA THR A 80 17.35 -6.01 13.20
C THR A 80 16.27 -6.21 12.14
N LEU A 81 16.63 -6.91 11.07
CA LEU A 81 15.69 -7.15 9.98
C LEU A 81 14.56 -8.09 10.37
N GLY A 82 13.52 -8.12 9.54
CA GLY A 82 12.44 -9.10 9.70
C GLY A 82 11.74 -8.99 11.03
N PRO A 83 11.86 -10.02 11.89
CA PRO A 83 11.17 -10.02 13.20
C PRO A 83 11.69 -8.99 14.23
N GLY A 84 12.89 -8.45 14.04
CA GLY A 84 13.34 -7.29 14.82
C GLY A 84 12.41 -6.10 14.54
N MET A 85 12.25 -5.80 13.27
CA MET A 85 11.42 -4.73 12.77
C MET A 85 9.95 -4.88 13.22
N THR A 86 9.36 -6.07 13.12
CA THR A 86 7.96 -6.28 13.54
C THR A 86 7.78 -6.15 15.05
N ASN A 87 8.74 -6.65 15.83
CA ASN A 87 8.80 -6.39 17.27
C ASN A 87 8.88 -4.88 17.62
N LEU A 88 9.71 -4.14 16.89
CA LEU A 88 9.83 -2.70 17.07
C LEU A 88 8.52 -1.98 16.71
N SER A 89 7.74 -2.56 15.81
CA SER A 89 6.58 -1.89 15.24
C SER A 89 5.49 -1.56 16.27
N THR A 90 5.43 -2.32 17.37
CA THR A 90 4.48 -1.99 18.44
C THR A 90 4.91 -0.70 19.14
N GLY A 91 6.24 -0.51 19.22
CA GLY A 91 6.82 0.74 19.70
C GLY A 91 6.60 1.91 18.76
N ILE A 92 6.68 1.67 17.46
CA ILE A 92 6.33 2.66 16.42
C ILE A 92 4.85 3.10 16.49
N ALA A 93 3.97 2.12 16.70
CA ALA A 93 2.54 2.37 16.91
C ALA A 93 2.28 3.21 18.19
N THR A 94 3.03 2.94 19.25
CA THR A 94 2.96 3.73 20.48
C THR A 94 3.28 5.20 20.18
N SER A 95 4.36 5.38 19.43
CA SER A 95 4.82 6.69 19.06
C SER A 95 3.87 7.42 18.10
N VAL A 96 3.25 6.70 17.16
CA VAL A 96 2.28 7.37 16.23
C VAL A 96 0.96 7.78 16.91
N LEU A 97 0.46 6.97 17.84
CA LEU A 97 -0.81 7.26 18.53
C LEU A 97 -0.66 8.18 19.75
N ASP A 98 0.47 8.04 20.47
CA ASP A 98 0.78 8.88 21.64
C ASP A 98 1.48 10.19 21.24
N ARG A 99 1.89 10.30 19.97
CA ARG A 99 2.53 11.52 19.41
C ARG A 99 3.89 11.85 20.04
N SER A 100 4.94 11.13 19.62
CA SER A 100 6.28 11.55 19.99
C SER A 100 7.27 11.36 18.83
N PRO A 101 8.26 12.26 18.71
CA PRO A 101 9.20 12.29 17.58
C PRO A 101 10.36 11.28 17.69
N VAL A 102 10.10 10.05 17.26
CA VAL A 102 11.06 8.99 17.39
C VAL A 102 11.62 8.68 16.00
N ILE A 103 12.94 8.52 15.89
CA ILE A 103 13.54 7.99 14.68
C ILE A 103 13.76 6.49 14.89
N ALA A 104 13.01 5.67 14.15
CA ALA A 104 13.08 4.22 14.27
C ALA A 104 13.96 3.67 13.15
N LEU A 105 14.93 2.84 13.53
CA LEU A 105 15.92 2.33 12.56
C LEU A 105 15.95 0.81 12.58
N ALA A 106 15.86 0.19 11.41
CA ALA A 106 15.96 -1.25 11.30
C ALA A 106 16.86 -1.72 10.17
N ALA A 107 17.69 -2.72 10.45
CA ALA A 107 18.47 -3.38 9.41
C ALA A 107 17.57 -4.06 8.34
N GLN A 108 18.15 -4.34 7.17
CA GLN A 108 17.46 -5.05 6.09
C GLN A 108 18.46 -6.00 5.43
N SER A 109 17.94 -7.02 4.74
CA SER A 109 18.75 -7.86 3.87
C SER A 109 19.65 -7.02 2.99
N GLU A 110 20.79 -7.60 2.59
CA GLU A 110 21.71 -7.03 1.62
C GLU A 110 20.96 -6.57 0.38
N SER A 111 21.30 -5.37 -0.13
CA SER A 111 20.45 -4.67 -1.09
C SER A 111 20.13 -5.48 -2.36
N HIS A 112 21.09 -6.26 -2.84
CA HIS A 112 20.90 -7.08 -4.04
C HIS A 112 20.14 -8.39 -3.76
N ASP A 113 19.86 -8.66 -2.48
CA ASP A 113 19.21 -9.91 -2.04
C ASP A 113 17.81 -9.68 -1.41
N ILE A 114 17.21 -8.52 -1.69
CA ILE A 114 15.91 -8.16 -1.11
C ILE A 114 14.78 -8.76 -1.95
N PHE A 115 14.24 -9.86 -1.45
CA PHE A 115 13.08 -10.52 -2.03
C PHE A 115 12.11 -10.79 -0.88
N PRO A 116 11.23 -9.82 -0.59
CA PRO A 116 10.39 -9.92 0.61
C PRO A 116 9.58 -11.22 0.64
N ASN A 117 9.57 -11.90 1.78
CA ASN A 117 8.87 -13.18 1.92
C ASN A 117 9.52 -14.35 1.15
N ASP A 118 10.69 -14.12 0.56
CA ASP A 118 11.44 -15.18 -0.12
C ASP A 118 12.85 -15.34 0.42
N THR A 119 13.56 -14.25 0.62
CA THR A 119 14.85 -14.29 1.30
C THR A 119 14.66 -14.53 2.81
N HIS A 120 15.60 -15.25 3.40
CA HIS A 120 15.65 -15.49 4.84
C HIS A 120 15.59 -14.19 5.63
N GLN A 121 14.60 -14.10 6.53
CA GLN A 121 14.32 -12.92 7.35
C GLN A 121 13.97 -11.63 6.59
N CYS A 122 13.64 -11.76 5.31
CA CYS A 122 13.32 -10.57 4.51
C CYS A 122 11.82 -10.25 4.46
N LEU A 123 11.47 -9.09 5.00
CA LEU A 123 10.11 -8.55 4.98
C LEU A 123 10.12 -7.17 4.30
N ASP A 124 8.99 -6.80 3.72
CA ASP A 124 8.83 -5.49 3.09
C ASP A 124 8.57 -4.43 4.18
N SER A 125 9.65 -3.98 4.82
CA SER A 125 9.61 -3.16 6.02
C SER A 125 8.94 -1.82 5.83
N VAL A 126 9.34 -1.12 4.77
CA VAL A 126 8.75 0.16 4.42
C VAL A 126 7.22 0.06 4.20
N ALA A 127 6.76 -0.98 3.50
CA ALA A 127 5.34 -1.16 3.26
C ALA A 127 4.57 -1.51 4.55
N ILE A 128 5.23 -2.25 5.45
CA ILE A 128 4.62 -2.62 6.72
C ILE A 128 4.49 -1.43 7.67
N VAL A 129 5.51 -0.55 7.67
CA VAL A 129 5.59 0.57 8.61
C VAL A 129 4.92 1.86 8.12
N ALA A 130 4.93 2.10 6.79
CA ALA A 130 4.36 3.32 6.19
C ALA A 130 3.00 3.79 6.75
N PRO A 131 2.02 2.87 6.95
CA PRO A 131 0.70 3.28 7.47
C PRO A 131 0.71 3.76 8.93
N MET A 132 1.72 3.38 9.71
CA MET A 132 1.86 3.81 11.13
C MET A 132 3.03 4.78 11.38
N SER A 133 3.40 5.58 10.38
CA SER A 133 4.55 6.47 10.57
C SER A 133 4.38 7.78 9.83
N LYS A 134 5.17 8.79 10.19
CA LYS A 134 5.16 10.06 9.46
C LYS A 134 6.00 9.99 8.18
N TYR A 135 6.92 9.04 8.11
CA TYR A 135 7.95 8.99 7.06
C TYR A 135 8.59 7.60 7.09
N ALA A 136 8.80 7.02 5.91
CA ALA A 136 9.36 5.68 5.80
C ALA A 136 10.08 5.52 4.49
N VAL A 137 11.34 5.11 4.57
CA VAL A 137 12.23 5.07 3.43
C VAL A 137 13.27 3.93 3.64
N GLU A 138 13.82 3.43 2.54
CA GLU A 138 14.92 2.47 2.56
C GLU A 138 16.16 3.16 1.98
N LEU A 139 17.30 3.03 2.67
CA LEU A 139 18.58 3.52 2.16
C LEU A 139 18.99 2.81 0.84
N GLN A 140 19.44 3.59 -0.14
CA GLN A 140 19.85 3.05 -1.43
C GLN A 140 21.27 3.43 -1.83
N ARG A 141 21.67 4.65 -1.51
CA ARG A 141 23.01 5.18 -1.81
C ARG A 141 23.63 5.67 -0.50
N PRO A 142 24.68 4.99 0.00
CA PRO A 142 25.23 5.17 1.37
C PRO A 142 25.39 6.62 1.87
N HIS A 143 25.88 7.52 1.01
CA HIS A 143 26.15 8.90 1.44
C HIS A 143 24.86 9.69 1.69
N GLU A 144 23.73 9.15 1.25
CA GLU A 144 22.44 9.86 1.37
C GLU A 144 21.81 9.73 2.76
N ILE A 145 22.41 8.90 3.61
CA ILE A 145 21.90 8.67 4.95
C ILE A 145 21.77 9.97 5.75
N THR A 146 22.73 10.89 5.56
CA THR A 146 22.68 12.22 6.15
C THR A 146 21.35 12.94 5.86
N ASP A 147 20.94 12.98 4.58
CA ASP A 147 19.70 13.66 4.20
C ASP A 147 18.41 12.87 4.56
N LEU A 148 18.53 11.54 4.69
CA LEU A 148 17.39 10.72 5.10
C LEU A 148 17.08 10.96 6.57
N VAL A 149 18.13 11.03 7.40
CA VAL A 149 17.97 11.42 8.81
C VAL A 149 17.32 12.79 8.97
N ASP A 150 17.78 13.77 8.20
CA ASP A 150 17.20 15.12 8.22
C ASP A 150 15.72 15.11 7.85
N SER A 151 15.36 14.41 6.78
CA SER A 151 13.96 14.27 6.35
C SER A 151 13.08 13.52 7.37
N ALA A 152 13.68 12.51 8.01
CA ALA A 152 13.01 11.78 9.08
C ALA A 152 12.71 12.71 10.26
N VAL A 153 13.65 13.58 10.60
CA VAL A 153 13.47 14.52 11.71
C VAL A 153 12.42 15.57 11.34
N ASN A 154 12.48 16.05 10.10
CA ASN A 154 11.52 17.03 9.60
C ASN A 154 10.08 16.54 9.76
N ALA A 155 9.80 15.32 9.29
CA ALA A 155 8.46 14.75 9.34
C ALA A 155 8.01 14.40 10.75
N ALA A 156 8.93 13.92 11.59
CA ALA A 156 8.60 13.51 12.95
C ALA A 156 8.22 14.71 13.83
N MET A 157 8.87 15.85 13.59
CA MET A 157 8.67 17.09 14.35
C MET A 157 7.62 18.03 13.74
N THR A 158 6.73 17.49 12.91
CA THR A 158 5.61 18.25 12.37
C THR A 158 4.33 17.66 12.94
N GLU A 159 3.40 18.52 13.40
CA GLU A 159 2.16 18.09 14.04
C GLU A 159 1.21 17.43 13.03
N PRO A 160 0.58 16.31 13.42
CA PRO A 160 0.74 15.58 14.69
C PRO A 160 2.08 14.84 14.77
N VAL A 161 2.89 15.12 15.81
CA VAL A 161 4.23 14.53 15.87
C VAL A 161 4.14 13.01 15.94
N GLY A 162 5.16 12.35 15.40
CA GLY A 162 5.17 10.90 15.38
C GLY A 162 6.50 10.33 14.87
N PRO A 163 6.56 8.99 14.69
CA PRO A 163 7.79 8.31 14.30
C PRO A 163 8.12 8.38 12.81
N SER A 164 9.41 8.28 12.50
CA SER A 164 9.90 8.19 11.14
C SER A 164 10.76 6.95 11.09
N PHE A 165 10.75 6.27 9.95
CA PHE A 165 11.40 4.97 9.84
C PHE A 165 12.42 4.92 8.69
N ILE A 166 13.63 4.43 8.99
CA ILE A 166 14.64 4.18 7.94
C ILE A 166 15.08 2.71 7.93
N SER A 167 14.93 2.08 6.77
CA SER A 167 15.35 0.69 6.56
C SER A 167 16.76 0.66 5.95
N LEU A 168 17.65 -0.13 6.56
CA LEU A 168 19.10 -0.06 6.31
C LEU A 168 19.69 -1.39 5.83
N PRO A 169 19.76 -1.61 4.50
CA PRO A 169 20.37 -2.87 4.01
C PRO A 169 21.79 -3.03 4.53
N VAL A 170 22.14 -4.20 5.06
CA VAL A 170 23.40 -4.37 5.80
C VAL A 170 24.66 -4.05 4.98
N ASP A 171 24.62 -4.27 3.66
CA ASP A 171 25.76 -3.99 2.79
C ASP A 171 25.97 -2.48 2.64
N LEU A 172 24.89 -1.71 2.53
CA LEU A 172 25.00 -0.26 2.39
C LEU A 172 25.37 0.39 3.71
N LEU A 173 24.83 -0.13 4.81
CA LEU A 173 25.19 0.34 6.14
C LEU A 173 26.71 0.23 6.39
N GLY A 174 27.31 -0.84 5.90
CA GLY A 174 28.76 -1.06 6.04
C GLY A 174 29.63 -0.47 4.94
N SER A 175 29.05 0.30 4.04
CA SER A 175 29.80 0.82 2.90
C SER A 175 30.24 2.28 3.08
N SER A 176 31.42 2.60 2.55
CA SER A 176 31.96 3.97 2.57
C SER A 176 31.84 4.66 1.23
N GLU A 177 31.13 4.04 0.29
CA GLU A 177 30.93 4.61 -1.05
C GLU A 177 30.29 6.00 -1.01
N GLY A 178 31.04 7.01 -1.45
CA GLY A 178 30.54 8.38 -1.55
C GLY A 178 30.65 9.19 -0.26
N ILE A 179 31.13 8.54 0.79
CA ILE A 179 31.24 9.19 2.10
C ILE A 179 32.58 9.90 2.31
N ASP A 180 32.51 11.19 2.65
CA ASP A 180 33.69 11.99 2.97
C ASP A 180 33.47 12.82 4.24
N THR A 181 34.17 12.45 5.32
CA THR A 181 34.03 13.12 6.62
C THR A 181 35.02 14.27 6.87
N THR A 182 35.82 14.61 5.85
CA THR A 182 36.70 15.79 5.91
C THR A 182 35.89 17.06 5.66
N VAL A 183 34.80 16.91 4.91
CA VAL A 183 33.80 17.97 4.75
C VAL A 183 32.82 17.88 5.93
N PRO A 184 32.65 18.98 6.69
CA PRO A 184 31.67 18.96 7.76
C PRO A 184 30.23 18.91 7.24
N ASN A 185 29.34 18.34 8.05
CA ASN A 185 27.92 18.32 7.75
C ASN A 185 27.36 19.73 7.71
N PRO A 186 26.33 19.96 6.86
CA PRO A 186 25.53 21.17 6.97
C PRO A 186 24.85 21.28 8.35
N PRO A 187 24.42 22.48 8.76
CA PRO A 187 23.70 22.63 10.05
C PRO A 187 22.47 21.73 10.15
N ALA A 188 22.29 21.12 11.31
CA ALA A 188 21.14 20.23 11.56
C ALA A 188 19.83 21.00 11.62
N ASN A 189 19.82 22.12 12.33
CA ASN A 189 18.62 22.95 12.49
C ASN A 189 17.39 22.18 13.04
N THR A 190 17.58 21.46 14.15
CA THR A 190 16.49 20.72 14.79
C THR A 190 15.44 21.68 15.38
N PRO A 191 14.15 21.47 15.03
CA PRO A 191 13.13 22.36 15.62
C PRO A 191 13.11 22.24 17.13
N ALA A 192 13.13 23.39 17.81
CA ALA A 192 13.03 23.48 19.26
C ALA A 192 11.66 23.00 19.76
N LYS A 193 10.64 23.20 18.94
CA LYS A 193 9.32 22.68 19.25
C LYS A 193 8.61 22.28 17.95
N PRO A 194 7.56 21.41 18.02
CA PRO A 194 6.96 20.94 16.78
C PRO A 194 6.49 22.05 15.84
N VAL A 195 6.74 21.87 14.56
CA VAL A 195 6.21 22.73 13.50
C VAL A 195 4.70 22.47 13.42
N GLY A 196 3.91 23.51 13.24
CA GLY A 196 2.46 23.32 13.26
C GLY A 196 1.69 23.89 12.09
N VAL A 197 0.47 23.41 11.94
CA VAL A 197 -0.44 23.85 10.89
C VAL A 197 -1.15 25.12 11.35
N VAL A 198 -1.27 26.10 10.46
CA VAL A 198 -1.90 27.39 10.79
C VAL A 198 -2.83 27.81 9.67
N ALA A 199 -4.11 28.01 10.01
CA ALA A 199 -5.10 28.48 9.05
C ALA A 199 -5.15 30.01 8.98
N ASP A 200 -5.25 30.54 7.76
CA ASP A 200 -5.55 31.96 7.51
C ASP A 200 -6.83 32.38 8.26
N GLY A 201 -6.79 33.54 8.92
CA GLY A 201 -7.94 34.04 9.68
C GLY A 201 -8.18 33.38 11.04
N TRP A 202 -7.17 32.67 11.57
CA TRP A 202 -7.29 32.06 12.90
C TRP A 202 -7.47 33.12 14.00
N GLN A 203 -6.92 34.32 13.79
CA GLN A 203 -7.11 35.42 14.73
C GLN A 203 -8.57 35.86 14.86
N LYS A 204 -9.27 35.90 13.71
CA LYS A 204 -10.71 36.16 13.68
C LYS A 204 -11.49 35.09 14.45
N ALA A 205 -11.15 33.83 14.21
CA ALA A 205 -11.76 32.70 14.91
C ALA A 205 -11.50 32.81 16.42
N ALA A 206 -10.26 33.12 16.81
CA ALA A 206 -9.92 33.37 18.20
C ALA A 206 -10.75 34.51 18.82
N ASP A 207 -11.04 35.56 18.05
CA ASP A 207 -11.91 36.66 18.49
C ASP A 207 -13.38 36.19 18.61
N GLN A 208 -13.80 35.26 17.76
CA GLN A 208 -15.13 34.66 17.89
C GLN A 208 -15.26 33.86 19.19
N ALA A 209 -14.18 33.16 19.56
CA ALA A 209 -14.08 32.39 20.79
C ALA A 209 -14.12 33.29 22.03
N ALA A 210 -13.47 34.44 21.95
CA ALA A 210 -13.46 35.42 23.04
C ALA A 210 -14.88 35.96 23.28
N ALA A 211 -15.62 36.18 22.20
CA ALA A 211 -17.01 36.61 22.26
C ALA A 211 -17.94 35.57 22.90
N LEU A 212 -17.67 34.29 22.66
CA LEU A 212 -18.40 33.22 23.36
C LEU A 212 -18.04 33.18 24.84
N LEU A 213 -16.75 33.36 25.16
CA LEU A 213 -16.30 33.42 26.54
C LEU A 213 -16.94 34.57 27.32
N ALA A 214 -17.11 35.73 26.69
CA ALA A 214 -17.81 36.87 27.32
C ALA A 214 -19.25 36.52 27.73
N GLU A 215 -19.95 35.76 26.90
CA GLU A 215 -21.35 35.41 27.16
C GLU A 215 -21.55 34.19 28.09
N ALA A 216 -20.51 33.39 28.26
CA ALA A 216 -20.60 32.15 29.03
C ALA A 216 -20.67 32.41 30.53
N LYS A 217 -21.59 31.73 31.21
CA LYS A 217 -21.69 31.79 32.64
C LYS A 217 -20.68 30.83 33.29
N HIS A 218 -20.60 29.59 32.79
CA HIS A 218 -19.70 28.57 33.35
C HIS A 218 -18.80 27.88 32.30
N PRO A 219 -17.73 28.57 31.86
CA PRO A 219 -16.82 27.99 30.85
C PRO A 219 -15.82 27.03 31.49
N VAL A 220 -15.26 26.11 30.69
CA VAL A 220 -14.15 25.26 31.17
C VAL A 220 -13.03 25.13 30.13
N LEU A 221 -11.79 24.96 30.61
CA LEU A 221 -10.66 24.64 29.74
C LEU A 221 -10.39 23.14 29.82
N VAL A 222 -10.44 22.48 28.68
CA VAL A 222 -10.06 21.06 28.58
C VAL A 222 -8.72 20.99 27.86
N VAL A 223 -7.68 20.56 28.59
CA VAL A 223 -6.31 20.64 28.12
C VAL A 223 -5.75 19.27 27.76
N GLY A 224 -5.19 19.18 26.56
CA GLY A 224 -4.50 17.97 26.10
C GLY A 224 -2.99 18.14 25.99
N ALA A 225 -2.33 17.02 25.68
CA ALA A 225 -0.86 16.94 25.56
C ALA A 225 -0.21 17.89 24.56
N ALA A 226 -0.91 18.21 23.46
CA ALA A 226 -0.39 19.16 22.49
C ALA A 226 -0.08 20.56 23.06
N ALA A 227 -0.83 20.99 24.06
CA ALA A 227 -0.59 22.27 24.76
C ALA A 227 0.74 22.28 25.50
N ILE A 228 1.09 21.14 26.09
CA ILE A 228 2.36 20.97 26.78
C ILE A 228 3.52 21.00 25.77
N ARG A 229 3.37 20.25 24.66
CA ARG A 229 4.37 20.24 23.58
C ARG A 229 4.65 21.64 23.05
N SER A 230 3.60 22.45 22.99
CA SER A 230 3.70 23.82 22.51
C SER A 230 4.43 24.77 23.47
N GLY A 231 4.67 24.32 24.70
CA GLY A 231 5.22 25.18 25.74
C GLY A 231 4.22 26.19 26.30
N ALA A 232 2.93 25.83 26.26
CA ALA A 232 1.83 26.75 26.65
C ALA A 232 1.33 26.61 28.11
N VAL A 233 1.99 25.82 28.94
CA VAL A 233 1.48 25.55 30.28
C VAL A 233 1.42 26.81 31.21
N PRO A 234 2.54 27.59 31.32
CA PRO A 234 2.50 28.80 32.13
C PRO A 234 1.49 29.82 31.61
N ALA A 235 1.36 29.92 30.29
CA ALA A 235 0.44 30.86 29.67
C ALA A 235 -1.02 30.53 29.96
N ILE A 236 -1.37 29.25 29.83
CA ILE A 236 -2.69 28.73 30.14
C ILE A 236 -3.05 28.91 31.64
N ARG A 237 -2.11 28.56 32.53
CA ARG A 237 -2.30 28.74 33.97
C ARG A 237 -2.60 30.21 34.35
N ALA A 238 -1.81 31.12 33.79
CA ALA A 238 -1.97 32.56 34.03
C ALA A 238 -3.31 33.06 33.53
N LEU A 239 -3.73 32.56 32.37
CA LEU A 239 -5.02 32.91 31.80
C LEU A 239 -6.18 32.41 32.68
N ALA A 240 -6.10 31.15 33.11
CA ALA A 240 -7.14 30.52 33.90
C ALA A 240 -7.26 31.18 35.28
N GLU A 241 -6.12 31.55 35.87
CA GLU A 241 -6.10 32.23 37.17
C GLU A 241 -6.71 33.64 37.13
N ARG A 242 -6.36 34.42 36.12
CA ARG A 242 -6.98 35.75 35.92
C ARG A 242 -8.51 35.67 35.79
N LEU A 243 -8.98 34.75 34.94
CA LEU A 243 -10.41 34.68 34.58
C LEU A 243 -11.23 33.72 35.43
N ASN A 244 -10.58 33.03 36.37
CA ASN A 244 -11.25 32.05 37.25
C ASN A 244 -11.93 30.88 36.50
N ILE A 245 -11.24 30.35 35.48
CA ILE A 245 -11.76 29.25 34.64
C ILE A 245 -11.16 27.93 35.06
N PRO A 246 -12.03 26.95 35.41
CA PRO A 246 -11.58 25.60 35.76
C PRO A 246 -10.80 24.92 34.64
N VAL A 247 -9.82 24.10 35.03
CA VAL A 247 -9.02 23.31 34.09
C VAL A 247 -9.23 21.82 34.32
N ILE A 248 -9.66 21.14 33.25
CA ILE A 248 -9.89 19.71 33.22
C ILE A 248 -8.88 19.14 32.20
N THR A 249 -8.36 17.95 32.47
CA THR A 249 -7.28 17.38 31.63
C THR A 249 -7.57 15.98 31.09
N THR A 250 -6.84 15.62 30.04
CA THR A 250 -6.74 14.25 29.54
C THR A 250 -5.78 13.50 30.47
N TYR A 251 -5.59 12.20 30.26
CA TYR A 251 -4.68 11.38 31.10
C TYR A 251 -3.29 11.97 31.40
N ILE A 252 -2.55 12.42 30.39
CA ILE A 252 -1.15 12.84 30.66
C ILE A 252 -1.00 14.34 30.79
N ALA A 253 -2.08 15.06 30.54
CA ALA A 253 -2.10 16.47 30.80
C ALA A 253 -2.29 16.77 32.30
N LYS A 254 -2.53 15.72 33.10
CA LYS A 254 -2.52 15.86 34.56
C LYS A 254 -1.27 16.60 35.03
N GLY A 255 -1.44 17.59 35.90
CA GLY A 255 -0.29 18.31 36.45
C GLY A 255 0.08 19.62 35.77
N VAL A 256 -0.74 20.07 34.80
CA VAL A 256 -0.60 21.42 34.25
C VAL A 256 -0.90 22.48 35.32
N LEU A 257 -1.72 22.11 36.30
CA LEU A 257 -1.85 22.87 37.54
C LEU A 257 -1.33 21.99 38.68
N PRO A 258 -0.67 22.59 39.69
CA PRO A 258 -0.11 21.84 40.83
C PRO A 258 -1.20 21.14 41.64
N VAL A 259 -0.81 20.11 42.40
CA VAL A 259 -1.73 19.40 43.29
C VAL A 259 -2.34 20.38 44.31
N GLY A 260 -3.66 20.31 44.48
CA GLY A 260 -4.32 21.19 45.44
C GLY A 260 -4.74 22.57 44.94
N HIS A 261 -4.39 22.91 43.69
CA HIS A 261 -4.81 24.16 43.06
C HIS A 261 -6.35 24.14 42.95
N GLU A 262 -7.00 25.27 43.20
CA GLU A 262 -8.48 25.33 43.24
C GLU A 262 -9.16 25.21 41.88
N LEU A 263 -8.41 25.55 40.82
CA LEU A 263 -8.90 25.43 39.44
C LEU A 263 -8.58 24.05 38.83
N ASN A 264 -7.93 23.20 39.62
CA ASN A 264 -7.64 21.82 39.23
C ASN A 264 -8.88 20.95 39.39
N TYR A 265 -9.66 20.84 38.31
CA TYR A 265 -10.90 20.08 38.36
C TYR A 265 -10.72 18.61 38.02
N GLY A 266 -9.48 18.18 37.81
CA GLY A 266 -9.16 16.77 37.60
C GLY A 266 -9.10 16.31 36.15
N ALA A 267 -8.84 15.02 35.96
CA ALA A 267 -8.77 14.38 34.64
C ALA A 267 -10.06 13.62 34.33
N VAL A 268 -10.33 13.42 33.04
CA VAL A 268 -11.48 12.62 32.60
C VAL A 268 -11.05 11.24 32.14
N THR A 269 -11.78 10.22 32.59
CA THR A 269 -11.74 8.86 32.01
C THR A 269 -13.17 8.36 31.82
N GLY A 270 -13.43 7.65 30.72
CA GLY A 270 -14.77 7.12 30.45
C GLY A 270 -15.26 6.08 31.46
N TYR A 271 -14.31 5.57 32.24
CA TYR A 271 -14.57 4.60 33.31
C TYR A 271 -14.91 5.25 34.66
N MET A 272 -14.86 6.58 34.76
CA MET A 272 -14.97 7.27 36.05
C MET A 272 -16.28 7.06 36.83
N ASP A 273 -17.42 7.13 36.16
CA ASP A 273 -18.73 6.87 36.82
C ASP A 273 -18.86 5.44 37.35
N GLY A 274 -18.34 4.49 36.58
CA GLY A 274 -18.37 3.08 36.97
C GLY A 274 -17.43 2.78 38.12
N ILE A 275 -16.25 3.39 38.11
CA ILE A 275 -15.30 3.18 39.21
C ILE A 275 -15.79 3.83 40.50
N LEU A 276 -16.26 5.08 40.39
CA LEU A 276 -16.64 5.86 41.56
C LEU A 276 -18.06 5.53 42.04
N ASN A 277 -18.82 4.80 41.22
CA ASN A 277 -20.22 4.50 41.53
C ASN A 277 -20.91 5.82 41.89
N PHE A 278 -20.87 6.76 40.93
CA PHE A 278 -21.20 8.16 41.16
C PHE A 278 -21.41 8.84 39.81
N PRO A 279 -22.38 9.78 39.71
CA PRO A 279 -22.53 10.55 38.46
C PRO A 279 -21.42 11.60 38.29
N ALA A 280 -20.19 11.11 38.09
CA ALA A 280 -19.01 11.96 38.00
C ALA A 280 -18.98 12.88 36.76
N LEU A 281 -19.34 12.35 35.60
CA LEU A 281 -19.32 13.16 34.38
C LEU A 281 -20.41 14.25 34.40
N GLN A 282 -21.61 13.89 34.87
CA GLN A 282 -22.71 14.83 35.12
C GLN A 282 -22.30 15.99 36.08
N THR A 283 -21.67 15.68 37.21
CA THR A 283 -21.17 16.72 38.14
C THR A 283 -20.20 17.67 37.44
N MET A 284 -19.23 17.09 36.74
CA MET A 284 -18.18 17.84 36.07
C MET A 284 -18.72 18.77 34.99
N PHE A 285 -19.65 18.28 34.17
CA PHE A 285 -20.04 18.97 32.94
C PHE A 285 -21.47 19.49 32.84
N ALA A 286 -22.40 19.00 33.66
CA ALA A 286 -23.83 19.38 33.51
C ALA A 286 -24.13 20.87 33.40
N PRO A 287 -23.59 21.71 34.32
CA PRO A 287 -23.90 23.14 34.24
C PRO A 287 -23.02 23.98 33.28
N VAL A 288 -22.09 23.33 32.59
CA VAL A 288 -21.12 24.01 31.72
C VAL A 288 -21.78 24.47 30.41
N ASP A 289 -21.57 25.72 30.04
CA ASP A 289 -22.17 26.23 28.80
C ASP A 289 -21.15 26.45 27.66
N LEU A 290 -19.87 26.36 27.98
CA LEU A 290 -18.82 26.54 26.98
C LEU A 290 -17.62 25.67 27.30
N VAL A 291 -17.25 24.82 26.34
CA VAL A 291 -16.08 23.94 26.47
C VAL A 291 -15.02 24.36 25.45
N LEU A 292 -13.87 24.84 25.93
CA LEU A 292 -12.75 25.15 25.03
C LEU A 292 -11.72 24.03 25.11
N THR A 293 -11.61 23.24 24.03
CA THR A 293 -10.67 22.11 24.01
C THR A 293 -9.31 22.56 23.44
N VAL A 294 -8.35 22.71 24.34
CA VAL A 294 -7.07 23.35 24.08
C VAL A 294 -6.01 22.29 23.78
N GLY A 295 -5.58 22.24 22.52
CA GLY A 295 -4.70 21.17 22.05
C GLY A 295 -5.46 19.86 21.95
N TYR A 296 -6.66 19.89 21.36
CA TYR A 296 -7.51 18.71 21.33
C TYR A 296 -6.94 17.62 20.43
N ASP A 297 -7.05 16.37 20.88
CA ASP A 297 -6.62 15.23 20.09
C ASP A 297 -7.51 14.05 20.48
N TYR A 298 -8.33 13.61 19.52
CA TYR A 298 -9.27 12.50 19.71
C TYR A 298 -8.63 11.21 20.22
N ALA A 299 -7.37 10.99 19.84
CA ALA A 299 -6.65 9.77 20.22
C ALA A 299 -6.48 9.63 21.74
N GLU A 300 -6.46 10.76 22.46
CA GLU A 300 -6.35 10.75 23.92
C GLU A 300 -7.59 10.19 24.62
N ASP A 301 -8.65 9.93 23.85
CA ASP A 301 -9.84 9.25 24.36
C ASP A 301 -10.71 10.13 25.33
N LEU A 302 -10.59 11.45 25.23
CA LEU A 302 -11.59 12.32 25.84
C LEU A 302 -12.54 12.72 24.71
N ARG A 303 -13.67 12.01 24.66
CA ARG A 303 -14.58 12.09 23.51
C ARG A 303 -15.69 13.10 23.77
N PRO A 304 -16.21 13.77 22.69
CA PRO A 304 -17.32 14.71 22.84
C PRO A 304 -18.50 14.19 23.65
N SER A 305 -18.88 12.93 23.46
CA SER A 305 -19.94 12.29 24.23
C SER A 305 -19.74 12.42 25.74
N MET A 306 -18.48 12.44 26.16
CA MET A 306 -18.14 12.51 27.58
C MET A 306 -18.47 13.86 28.24
N TRP A 307 -18.35 14.96 27.50
CA TRP A 307 -18.71 16.28 28.04
C TRP A 307 -20.14 16.69 27.72
N GLN A 308 -20.85 15.91 26.90
CA GLN A 308 -22.23 16.25 26.55
C GLN A 308 -23.21 15.80 27.64
N LYS A 309 -23.19 16.53 28.75
CA LYS A 309 -24.03 16.27 29.92
C LYS A 309 -24.80 17.53 30.26
N GLY A 310 -26.05 17.38 30.66
CA GLY A 310 -26.86 18.52 31.13
C GLY A 310 -27.27 19.46 30.02
N ILE A 311 -26.98 20.75 30.20
CA ILE A 311 -27.37 21.77 29.20
C ILE A 311 -26.53 21.69 27.92
N GLU A 312 -27.08 22.23 26.84
CA GLU A 312 -26.39 22.34 25.55
C GLU A 312 -25.18 23.28 25.67
N LYS A 313 -24.08 22.89 25.03
CA LYS A 313 -22.81 23.61 25.11
C LYS A 313 -22.34 24.14 23.76
N LYS A 314 -21.66 25.29 23.78
CA LYS A 314 -20.80 25.68 22.66
C LYS A 314 -19.38 25.13 22.85
N THR A 315 -18.73 24.79 21.75
CA THR A 315 -17.38 24.26 21.79
C THR A 315 -16.41 25.09 20.94
N VAL A 316 -15.19 25.21 21.44
CA VAL A 316 -14.09 25.83 20.72
C VAL A 316 -12.96 24.79 20.67
N ARG A 317 -12.53 24.48 19.44
CA ARG A 317 -11.40 23.61 19.23
C ARG A 317 -10.17 24.46 18.88
N ILE A 318 -9.09 24.28 19.65
CA ILE A 318 -7.81 24.87 19.33
C ILE A 318 -6.78 23.75 19.13
N SER A 319 -6.19 23.72 17.94
CA SER A 319 -5.22 22.67 17.60
C SER A 319 -4.27 23.10 16.47
N PRO A 320 -3.00 22.65 16.53
CA PRO A 320 -2.09 22.87 15.42
C PRO A 320 -2.28 21.88 14.26
N THR A 321 -3.53 21.45 14.02
CA THR A 321 -3.88 20.50 12.96
C THR A 321 -5.30 20.76 12.48
N VAL A 322 -5.56 20.53 11.19
CA VAL A 322 -6.92 20.52 10.66
C VAL A 322 -7.70 19.35 11.29
N ASN A 323 -8.96 19.61 11.68
CA ASN A 323 -9.83 18.62 12.31
C ASN A 323 -9.92 17.34 11.46
N PRO A 324 -9.38 16.21 11.96
CA PRO A 324 -9.46 14.96 11.18
C PRO A 324 -10.75 14.16 11.39
N ILE A 325 -11.61 14.58 12.33
CA ILE A 325 -12.82 13.82 12.69
C ILE A 325 -14.15 14.65 12.69
N PRO A 326 -14.48 15.34 11.57
CA PRO A 326 -15.75 16.09 11.55
C PRO A 326 -17.04 15.24 11.68
N ARG A 327 -16.96 13.93 11.47
CA ARG A 327 -18.08 13.01 11.76
C ARG A 327 -18.40 13.03 13.25
N VAL A 328 -17.38 13.18 14.09
CA VAL A 328 -17.51 13.04 15.54
C VAL A 328 -17.54 14.37 16.28
N TYR A 329 -16.73 15.32 15.82
CA TYR A 329 -16.53 16.58 16.53
C TYR A 329 -16.62 17.72 15.54
N ARG A 330 -17.68 18.52 15.69
CA ARG A 330 -17.91 19.70 14.87
C ARG A 330 -17.99 20.93 15.75
N PRO A 331 -16.82 21.51 16.08
CA PRO A 331 -16.85 22.60 17.05
C PRO A 331 -17.61 23.83 16.49
N ASP A 332 -18.25 24.59 17.37
CA ASP A 332 -18.81 25.90 16.96
C ASP A 332 -17.73 26.83 16.41
N VAL A 333 -16.56 26.87 17.06
CA VAL A 333 -15.43 27.66 16.57
C VAL A 333 -14.21 26.76 16.46
N ASP A 334 -13.53 26.79 15.32
CA ASP A 334 -12.31 25.99 15.09
C ASP A 334 -11.10 26.92 14.88
N VAL A 335 -10.15 26.90 15.82
CA VAL A 335 -8.93 27.72 15.74
C VAL A 335 -7.72 26.82 15.42
N VAL A 336 -7.30 26.82 14.17
CA VAL A 336 -6.17 25.99 13.71
C VAL A 336 -4.89 26.83 13.78
N THR A 337 -4.08 26.58 14.81
CA THR A 337 -2.89 27.38 15.05
C THR A 337 -2.07 26.75 16.17
N ASP A 338 -0.87 27.28 16.39
CA ASP A 338 -0.04 26.89 17.52
C ASP A 338 -0.75 27.25 18.84
N VAL A 339 -0.73 26.34 19.82
CA VAL A 339 -1.44 26.58 21.07
C VAL A 339 -0.94 27.84 21.79
N LEU A 340 0.37 27.99 21.97
CA LEU A 340 0.92 29.17 22.61
C LEU A 340 0.53 30.45 21.89
N ALA A 341 0.52 30.41 20.56
CA ALA A 341 0.11 31.56 19.75
C ALA A 341 -1.34 31.95 20.04
N PHE A 342 -2.23 30.96 20.08
CA PHE A 342 -3.62 31.22 20.47
C PHE A 342 -3.73 31.85 21.86
N VAL A 343 -3.08 31.27 22.87
CA VAL A 343 -3.22 31.76 24.23
C VAL A 343 -2.76 33.23 24.33
N GLU A 344 -1.66 33.56 23.65
CA GLU A 344 -1.11 34.91 23.66
C GLU A 344 -2.00 35.93 22.99
N HIS A 345 -2.61 35.55 21.86
CA HIS A 345 -3.60 36.38 21.19
C HIS A 345 -4.86 36.51 22.05
N PHE A 346 -5.28 35.39 22.64
CA PHE A 346 -6.45 35.31 23.51
C PHE A 346 -6.27 36.15 24.78
N GLU A 347 -5.02 36.29 25.23
CA GLU A 347 -4.73 37.18 26.37
C GLU A 347 -5.07 38.64 26.06
N THR A 348 -4.71 39.10 24.87
CA THR A 348 -5.06 40.43 24.37
C THR A 348 -6.58 40.62 24.12
N ALA A 349 -7.25 39.61 23.58
CA ALA A 349 -8.68 39.72 23.26
C ALA A 349 -9.59 39.72 24.48
N THR A 350 -9.09 39.19 25.60
CA THR A 350 -9.87 39.03 26.83
C THR A 350 -9.29 39.88 27.98
N ALA A 351 -8.36 40.78 27.66
CA ALA A 351 -7.64 41.58 28.66
C ALA A 351 -8.54 42.34 29.64
N SER A 352 -9.68 42.81 29.15
CA SER A 352 -10.60 43.65 29.90
C SER A 352 -11.79 42.87 30.48
N PHE A 353 -11.82 41.55 30.32
CA PHE A 353 -12.92 40.73 30.81
C PHE A 353 -12.91 40.66 32.33
N GLY A 354 -14.11 40.58 32.92
CA GLY A 354 -14.22 40.33 34.36
C GLY A 354 -14.13 38.84 34.60
N ALA A 355 -13.57 38.45 35.76
CA ALA A 355 -13.45 37.05 36.15
C ALA A 355 -14.78 36.31 36.18
N LYS A 356 -14.75 35.02 35.85
CA LYS A 356 -15.95 34.19 35.80
C LYS A 356 -16.37 33.68 37.17
N GLN A 357 -17.63 33.26 37.26
CA GLN A 357 -18.09 32.51 38.40
C GLN A 357 -18.08 31.04 37.97
N ARG A 358 -17.15 30.28 38.55
CA ARG A 358 -16.99 28.88 38.21
C ARG A 358 -17.98 28.01 38.98
N HIS A 359 -18.31 26.87 38.37
CA HIS A 359 -19.31 25.95 38.89
C HIS A 359 -18.74 24.98 39.92
N ASP A 360 -19.65 24.35 40.66
CA ASP A 360 -19.35 23.45 41.74
C ASP A 360 -19.09 22.01 41.27
N ILE A 361 -17.97 21.44 41.72
CA ILE A 361 -17.72 19.99 41.59
C ILE A 361 -17.37 19.30 42.92
N GLU A 362 -17.71 19.95 44.04
CA GLU A 362 -17.33 19.44 45.37
C GLU A 362 -17.91 18.05 45.71
N PRO A 363 -19.11 17.70 45.23
CA PRO A 363 -19.56 16.32 45.49
C PRO A 363 -18.66 15.25 44.84
N LEU A 364 -18.05 15.58 43.70
CA LEU A 364 -17.11 14.68 43.04
C LEU A 364 -15.77 14.68 43.75
N ARG A 365 -15.28 15.86 44.12
CA ARG A 365 -14.05 15.99 44.89
C ARG A 365 -14.13 15.18 46.19
N ALA A 366 -15.29 15.26 46.86
CA ALA A 366 -15.54 14.55 48.12
C ALA A 366 -15.57 13.03 47.93
N ARG A 367 -16.17 12.58 46.83
CA ARG A 367 -16.20 11.17 46.48
C ARG A 367 -14.79 10.60 46.19
N ILE A 368 -13.99 11.34 45.44
CA ILE A 368 -12.60 10.94 45.21
C ILE A 368 -11.79 10.85 46.51
N ALA A 369 -11.95 11.85 47.39
CA ALA A 369 -11.23 11.92 48.66
C ALA A 369 -11.60 10.76 49.57
N GLU A 370 -12.88 10.36 49.51
CA GLU A 370 -13.43 9.25 50.26
C GLU A 370 -12.79 7.91 49.87
N PHE A 371 -12.63 7.68 48.56
CA PHE A 371 -11.90 6.50 48.06
C PHE A 371 -10.45 6.49 48.52
N LEU A 372 -9.76 7.62 48.40
CA LEU A 372 -8.35 7.72 48.80
C LEU A 372 -8.13 7.43 50.29
N ALA A 373 -9.08 7.81 51.14
CA ALA A 373 -8.95 7.64 52.58
C ALA A 373 -9.54 6.33 53.13
N ASP A 374 -10.14 5.52 52.25
CA ASP A 374 -10.75 4.22 52.62
C ASP A 374 -9.93 3.43 53.67
N PRO A 375 -10.46 3.33 54.91
CA PRO A 375 -9.76 2.67 56.02
C PRO A 375 -10.04 1.18 56.20
N GLU A 376 -10.96 0.62 55.40
CA GLU A 376 -11.32 -0.79 55.51
C GLU A 376 -10.16 -1.75 55.15
N THR A 377 -10.07 -2.84 55.91
CA THR A 377 -9.19 -3.96 55.60
C THR A 377 -10.06 -5.05 54.99
N TYR A 378 -9.68 -5.49 53.79
CA TYR A 378 -10.48 -6.46 53.05
C TYR A 378 -9.90 -7.87 53.19
N GLU A 379 -10.77 -8.88 53.07
CA GLU A 379 -10.35 -10.28 53.18
C GLU A 379 -9.50 -10.69 51.99
N ASP A 380 -9.93 -10.25 50.80
CA ASP A 380 -9.31 -10.64 49.53
C ASP A 380 -8.42 -9.55 48.91
N GLY A 381 -7.39 -9.14 49.64
CA GLY A 381 -6.40 -8.18 49.13
C GLY A 381 -6.72 -6.71 49.36
N MET A 382 -5.84 -5.84 48.87
CA MET A 382 -6.05 -4.41 48.95
C MET A 382 -6.96 -3.92 47.83
N ARG A 383 -7.46 -2.69 47.95
CA ARG A 383 -8.14 -2.05 46.84
C ARG A 383 -7.17 -1.06 46.18
N VAL A 384 -7.28 -0.91 44.86
CA VAL A 384 -6.32 -0.11 44.09
C VAL A 384 -6.26 1.38 44.51
N HIS A 385 -7.39 1.95 44.90
CA HIS A 385 -7.40 3.32 45.42
C HIS A 385 -6.57 3.48 46.70
N GLN A 386 -6.57 2.44 47.55
CA GLN A 386 -5.72 2.39 48.74
C GLN A 386 -4.21 2.30 48.38
N VAL A 387 -3.90 1.53 47.34
CA VAL A 387 -2.53 1.40 46.84
C VAL A 387 -2.03 2.74 46.29
N ILE A 388 -2.86 3.42 45.50
CA ILE A 388 -2.46 4.70 44.93
C ILE A 388 -2.30 5.80 46.00
N ASP A 389 -3.26 5.88 46.92
CA ASP A 389 -3.13 6.74 48.10
C ASP A 389 -1.76 6.57 48.79
N SER A 390 -1.34 5.32 49.03
CA SER A 390 -0.04 5.06 49.68
C SER A 390 1.14 5.56 48.84
N MET A 391 1.05 5.40 47.53
CA MET A 391 2.08 5.83 46.59
C MET A 391 2.19 7.35 46.58
N ASN A 392 1.03 8.02 46.56
CA ASN A 392 0.96 9.50 46.65
C ASN A 392 1.68 10.08 47.87
N THR A 393 1.43 9.47 49.03
CA THR A 393 2.04 9.88 50.30
C THR A 393 3.57 9.82 50.23
N VAL A 394 4.11 8.66 49.87
CA VAL A 394 5.55 8.46 49.79
C VAL A 394 6.19 9.30 48.66
N MET A 395 5.50 9.45 47.52
CA MET A 395 5.99 10.32 46.45
C MET A 395 6.10 11.79 46.90
N GLU A 396 5.08 12.27 47.60
CA GLU A 396 5.13 13.60 48.21
C GLU A 396 6.32 13.70 49.18
N GLU A 397 6.49 12.72 50.05
CA GLU A 397 7.66 12.68 50.95
C GLU A 397 8.97 12.73 50.15
N ALA A 398 9.11 11.84 49.17
CA ALA A 398 10.37 11.63 48.44
C ALA A 398 10.82 12.73 47.47
N ALA A 399 9.88 13.42 46.84
CA ALA A 399 10.19 14.39 45.77
C ALA A 399 10.30 15.84 46.23
N GLU A 400 11.12 16.65 45.56
CA GLU A 400 11.05 18.11 45.71
C GLU A 400 9.71 18.61 45.14
N PRO A 401 9.25 19.79 45.63
CA PRO A 401 8.05 20.43 45.04
C PRO A 401 8.11 20.55 43.50
N GLY A 402 7.03 20.11 42.84
CA GLY A 402 6.94 20.16 41.37
C GLY A 402 7.82 19.14 40.65
N GLU A 403 8.20 18.07 41.35
CA GLU A 403 9.04 17.01 40.79
C GLU A 403 8.48 15.60 41.09
N GLY A 404 9.09 14.57 40.50
CA GLY A 404 8.62 13.20 40.66
C GLY A 404 7.74 12.75 39.50
N THR A 405 7.75 11.44 39.24
CA THR A 405 6.96 10.83 38.18
C THR A 405 6.29 9.54 38.66
N ILE A 406 4.98 9.47 38.49
CA ILE A 406 4.28 8.19 38.63
C ILE A 406 3.95 7.67 37.23
N VAL A 407 4.45 6.48 36.93
CA VAL A 407 4.21 5.81 35.65
C VAL A 407 3.16 4.71 35.84
N SER A 408 2.24 4.60 34.89
CA SER A 408 1.23 3.55 34.88
C SER A 408 1.29 2.69 33.61
N ASP A 409 1.25 1.36 33.78
CA ASP A 409 1.03 0.42 32.69
C ASP A 409 -0.48 0.43 32.39
N ILE A 410 -0.97 -0.55 31.63
CA ILE A 410 -2.35 -0.57 31.11
C ILE A 410 -3.17 -1.66 31.79
N GLY A 411 -4.44 -1.36 32.04
CA GLY A 411 -5.37 -2.27 32.71
C GLY A 411 -6.44 -1.45 33.43
N PHE A 412 -7.30 -2.13 34.19
CA PHE A 412 -8.34 -1.44 34.97
C PHE A 412 -7.74 -0.49 36.02
N PHE A 413 -6.67 -0.92 36.68
CA PHE A 413 -5.95 -0.09 37.67
C PHE A 413 -5.46 1.24 37.07
N ARG A 414 -5.21 1.27 35.76
CA ARG A 414 -4.72 2.48 35.07
C ARG A 414 -5.70 3.65 35.21
N HIS A 415 -7.00 3.36 35.12
CA HIS A 415 -8.02 4.39 35.23
C HIS A 415 -8.25 4.88 36.65
N TYR A 416 -7.88 4.05 37.62
CA TYR A 416 -7.74 4.47 39.02
C TYR A 416 -6.61 5.49 39.11
N GLY A 417 -5.51 5.23 38.40
CA GLY A 417 -4.37 6.13 38.32
C GLY A 417 -4.75 7.49 37.76
N VAL A 418 -5.54 7.47 36.70
CA VAL A 418 -6.06 8.70 36.09
C VAL A 418 -6.83 9.53 37.11
N LEU A 419 -7.69 8.87 37.90
CA LEU A 419 -8.51 9.55 38.91
C LEU A 419 -7.76 9.96 40.18
N PHE A 420 -6.86 9.12 40.63
CA PHE A 420 -6.33 9.20 41.99
C PHE A 420 -4.88 9.65 42.09
N ALA A 421 -4.07 9.39 41.06
CA ALA A 421 -2.62 9.56 41.16
C ALA A 421 -2.17 11.01 41.18
N ARG A 422 -1.15 11.26 42.00
CA ARG A 422 -0.55 12.57 42.18
C ARG A 422 0.25 12.99 40.95
N ALA A 423 0.04 14.23 40.51
CA ALA A 423 0.89 14.82 39.48
C ALA A 423 1.18 16.29 39.79
N ASP A 424 2.42 16.58 40.18
CA ASP A 424 2.79 17.94 40.60
C ASP A 424 3.56 18.74 39.54
N GLN A 425 3.57 18.22 38.31
CA GLN A 425 4.21 18.85 37.16
C GLN A 425 3.60 18.23 35.91
N PRO A 426 3.69 18.93 34.76
CA PRO A 426 3.28 18.34 33.48
C PRO A 426 4.07 17.03 33.18
N PHE A 427 3.35 16.02 32.68
CA PHE A 427 3.84 14.64 32.52
C PHE A 427 4.35 14.06 33.86
N GLY A 428 3.71 14.46 34.96
CA GLY A 428 4.02 13.96 36.29
C GLY A 428 3.36 12.63 36.54
N PHE A 429 2.26 12.39 35.83
CA PHE A 429 1.64 11.08 35.70
C PHE A 429 1.78 10.64 34.24
N LEU A 430 2.47 9.53 34.01
CA LEU A 430 2.74 9.03 32.66
C LEU A 430 2.08 7.70 32.36
N THR A 431 1.35 7.66 31.25
CA THR A 431 0.70 6.45 30.78
C THR A 431 0.54 6.57 29.26
N SER A 432 0.17 5.48 28.59
CA SER A 432 -0.01 5.52 27.14
C SER A 432 -1.37 6.13 26.78
N ALA A 433 -1.34 7.31 26.18
CA ALA A 433 -2.54 8.08 25.86
C ALA A 433 -3.40 7.42 24.77
N GLY A 434 -2.81 7.21 23.59
CA GLY A 434 -3.53 6.76 22.40
C GLY A 434 -3.38 5.31 21.98
N CYS A 435 -2.27 4.67 22.34
CA CYS A 435 -2.00 3.30 21.90
C CYS A 435 -2.43 2.23 22.90
N SER A 436 -2.13 2.45 24.18
CA SER A 436 -2.55 1.57 25.29
C SER A 436 -2.11 0.11 25.20
N SER A 437 -0.84 -0.10 24.85
CA SER A 437 -0.28 -1.44 24.83
C SER A 437 0.08 -1.85 26.23
N PHE A 438 -0.37 -3.02 26.69
CA PHE A 438 0.14 -3.54 27.94
C PHE A 438 1.67 -3.79 27.85
N GLY A 439 2.33 -3.86 29.00
CA GLY A 439 3.80 -3.91 29.06
C GLY A 439 4.49 -2.56 28.92
N TYR A 440 3.71 -1.51 28.73
CA TYR A 440 4.21 -0.13 28.57
C TYR A 440 5.04 0.38 29.77
N GLY A 441 4.69 -0.06 30.97
CA GLY A 441 5.22 0.53 32.20
C GLY A 441 6.72 0.48 32.42
N ILE A 442 7.33 -0.70 32.29
CA ILE A 442 8.79 -0.79 32.42
C ILE A 442 9.55 0.15 31.50
N PRO A 443 9.36 0.05 30.15
CA PRO A 443 10.07 1.00 29.29
C PRO A 443 9.77 2.48 29.54
N ALA A 444 8.55 2.81 29.94
CA ALA A 444 8.19 4.19 30.24
C ALA A 444 8.89 4.72 31.50
N ALA A 445 9.05 3.85 32.50
CA ALA A 445 9.78 4.19 33.72
C ALA A 445 11.27 4.34 33.42
N ILE A 446 11.81 3.53 32.52
CA ILE A 446 13.20 3.67 32.06
C ILE A 446 13.36 5.04 31.42
N GLY A 447 12.47 5.37 30.47
CA GLY A 447 12.49 6.65 29.76
C GLY A 447 12.34 7.85 30.69
N ALA A 448 11.41 7.74 31.64
CA ALA A 448 11.17 8.79 32.65
C ALA A 448 12.39 9.02 33.56
N GLN A 449 12.92 7.93 34.11
CA GLN A 449 14.07 8.02 35.02
C GLN A 449 15.33 8.60 34.36
N MET A 450 15.54 8.32 33.07
CA MET A 450 16.68 8.85 32.34
C MET A 450 16.52 10.33 31.96
N ALA A 451 15.28 10.76 31.75
CA ALA A 451 14.96 12.16 31.49
C ALA A 451 15.04 13.03 32.76
N ARG A 452 14.76 12.41 33.90
CA ARG A 452 14.68 13.10 35.19
C ARG A 452 15.61 12.40 36.18
N PRO A 453 16.94 12.43 35.92
CA PRO A 453 17.84 11.55 36.69
C PRO A 453 17.81 11.75 38.22
N ASP A 454 17.40 12.94 38.67
CA ASP A 454 17.45 13.28 40.10
C ASP A 454 16.09 13.21 40.84
N GLN A 455 15.05 12.76 40.16
CA GLN A 455 13.70 12.69 40.73
C GLN A 455 13.25 11.24 40.97
N PRO A 456 12.38 11.01 41.99
CA PRO A 456 11.83 9.65 42.17
C PRO A 456 10.83 9.23 41.07
N THR A 457 10.94 7.98 40.64
CA THR A 457 10.10 7.38 39.62
C THR A 457 9.43 6.16 40.20
N PHE A 458 8.11 6.21 40.29
CA PHE A 458 7.31 5.06 40.72
C PHE A 458 6.59 4.49 39.50
N LEU A 459 6.52 3.17 39.42
CA LEU A 459 5.73 2.51 38.40
C LEU A 459 4.63 1.71 39.08
N ILE A 460 3.40 1.83 38.58
CA ILE A 460 2.35 0.90 38.96
C ILE A 460 1.94 0.05 37.74
N ALA A 461 1.84 -1.26 37.94
CA ALA A 461 1.45 -2.18 36.87
C ALA A 461 0.61 -3.33 37.40
N GLY A 462 -0.23 -3.90 36.54
CA GLY A 462 -1.03 -5.09 36.87
C GLY A 462 -0.29 -6.37 36.49
N ASP A 463 -0.76 -7.51 36.98
CA ASP A 463 -0.11 -8.78 36.71
C ASP A 463 -0.10 -9.15 35.21
N GLY A 464 -1.21 -8.86 34.52
CA GLY A 464 -1.38 -9.19 33.10
C GLY A 464 -0.43 -8.44 32.20
N GLY A 465 -0.52 -7.10 32.24
CA GLY A 465 0.36 -6.23 31.48
C GLY A 465 1.82 -6.32 31.85
N PHE A 466 2.12 -6.29 33.15
CA PHE A 466 3.50 -6.34 33.62
C PHE A 466 4.24 -7.58 33.12
N HIS A 467 3.60 -8.74 33.23
CA HIS A 467 4.26 -9.99 32.90
C HIS A 467 4.42 -10.18 31.38
N SER A 468 3.59 -9.51 30.60
CA SER A 468 3.74 -9.52 29.14
C SER A 468 5.13 -9.02 28.74
N ASN A 469 5.75 -8.20 29.60
CA ASN A 469 7.04 -7.54 29.30
C ASN A 469 7.99 -7.47 30.53
N SER A 470 7.92 -8.46 31.41
CA SER A 470 8.66 -8.42 32.68
C SER A 470 10.17 -8.69 32.56
N SER A 471 10.62 -9.16 31.41
CA SER A 471 12.02 -9.53 31.21
C SER A 471 12.98 -8.36 31.25
N ASP A 472 12.46 -7.17 30.97
CA ASP A 472 13.29 -5.97 31.00
C ASP A 472 13.54 -5.42 32.44
N LEU A 473 13.05 -6.15 33.44
CA LEU A 473 13.55 -6.01 34.82
C LEU A 473 15.10 -6.12 34.87
N GLU A 474 15.68 -7.01 34.07
CA GLU A 474 17.14 -7.18 34.01
C GLU A 474 17.80 -5.89 33.52
N THR A 475 17.16 -5.22 32.56
CA THR A 475 17.68 -3.98 32.00
C THR A 475 17.73 -2.88 33.06
N ILE A 476 16.64 -2.75 33.82
CA ILE A 476 16.57 -1.83 34.96
C ILE A 476 17.69 -2.13 35.98
N ALA A 477 17.83 -3.41 36.32
CA ALA A 477 18.91 -3.88 37.19
C ALA A 477 20.30 -3.52 36.64
N ARG A 478 20.53 -3.81 35.36
CA ARG A 478 21.78 -3.55 34.65
C ARG A 478 22.10 -2.06 34.53
N LEU A 479 21.09 -1.25 34.23
CA LEU A 479 21.28 0.20 34.12
C LEU A 479 21.35 0.91 35.50
N ASN A 480 21.02 0.14 36.55
CA ASN A 480 20.89 0.62 37.93
C ASN A 480 20.01 1.86 38.09
N LEU A 481 18.84 1.79 37.47
CA LEU A 481 17.85 2.87 37.55
C LEU A 481 16.98 2.67 38.79
N PRO A 482 17.03 3.65 39.73
CA PRO A 482 16.34 3.53 41.03
C PRO A 482 14.80 3.65 40.97
N ILE A 483 14.19 2.94 40.02
CA ILE A 483 12.74 2.87 39.87
C ILE A 483 12.15 2.00 40.98
N VAL A 484 11.04 2.46 41.57
CA VAL A 484 10.25 1.65 42.50
C VAL A 484 8.95 1.16 41.82
N THR A 485 8.79 -0.16 41.69
CA THR A 485 7.68 -0.76 40.98
C THR A 485 6.67 -1.36 41.95
N VAL A 486 5.38 -1.12 41.73
CA VAL A 486 4.33 -1.81 42.45
C VAL A 486 3.53 -2.64 41.45
N VAL A 487 3.44 -3.96 41.68
CA VAL A 487 2.64 -4.83 40.83
C VAL A 487 1.37 -5.17 41.59
N VAL A 488 0.22 -4.73 41.06
CA VAL A 488 -1.06 -5.08 41.67
C VAL A 488 -1.58 -6.35 41.01
N ASN A 489 -1.63 -7.41 41.80
CA ASN A 489 -1.84 -8.76 41.30
C ASN A 489 -3.20 -9.34 41.64
N ASN A 490 -3.95 -9.75 40.61
CA ASN A 490 -5.22 -10.44 40.83
C ASN A 490 -5.40 -11.71 39.98
N ASP A 491 -4.29 -12.21 39.42
CA ASP A 491 -4.26 -13.46 38.61
C ASP A 491 -5.23 -13.43 37.42
N THR A 492 -5.43 -12.24 36.85
CA THR A 492 -6.47 -12.00 35.86
C THR A 492 -6.10 -10.82 34.99
N ASN A 493 -6.57 -10.86 33.73
CA ASN A 493 -6.68 -9.68 32.89
C ASN A 493 -8.01 -9.02 33.28
N GLY A 494 -7.98 -8.31 34.41
CA GLY A 494 -9.17 -7.72 35.06
C GLY A 494 -10.05 -6.85 34.17
N LEU A 495 -9.44 -5.95 33.41
CA LEU A 495 -10.17 -5.10 32.47
C LEU A 495 -11.04 -5.93 31.51
N ILE A 496 -10.49 -7.06 31.08
CA ILE A 496 -11.13 -7.85 30.05
C ILE A 496 -12.29 -8.65 30.65
N GLU A 497 -12.14 -9.13 31.89
CA GLU A 497 -13.25 -9.71 32.64
C GLU A 497 -14.43 -8.73 32.82
N LEU A 498 -14.12 -7.45 33.09
CA LEU A 498 -15.14 -6.40 33.12
C LEU A 498 -15.92 -6.35 31.81
N TYR A 499 -15.21 -6.34 30.69
CA TYR A 499 -15.85 -6.30 29.38
C TYR A 499 -16.69 -7.53 29.04
N GLN A 500 -16.24 -8.71 29.49
CA GLN A 500 -17.07 -9.93 29.42
C GLN A 500 -18.40 -9.70 30.13
N ASN A 501 -18.35 -9.15 31.34
CA ASN A 501 -19.56 -8.89 32.12
C ASN A 501 -20.45 -7.80 31.53
N ILE A 502 -19.83 -6.74 31.00
CA ILE A 502 -20.58 -5.71 30.29
C ILE A 502 -21.37 -6.29 29.10
N GLY A 503 -20.70 -7.07 28.25
CA GLY A 503 -21.35 -7.60 27.04
C GLY A 503 -22.25 -8.82 27.22
N HIS A 504 -21.94 -9.67 28.20
CA HIS A 504 -22.59 -10.98 28.32
C HIS A 504 -23.23 -11.26 29.69
N HIS A 505 -22.99 -10.39 30.67
CA HIS A 505 -23.46 -10.59 32.07
C HIS A 505 -22.87 -11.82 32.78
N ARG A 506 -21.69 -12.26 32.31
CA ARG A 506 -20.94 -13.35 32.94
C ARG A 506 -19.49 -13.37 32.46
N SER A 507 -18.63 -14.07 33.22
CA SER A 507 -17.22 -14.27 32.89
C SER A 507 -16.99 -15.55 32.07
N HIS A 508 -15.84 -15.63 31.43
CA HIS A 508 -15.39 -16.89 30.83
C HIS A 508 -13.89 -16.99 31.10
N ASP A 509 -13.56 -17.72 32.16
CA ASP A 509 -12.19 -17.81 32.68
C ASP A 509 -11.08 -18.18 31.67
N PRO A 510 -11.33 -19.12 30.73
CA PRO A 510 -10.28 -19.44 29.75
C PRO A 510 -9.72 -18.23 28.96
N ALA A 511 -10.50 -17.16 28.82
CA ALA A 511 -10.04 -15.98 28.07
C ALA A 511 -9.36 -14.93 28.96
N VAL A 512 -9.48 -15.06 30.29
CA VAL A 512 -9.00 -14.02 31.22
C VAL A 512 -8.12 -14.44 32.40
N LYS A 513 -8.21 -15.70 32.84
CA LYS A 513 -7.55 -16.12 34.09
C LYS A 513 -6.16 -16.73 33.94
N PHE A 514 -5.27 -16.34 34.84
CA PHE A 514 -3.93 -16.92 34.98
C PHE A 514 -3.79 -17.77 36.26
N GLY A 515 -2.70 -18.55 36.32
CA GLY A 515 -2.27 -19.19 37.56
C GLY A 515 -1.34 -18.24 38.31
N GLY A 516 -0.86 -18.68 39.47
CA GLY A 516 -0.01 -17.84 40.29
C GLY A 516 1.34 -17.56 39.63
N VAL A 517 1.77 -16.30 39.71
CA VAL A 517 3.14 -15.89 39.42
C VAL A 517 3.68 -15.19 40.67
N ASP A 518 4.84 -15.63 41.15
CA ASP A 518 5.46 -14.99 42.31
C ASP A 518 6.35 -13.85 41.84
N PHE A 519 5.84 -12.63 41.88
CA PHE A 519 6.55 -11.46 41.33
C PHE A 519 7.72 -11.01 42.19
N VAL A 520 7.68 -11.29 43.49
CA VAL A 520 8.84 -11.03 44.36
C VAL A 520 10.02 -11.91 43.93
N ALA A 521 9.77 -13.21 43.84
CA ALA A 521 10.75 -14.19 43.37
C ALA A 521 11.22 -13.86 41.95
N LEU A 522 10.30 -13.42 41.10
CA LEU A 522 10.62 -13.06 39.71
C LEU A 522 11.60 -11.89 39.61
N ALA A 523 11.35 -10.85 40.40
CA ALA A 523 12.24 -9.69 40.42
C ALA A 523 13.62 -10.08 40.95
N GLU A 524 13.64 -10.92 41.98
CA GLU A 524 14.91 -11.35 42.56
C GLU A 524 15.77 -12.19 41.61
N ALA A 525 15.12 -13.03 40.78
CA ALA A 525 15.77 -13.77 39.70
C ALA A 525 16.45 -12.84 38.67
N ASN A 526 15.93 -11.61 38.54
CA ASN A 526 16.47 -10.61 37.61
C ASN A 526 17.50 -9.68 38.26
N GLY A 527 17.82 -9.91 39.54
CA GLY A 527 18.73 -9.04 40.29
C GLY A 527 18.10 -7.76 40.86
N VAL A 528 16.79 -7.80 41.14
CA VAL A 528 16.07 -6.66 41.69
C VAL A 528 15.52 -7.05 43.06
N ASP A 529 15.89 -6.30 44.10
CA ASP A 529 15.33 -6.50 45.44
C ASP A 529 13.81 -6.26 45.44
N ALA A 530 13.10 -7.05 46.23
CA ALA A 530 11.65 -7.03 46.19
C ALA A 530 11.00 -7.53 47.49
N THR A 531 9.73 -7.19 47.69
CA THR A 531 8.98 -7.63 48.85
C THR A 531 7.47 -7.64 48.57
N ARG A 532 6.70 -8.36 49.37
CA ARG A 532 5.25 -8.45 49.22
C ARG A 532 4.59 -7.61 50.31
N ALA A 533 3.56 -6.84 49.93
CA ALA A 533 2.80 -6.01 50.90
C ALA A 533 1.31 -6.25 50.75
N THR A 534 0.61 -6.43 51.87
CA THR A 534 -0.80 -6.84 51.87
C THR A 534 -1.78 -5.86 52.53
N ASN A 535 -1.25 -4.77 53.08
CA ASN A 535 -2.07 -3.71 53.68
C ASN A 535 -1.34 -2.37 53.61
N ARG A 536 -2.03 -1.29 53.98
CA ARG A 536 -1.47 0.07 53.93
C ARG A 536 -0.14 0.20 54.69
N GLU A 537 -0.10 -0.34 55.91
CA GLU A 537 1.10 -0.28 56.77
C GLU A 537 2.32 -0.93 56.12
N GLU A 538 2.16 -2.17 55.66
CA GLU A 538 3.22 -2.87 54.93
C GLU A 538 3.61 -2.15 53.63
N LEU A 539 2.62 -1.67 52.89
CA LEU A 539 2.88 -0.94 51.63
C LEU A 539 3.69 0.35 51.82
N LEU A 540 3.26 1.19 52.75
CA LEU A 540 3.99 2.43 53.08
C LEU A 540 5.44 2.15 53.49
N ALA A 541 5.63 1.14 54.33
CA ALA A 541 6.97 0.70 54.73
C ALA A 541 7.81 0.24 53.53
N ALA A 542 7.22 -0.58 52.65
CA ALA A 542 7.89 -1.04 51.42
C ALA A 542 8.28 0.10 50.46
N LEU A 543 7.38 1.07 50.31
CA LEU A 543 7.60 2.21 49.43
C LEU A 543 8.71 3.13 49.93
N ARG A 544 8.70 3.39 51.24
CA ARG A 544 9.71 4.23 51.90
C ARG A 544 11.10 3.57 51.86
N LYS A 545 11.15 2.26 52.07
CA LYS A 545 12.38 1.51 51.88
C LYS A 545 12.88 1.64 50.43
N GLY A 546 11.99 1.34 49.47
CA GLY A 546 12.31 1.47 48.04
C GLY A 546 12.79 2.84 47.58
N ALA A 547 12.17 3.90 48.10
CA ALA A 547 12.48 5.27 47.70
C ALA A 547 13.88 5.74 48.15
N GLU A 548 14.41 5.14 49.21
CA GLU A 548 15.71 5.52 49.77
C GLU A 548 16.78 4.46 49.51
N LEU A 549 16.45 3.45 48.70
CA LEU A 549 17.34 2.33 48.45
C LEU A 549 18.54 2.64 47.54
N GLY A 550 18.33 3.52 46.55
CA GLY A 550 19.39 3.83 45.59
C GLY A 550 19.59 2.74 44.54
N ARG A 551 18.68 1.76 44.56
CA ARG A 551 18.63 0.68 43.59
C ARG A 551 17.16 0.49 43.24
N PRO A 552 16.87 -0.16 42.09
CA PRO A 552 15.49 -0.56 41.81
C PRO A 552 14.90 -1.42 42.92
N PHE A 553 13.58 -1.36 43.06
CA PHE A 553 12.88 -2.14 44.07
C PHE A 553 11.47 -2.51 43.55
N LEU A 554 11.00 -3.71 43.86
CA LEU A 554 9.68 -4.15 43.41
C LEU A 554 8.77 -4.57 44.57
N ILE A 555 7.51 -4.14 44.51
CA ILE A 555 6.54 -4.50 45.55
C ILE A 555 5.34 -5.20 44.92
N GLU A 556 5.01 -6.38 45.42
CA GLU A 556 3.83 -7.11 44.97
C GLU A 556 2.68 -6.93 45.96
N VAL A 557 1.53 -6.51 45.45
CA VAL A 557 0.35 -6.28 46.26
C VAL A 557 -0.82 -7.08 45.70
N PRO A 558 -1.38 -8.01 46.50
CA PRO A 558 -2.65 -8.65 46.11
C PRO A 558 -3.81 -7.66 46.12
N VAL A 559 -4.59 -7.64 45.05
CA VAL A 559 -5.75 -6.76 44.96
C VAL A 559 -6.95 -7.54 44.45
N ASN A 560 -8.13 -6.94 44.59
CA ASN A 560 -9.33 -7.43 43.93
C ASN A 560 -10.23 -6.26 43.52
N TYR A 561 -11.11 -6.52 42.56
CA TYR A 561 -12.09 -5.53 42.12
C TYR A 561 -13.48 -6.07 42.36
N ASP A 562 -14.41 -5.19 42.68
CA ASP A 562 -15.83 -5.55 42.66
C ASP A 562 -16.55 -4.64 41.66
N PHE A 563 -16.79 -5.17 40.45
CA PHE A 563 -17.40 -4.40 39.35
C PHE A 563 -18.89 -4.18 39.56
N GLN A 564 -19.39 -3.02 39.12
CA GLN A 564 -20.80 -2.88 38.81
C GLN A 564 -20.94 -2.61 37.29
N PRO A 565 -21.05 -3.69 36.47
CA PRO A 565 -21.04 -3.65 35.01
C PRO A 565 -22.14 -2.79 34.37
N GLY A 566 -23.23 -2.54 35.11
CA GLY A 566 -24.28 -1.61 34.66
C GLY A 566 -23.89 -0.15 34.79
N GLY A 567 -22.76 0.12 35.45
CA GLY A 567 -22.30 1.49 35.67
C GLY A 567 -21.38 2.07 34.59
N PHE A 568 -21.14 1.33 33.53
CA PHE A 568 -20.15 1.74 32.51
C PHE A 568 -20.72 2.16 31.14
N GLY A 569 -21.93 2.69 31.13
CA GLY A 569 -22.56 3.21 29.89
C GLY A 569 -21.79 4.30 29.14
N ALA A 570 -21.01 5.10 29.85
CA ALA A 570 -20.17 6.14 29.24
C ALA A 570 -19.07 5.60 28.30
N LEU A 571 -18.86 4.28 28.34
CA LEU A 571 -17.92 3.61 27.43
C LEU A 571 -18.45 3.41 26.01
N SER A 572 -19.75 3.66 25.84
CA SER A 572 -20.43 3.55 24.53
C SER A 572 -19.80 4.38 23.42
N ILE A 573 -19.58 3.73 22.27
CA ILE A 573 -19.03 4.37 21.07
C ILE A 573 -20.01 4.24 19.90
N LYS B 11 -29.84 -14.02 20.38
CA LYS B 11 -29.66 -14.33 18.93
C LYS B 11 -28.17 -14.46 18.57
N PRO B 12 -27.79 -15.52 17.83
CA PRO B 12 -26.41 -15.73 17.36
C PRO B 12 -25.85 -14.55 16.56
N THR B 13 -24.63 -14.12 16.91
CA THR B 13 -23.98 -12.98 16.25
C THR B 13 -22.90 -13.44 15.25
N ALA B 14 -22.19 -12.49 14.64
CA ALA B 14 -21.03 -12.80 13.79
C ALA B 14 -19.91 -13.52 14.53
N ALA B 15 -19.82 -13.32 15.84
CA ALA B 15 -18.87 -14.06 16.70
C ALA B 15 -19.16 -15.56 16.70
N HIS B 16 -20.45 -15.92 16.82
CA HIS B 16 -20.88 -17.31 16.72
C HIS B 16 -20.60 -17.88 15.31
N ALA B 17 -20.94 -17.12 14.28
CA ALA B 17 -20.72 -17.58 12.91
C ALA B 17 -19.23 -17.74 12.59
N LEU B 18 -18.39 -16.87 13.17
CA LEU B 18 -16.93 -16.98 13.04
C LEU B 18 -16.39 -18.27 13.66
N LEU B 19 -16.70 -18.51 14.92
CA LEU B 19 -16.22 -19.70 15.62
C LEU B 19 -16.75 -20.98 14.99
N SER B 20 -17.97 -20.90 14.50
CA SER B 20 -18.64 -22.03 13.88
C SER B 20 -17.96 -22.45 12.59
N ARG B 21 -17.53 -21.45 11.80
CA ARG B 21 -16.87 -21.71 10.53
C ARG B 21 -15.44 -22.22 10.71
N LEU B 22 -14.72 -21.69 11.70
CA LEU B 22 -13.41 -22.24 12.08
C LEU B 22 -13.52 -23.72 12.47
N ARG B 23 -14.53 -24.04 13.29
CA ARG B 23 -14.86 -25.41 13.69
CA ARG B 23 -14.80 -25.42 13.68
C ARG B 23 -15.09 -26.30 12.44
N ASP B 24 -15.81 -25.75 11.46
CA ASP B 24 -16.04 -26.44 10.17
C ASP B 24 -14.73 -26.79 9.43
N HIS B 25 -13.69 -25.96 9.58
CA HIS B 25 -12.38 -26.23 8.98
C HIS B 25 -11.44 -27.08 9.88
N GLY B 26 -11.99 -27.73 10.90
CA GLY B 26 -11.23 -28.61 11.79
C GLY B 26 -10.58 -27.94 13.01
N VAL B 27 -10.75 -26.63 13.16
CA VAL B 27 -10.06 -25.89 14.25
C VAL B 27 -10.68 -26.23 15.62
N GLY B 28 -9.84 -26.62 16.57
CA GLY B 28 -10.29 -26.88 17.94
C GLY B 28 -9.76 -25.93 19.01
N LYS B 29 -8.76 -25.12 18.64
CA LYS B 29 -8.13 -24.17 19.58
C LYS B 29 -7.97 -22.81 18.90
N VAL B 30 -8.20 -21.75 19.67
CA VAL B 30 -7.82 -20.41 19.27
C VAL B 30 -6.81 -19.90 20.30
N PHE B 31 -5.60 -19.60 19.84
CA PHE B 31 -4.55 -19.08 20.71
C PHE B 31 -4.60 -17.55 20.67
N GLY B 32 -4.48 -16.89 21.81
CA GLY B 32 -4.39 -15.44 21.78
C GLY B 32 -4.47 -14.73 23.11
N VAL B 33 -4.59 -13.41 23.01
CA VAL B 33 -4.89 -12.52 24.12
C VAL B 33 -6.10 -11.68 23.70
N VAL B 34 -7.16 -11.75 24.51
CA VAL B 34 -8.41 -11.02 24.26
C VAL B 34 -8.36 -9.63 24.91
N GLY B 35 -8.84 -8.63 24.18
CA GLY B 35 -9.02 -7.27 24.69
C GLY B 35 -10.50 -6.92 24.86
N ARG B 36 -10.85 -5.66 24.64
CA ARG B 36 -12.19 -5.16 24.95
C ARG B 36 -13.29 -5.72 24.03
N GLU B 37 -12.88 -6.42 22.96
CA GLU B 37 -13.81 -7.12 22.07
C GLU B 37 -14.50 -8.29 22.78
N ALA B 38 -14.02 -8.62 23.98
CA ALA B 38 -14.68 -9.57 24.88
C ALA B 38 -16.16 -9.21 25.14
N ALA B 39 -16.52 -7.93 25.03
CA ALA B 39 -17.93 -7.53 25.06
C ALA B 39 -18.75 -8.11 23.90
N SER B 40 -18.09 -8.42 22.78
CA SER B 40 -18.76 -9.04 21.61
C SER B 40 -18.50 -10.55 21.46
N ILE B 41 -17.41 -11.05 22.04
CA ILE B 41 -17.06 -12.46 21.89
C ILE B 41 -16.53 -13.08 23.19
N LEU B 42 -17.24 -14.09 23.68
CA LEU B 42 -16.91 -14.74 24.94
C LEU B 42 -15.93 -15.91 24.76
N PHE B 43 -16.08 -16.62 23.63
CA PHE B 43 -15.33 -17.84 23.25
C PHE B 43 -15.88 -19.16 23.85
N ASP B 44 -17.13 -19.10 24.32
CA ASP B 44 -17.86 -20.28 24.76
C ASP B 44 -19.06 -20.56 23.82
N GLU B 45 -19.18 -19.77 22.76
CA GLU B 45 -20.33 -19.81 21.86
C GLU B 45 -20.52 -21.15 21.14
N VAL B 46 -19.40 -21.81 20.82
CA VAL B 46 -19.38 -23.00 19.98
C VAL B 46 -18.65 -24.16 20.69
N GLU B 47 -19.36 -25.28 20.88
CA GLU B 47 -18.77 -26.47 21.49
C GLU B 47 -17.69 -27.11 20.59
N GLY B 48 -16.55 -27.46 21.19
CA GLY B 48 -15.45 -28.08 20.47
C GLY B 48 -14.34 -27.14 20.06
N ILE B 49 -14.50 -25.84 20.33
CA ILE B 49 -13.45 -24.87 20.06
C ILE B 49 -13.17 -24.07 21.35
N ASP B 50 -11.95 -24.19 21.85
CA ASP B 50 -11.53 -23.66 23.15
C ASP B 50 -10.47 -22.57 23.00
N PHE B 51 -10.54 -21.54 23.85
CA PHE B 51 -9.53 -20.49 23.84
C PHE B 51 -8.29 -20.87 24.66
N VAL B 52 -7.12 -20.60 24.09
CA VAL B 52 -5.84 -20.81 24.77
C VAL B 52 -5.15 -19.45 25.01
N LEU B 53 -5.27 -18.96 26.25
CA LEU B 53 -4.71 -17.67 26.64
C LEU B 53 -3.19 -17.73 26.88
N THR B 54 -2.47 -16.81 26.23
CA THR B 54 -1.02 -16.68 26.37
C THR B 54 -0.70 -15.36 27.08
N ARG B 55 0.56 -15.16 27.44
CA ARG B 55 1.01 -13.91 28.10
C ARG B 55 1.38 -12.82 27.08
N HIS B 56 1.65 -13.23 25.85
CA HIS B 56 2.02 -12.31 24.77
C HIS B 56 1.46 -12.85 23.45
N GLU B 57 1.05 -11.97 22.54
CA GLU B 57 0.48 -12.37 21.25
C GLU B 57 1.46 -13.11 20.31
N PHE B 58 2.75 -12.83 20.41
CA PHE B 58 3.78 -13.55 19.64
C PHE B 58 3.71 -15.08 19.88
N THR B 59 3.57 -15.44 21.15
CA THR B 59 3.46 -16.83 21.58
C THR B 59 2.23 -17.51 20.97
N ALA B 60 1.14 -16.75 20.87
CA ALA B 60 -0.10 -17.25 20.29
C ALA B 60 0.06 -17.56 18.79
N GLY B 61 0.67 -16.64 18.05
CA GLY B 61 0.86 -16.82 16.61
C GLY B 61 1.83 -17.94 16.28
N VAL B 62 2.93 -18.04 17.02
CA VAL B 62 3.91 -19.12 16.80
C VAL B 62 3.37 -20.51 17.18
N ALA B 63 2.62 -20.59 18.29
CA ALA B 63 2.02 -21.85 18.70
C ALA B 63 1.05 -22.38 17.64
N ALA B 64 0.20 -21.48 17.11
CA ALA B 64 -0.68 -21.81 15.99
C ALA B 64 0.10 -22.24 14.74
N ASP B 65 1.18 -21.51 14.42
CA ASP B 65 2.07 -21.84 13.30
C ASP B 65 2.64 -23.26 13.37
N VAL B 66 3.15 -23.61 14.55
CA VAL B 66 3.77 -24.92 14.76
C VAL B 66 2.72 -26.03 14.76
N LEU B 67 1.59 -25.79 15.42
CA LEU B 67 0.48 -26.73 15.38
C LEU B 67 0.00 -26.97 13.93
N ALA B 68 -0.10 -25.90 13.14
CA ALA B 68 -0.43 -26.01 11.72
C ALA B 68 0.58 -26.85 10.92
N ARG B 69 1.87 -26.63 11.16
CA ARG B 69 2.94 -27.37 10.49
C ARG B 69 2.91 -28.87 10.79
N ILE B 70 2.70 -29.23 12.05
CA ILE B 70 2.75 -30.64 12.42
C ILE B 70 1.48 -31.38 11.98
N THR B 71 0.33 -30.73 12.11
CA THR B 71 -0.94 -31.35 11.77
C THR B 71 -1.26 -31.26 10.28
N GLY B 72 -0.71 -30.26 9.59
CA GLY B 72 -1.03 -30.01 8.18
C GLY B 72 -2.43 -29.43 7.97
N ARG B 73 -2.95 -28.83 9.02
CA ARG B 73 -4.30 -28.30 9.08
C ARG B 73 -4.24 -26.84 9.49
N PRO B 74 -5.11 -25.98 8.89
CA PRO B 74 -5.18 -24.56 9.29
C PRO B 74 -5.51 -24.39 10.77
N GLN B 75 -4.83 -23.44 11.39
CA GLN B 75 -5.03 -23.14 12.80
C GLN B 75 -5.36 -21.67 12.93
N ALA B 76 -5.61 -21.22 14.17
CA ALA B 76 -6.11 -19.87 14.43
C ALA B 76 -5.49 -19.20 15.65
N CYS B 77 -5.26 -17.90 15.52
CA CYS B 77 -4.78 -17.05 16.60
C CYS B 77 -5.55 -15.73 16.63
N TRP B 78 -5.43 -15.02 17.76
CA TRP B 78 -6.33 -13.92 18.09
C TRP B 78 -5.62 -12.79 18.86
N ALA B 79 -5.84 -11.56 18.44
CA ALA B 79 -5.38 -10.38 19.18
C ALA B 79 -6.46 -9.31 19.18
N THR B 80 -6.33 -8.37 20.10
CA THR B 80 -7.17 -7.16 20.13
C THR B 80 -6.70 -6.13 19.08
N LEU B 81 -7.33 -4.96 19.08
CA LEU B 81 -7.02 -3.89 18.12
C LEU B 81 -5.67 -3.19 18.40
N GLY B 82 -5.17 -2.44 17.42
CA GLY B 82 -3.96 -1.62 17.59
C GLY B 82 -2.73 -2.42 17.96
N PRO B 83 -2.21 -2.22 19.20
CA PRO B 83 -1.00 -2.91 19.68
C PRO B 83 -1.14 -4.43 19.82
N GLY B 84 -2.38 -4.91 19.95
CA GLY B 84 -2.62 -6.36 19.90
C GLY B 84 -2.22 -6.92 18.54
N MET B 85 -2.77 -6.30 17.50
CA MET B 85 -2.48 -6.64 16.12
C MET B 85 -0.97 -6.50 15.77
N THR B 86 -0.31 -5.42 16.20
CA THR B 86 1.13 -5.26 15.93
C THR B 86 1.99 -6.31 16.65
N ASN B 87 1.65 -6.68 17.89
CA ASN B 87 2.28 -7.80 18.59
C ASN B 87 2.06 -9.15 17.88
N LEU B 88 0.85 -9.37 17.38
CA LEU B 88 0.56 -10.60 16.64
C LEU B 88 1.38 -10.68 15.35
N SER B 89 1.78 -9.52 14.81
CA SER B 89 2.43 -9.46 13.51
C SER B 89 3.81 -10.12 13.43
N THR B 90 4.52 -10.23 14.56
CA THR B 90 5.73 -11.04 14.57
C THR B 90 5.39 -12.54 14.40
N GLY B 91 4.26 -12.98 14.96
CA GLY B 91 3.75 -14.34 14.74
C GLY B 91 3.31 -14.54 13.29
N ILE B 92 2.64 -13.54 12.73
CA ILE B 92 2.28 -13.53 11.30
C ILE B 92 3.51 -13.60 10.36
N ALA B 93 4.55 -12.80 10.65
CA ALA B 93 5.83 -12.84 9.92
C ALA B 93 6.52 -14.22 10.01
N THR B 94 6.39 -14.88 11.16
CA THR B 94 6.87 -16.25 11.33
C THR B 94 6.14 -17.21 10.37
N SER B 95 4.82 -17.09 10.33
CA SER B 95 4.00 -17.93 9.48
C SER B 95 4.24 -17.71 7.97
N VAL B 96 4.49 -16.46 7.57
CA VAL B 96 4.73 -16.13 6.16
C VAL B 96 6.11 -16.59 5.64
N LEU B 97 7.13 -16.50 6.48
CA LEU B 97 8.48 -16.87 6.10
C LEU B 97 8.75 -18.36 6.35
N ASP B 98 8.12 -18.91 7.40
CA ASP B 98 8.24 -20.34 7.72
C ASP B 98 7.20 -21.19 6.97
N ARG B 99 6.24 -20.54 6.32
CA ARG B 99 5.20 -21.19 5.50
C ARG B 99 4.32 -22.13 6.33
N SER B 100 3.30 -21.59 6.97
CA SER B 100 2.31 -22.42 7.65
C SER B 100 0.94 -21.76 7.53
N PRO B 101 -0.13 -22.58 7.41
CA PRO B 101 -1.46 -22.04 7.17
C PRO B 101 -2.14 -21.57 8.45
N VAL B 102 -2.03 -20.29 8.75
CA VAL B 102 -2.60 -19.75 9.98
C VAL B 102 -3.63 -18.70 9.62
N ILE B 103 -4.77 -18.76 10.28
CA ILE B 103 -5.77 -17.69 10.20
C ILE B 103 -5.58 -16.77 11.41
N ALA B 104 -5.17 -15.54 11.12
CA ALA B 104 -4.87 -14.53 12.13
C ALA B 104 -6.05 -13.56 12.19
N LEU B 105 -6.59 -13.39 13.39
CA LEU B 105 -7.81 -12.62 13.59
C LEU B 105 -7.50 -11.51 14.58
N ALA B 106 -7.91 -10.30 14.23
CA ALA B 106 -7.75 -9.20 15.18
C ALA B 106 -8.96 -8.30 15.20
N ALA B 107 -9.28 -7.80 16.39
CA ALA B 107 -10.35 -6.85 16.56
C ALA B 107 -9.95 -5.49 15.96
N GLN B 108 -10.96 -4.66 15.72
CA GLN B 108 -10.79 -3.32 15.21
C GLN B 108 -11.78 -2.38 15.93
N SER B 109 -11.49 -1.07 15.91
CA SER B 109 -12.43 -0.04 16.35
C SER B 109 -13.79 -0.27 15.72
N GLU B 110 -14.84 0.20 16.40
CA GLU B 110 -16.21 0.24 15.85
C GLU B 110 -16.20 0.81 14.43
N SER B 111 -16.94 0.18 13.51
CA SER B 111 -16.86 0.49 12.06
C SER B 111 -17.07 1.95 11.66
N HIS B 112 -18.04 2.62 12.29
CA HIS B 112 -18.32 4.02 12.00
C HIS B 112 -17.28 4.97 12.59
N ASP B 113 -16.36 4.42 13.40
CA ASP B 113 -15.35 5.18 14.16
C ASP B 113 -13.88 4.84 13.74
N ILE B 114 -13.72 4.19 12.59
CA ILE B 114 -12.39 3.85 12.06
C ILE B 114 -11.69 5.07 11.42
N PHE B 115 -10.80 5.69 12.21
CA PHE B 115 -9.94 6.79 11.77
C PHE B 115 -8.51 6.46 12.19
N PRO B 116 -7.77 5.76 11.31
CA PRO B 116 -6.45 5.24 11.67
C PRO B 116 -5.50 6.34 12.16
N ASN B 117 -4.78 6.05 13.25
CA ASN B 117 -3.86 7.04 13.85
C ASN B 117 -4.58 8.28 14.44
N ASP B 118 -5.91 8.25 14.50
CA ASP B 118 -6.70 9.33 15.09
C ASP B 118 -7.63 8.85 16.21
N THR B 119 -8.34 7.76 15.98
CA THR B 119 -9.15 7.16 17.02
C THR B 119 -8.20 6.45 17.99
N HIS B 120 -8.61 6.37 19.26
CA HIS B 120 -7.86 5.68 20.28
C HIS B 120 -7.63 4.20 19.90
N GLN B 121 -6.37 3.77 19.95
CA GLN B 121 -5.96 2.41 19.57
C GLN B 121 -6.30 1.99 18.12
N CYS B 122 -6.61 2.94 17.24
CA CYS B 122 -6.96 2.63 15.85
C CYS B 122 -5.77 2.70 14.89
N LEU B 123 -5.47 1.56 14.30
CA LEU B 123 -4.39 1.44 13.31
C LEU B 123 -4.98 0.89 12.02
N ASP B 124 -4.33 1.16 10.89
CA ASP B 124 -4.77 0.58 9.62
C ASP B 124 -4.25 -0.84 9.48
N SER B 125 -4.92 -1.76 10.18
CA SER B 125 -4.53 -3.17 10.27
C SER B 125 -4.33 -3.88 8.93
N VAL B 126 -5.25 -3.70 7.99
CA VAL B 126 -5.14 -4.38 6.71
C VAL B 126 -3.87 -3.92 5.97
N ALA B 127 -3.65 -2.61 5.91
CA ALA B 127 -2.46 -2.01 5.25
C ALA B 127 -1.12 -2.45 5.83
N ILE B 128 -1.09 -2.67 7.15
CA ILE B 128 0.11 -3.04 7.88
C ILE B 128 0.48 -4.51 7.68
N VAL B 129 -0.54 -5.35 7.61
CA VAL B 129 -0.39 -6.81 7.54
C VAL B 129 -0.38 -7.33 6.08
N ALA B 130 -1.08 -6.65 5.16
CA ALA B 130 -1.12 -7.08 3.76
C ALA B 130 0.24 -7.43 3.12
N PRO B 131 1.31 -6.64 3.37
CA PRO B 131 2.60 -7.05 2.80
C PRO B 131 3.20 -8.36 3.34
N MET B 132 2.69 -8.89 4.46
CA MET B 132 3.25 -10.12 5.04
C MET B 132 2.22 -11.25 5.16
N SER B 133 1.22 -11.23 4.30
CA SER B 133 0.16 -12.26 4.37
C SER B 133 -0.30 -12.75 2.98
N LYS B 134 -1.05 -13.85 2.97
CA LYS B 134 -1.60 -14.38 1.72
C LYS B 134 -2.88 -13.66 1.33
N TYR B 135 -3.51 -13.03 2.32
CA TYR B 135 -4.87 -12.51 2.21
C TYR B 135 -5.10 -11.65 3.45
N ALA B 136 -5.70 -10.47 3.27
CA ALA B 136 -5.99 -9.57 4.38
C ALA B 136 -7.24 -8.77 4.06
N VAL B 137 -8.22 -8.80 4.95
CA VAL B 137 -9.54 -8.20 4.75
C VAL B 137 -10.13 -7.63 6.05
N GLU B 138 -11.02 -6.64 5.92
CA GLU B 138 -11.78 -6.11 7.05
C GLU B 138 -13.25 -6.50 6.85
N LEU B 139 -13.85 -7.10 7.88
CA LEU B 139 -15.29 -7.38 7.90
C LEU B 139 -16.11 -6.09 7.81
N GLN B 140 -17.08 -6.08 6.91
CA GLN B 140 -17.97 -4.94 6.69
C GLN B 140 -19.45 -5.26 6.86
N ARG B 141 -19.85 -6.48 6.52
CA ARG B 141 -21.23 -6.92 6.66
C ARG B 141 -21.22 -8.22 7.45
N PRO B 142 -21.83 -8.23 8.67
CA PRO B 142 -21.66 -9.35 9.62
C PRO B 142 -21.86 -10.78 9.08
N HIS B 143 -22.86 -10.99 8.22
CA HIS B 143 -23.15 -12.33 7.68
C HIS B 143 -22.07 -12.85 6.71
N GLU B 144 -21.27 -11.94 6.17
CA GLU B 144 -20.22 -12.33 5.24
C GLU B 144 -18.99 -12.97 5.91
N ILE B 145 -18.95 -12.99 7.25
CA ILE B 145 -17.84 -13.60 7.99
C ILE B 145 -17.55 -15.04 7.55
N THR B 146 -18.62 -15.79 7.22
CA THR B 146 -18.49 -17.16 6.74
C THR B 146 -17.65 -17.30 5.43
N ASP B 147 -17.94 -16.46 4.44
CA ASP B 147 -17.18 -16.46 3.18
C ASP B 147 -15.78 -15.84 3.30
N LEU B 148 -15.58 -14.93 4.25
CA LEU B 148 -14.25 -14.38 4.53
C LEU B 148 -13.33 -15.46 5.12
N VAL B 149 -13.87 -16.26 6.04
CA VAL B 149 -13.13 -17.39 6.62
C VAL B 149 -12.74 -18.39 5.53
N ASP B 150 -13.70 -18.74 4.67
CA ASP B 150 -13.43 -19.60 3.52
C ASP B 150 -12.34 -19.03 2.58
N SER B 151 -12.42 -17.75 2.27
CA SER B 151 -11.41 -17.14 1.38
C SER B 151 -10.03 -17.08 2.02
N ALA B 152 -9.99 -16.83 3.32
CA ALA B 152 -8.78 -16.87 4.13
C ALA B 152 -8.11 -18.25 4.13
N VAL B 153 -8.90 -19.30 4.35
CA VAL B 153 -8.40 -20.68 4.31
C VAL B 153 -7.90 -21.05 2.90
N ASN B 154 -8.69 -20.70 1.88
CA ASN B 154 -8.25 -20.90 0.51
C ASN B 154 -6.85 -20.33 0.21
N ALA B 155 -6.62 -19.08 0.61
CA ALA B 155 -5.34 -18.38 0.32
C ALA B 155 -4.16 -18.91 1.16
N ALA B 156 -4.44 -19.26 2.43
CA ALA B 156 -3.46 -19.80 3.34
C ALA B 156 -2.93 -21.15 2.89
N MET B 157 -3.83 -21.96 2.33
CA MET B 157 -3.53 -23.34 1.89
C MET B 157 -3.09 -23.47 0.43
N THR B 158 -2.69 -22.38 -0.20
CA THR B 158 -2.07 -22.40 -1.53
C THR B 158 -0.59 -22.10 -1.39
N GLU B 159 0.26 -22.91 -2.03
CA GLU B 159 1.71 -22.76 -1.93
C GLU B 159 2.14 -21.43 -2.56
N PRO B 160 3.10 -20.72 -1.95
CA PRO B 160 3.72 -21.00 -0.64
C PRO B 160 2.75 -20.72 0.50
N VAL B 161 2.51 -21.70 1.36
CA VAL B 161 1.49 -21.56 2.38
C VAL B 161 1.88 -20.42 3.31
N GLY B 162 0.89 -19.81 3.95
CA GLY B 162 1.14 -18.64 4.77
C GLY B 162 -0.10 -18.20 5.51
N PRO B 163 0.01 -17.07 6.24
CA PRO B 163 -1.07 -16.62 7.09
C PRO B 163 -2.08 -15.77 6.32
N SER B 164 -3.35 -15.87 6.69
CA SER B 164 -4.40 -14.98 6.20
C SER B 164 -4.95 -14.17 7.37
N PHE B 165 -5.31 -12.92 7.11
CA PHE B 165 -5.70 -11.99 8.16
C PHE B 165 -7.12 -11.43 7.96
N ILE B 166 -7.91 -11.47 9.04
CA ILE B 166 -9.25 -10.82 9.06
C ILE B 166 -9.36 -9.82 10.23
N SER B 167 -9.65 -8.57 9.87
CA SER B 167 -9.84 -7.49 10.83
C SER B 167 -11.35 -7.38 11.17
N LEU B 168 -11.67 -7.28 12.47
CA LEU B 168 -13.06 -7.45 12.95
C LEU B 168 -13.57 -6.28 13.80
N PRO B 169 -14.20 -5.27 13.16
CA PRO B 169 -14.73 -4.14 13.95
C PRO B 169 -15.64 -4.64 15.06
N VAL B 170 -15.41 -4.17 16.29
CA VAL B 170 -16.09 -4.71 17.47
C VAL B 170 -17.63 -4.67 17.39
N ASP B 171 -18.18 -3.62 16.79
CA ASP B 171 -19.64 -3.52 16.62
C ASP B 171 -20.21 -4.62 15.69
N LEU B 172 -19.50 -4.91 14.59
CA LEU B 172 -19.95 -5.92 13.62
C LEU B 172 -19.75 -7.33 14.15
N LEU B 173 -18.66 -7.54 14.87
CA LEU B 173 -18.41 -8.80 15.56
C LEU B 173 -19.57 -9.19 16.50
N GLY B 174 -20.11 -8.22 17.25
CA GLY B 174 -21.28 -8.44 18.11
C GLY B 174 -22.67 -8.25 17.48
N SER B 175 -22.74 -8.12 16.16
CA SER B 175 -24.01 -7.91 15.49
C SER B 175 -24.60 -9.22 14.98
N SER B 176 -25.94 -9.29 14.96
CA SER B 176 -26.64 -10.42 14.36
C SER B 176 -27.34 -10.09 13.03
N GLU B 177 -27.10 -8.89 12.49
CA GLU B 177 -27.71 -8.48 11.21
C GLU B 177 -27.36 -9.43 10.04
N GLY B 178 -28.41 -10.01 9.45
CA GLY B 178 -28.28 -10.90 8.29
C GLY B 178 -27.90 -12.33 8.62
N ILE B 179 -27.74 -12.64 9.90
CA ILE B 179 -27.28 -13.96 10.31
C ILE B 179 -28.44 -14.86 10.72
N ASP B 180 -28.58 -15.96 9.97
CA ASP B 180 -29.61 -16.97 10.19
C ASP B 180 -28.97 -18.36 10.29
N THR B 181 -28.87 -18.90 11.51
CA THR B 181 -28.20 -20.18 11.71
C THR B 181 -29.15 -21.39 11.64
N THR B 182 -30.39 -21.14 11.21
CA THR B 182 -31.32 -22.22 10.89
C THR B 182 -30.96 -22.78 9.52
N VAL B 183 -30.43 -21.90 8.66
CA VAL B 183 -29.82 -22.30 7.40
C VAL B 183 -28.41 -22.85 7.68
N PRO B 184 -28.18 -24.15 7.41
CA PRO B 184 -26.84 -24.70 7.66
C PRO B 184 -25.80 -24.15 6.69
N ASN B 185 -24.56 -24.06 7.17
CA ASN B 185 -23.41 -23.69 6.35
C ASN B 185 -23.19 -24.71 5.22
N PRO B 186 -22.75 -24.22 4.04
CA PRO B 186 -22.31 -25.12 2.96
C PRO B 186 -21.02 -25.87 3.35
N PRO B 187 -20.68 -26.97 2.65
CA PRO B 187 -19.48 -27.74 3.01
C PRO B 187 -18.20 -26.89 3.01
N ALA B 188 -17.32 -27.18 3.97
CA ALA B 188 -16.05 -26.45 4.13
C ALA B 188 -15.06 -26.71 3.00
N ASN B 189 -14.96 -27.97 2.57
CA ASN B 189 -14.01 -28.44 1.55
C ASN B 189 -12.55 -28.03 1.81
N THR B 190 -12.10 -28.21 3.05
CA THR B 190 -10.75 -27.83 3.47
C THR B 190 -9.74 -28.68 2.69
N PRO B 191 -8.76 -28.04 2.01
CA PRO B 191 -7.82 -28.85 1.26
C PRO B 191 -7.05 -29.77 2.22
N ALA B 192 -6.82 -31.01 1.78
CA ALA B 192 -6.17 -32.04 2.61
C ALA B 192 -4.68 -31.83 2.66
N LYS B 193 -4.14 -31.17 1.62
CA LYS B 193 -2.76 -30.69 1.62
C LYS B 193 -2.72 -29.44 0.75
N PRO B 194 -1.61 -28.66 0.81
CA PRO B 194 -1.62 -27.37 0.09
C PRO B 194 -1.90 -27.50 -1.41
N VAL B 195 -2.72 -26.60 -1.93
CA VAL B 195 -2.92 -26.44 -3.36
C VAL B 195 -1.61 -25.92 -3.97
N GLY B 196 -1.23 -26.39 -5.14
CA GLY B 196 0.07 -26.00 -5.71
C GLY B 196 -0.05 -25.45 -7.10
N VAL B 197 1.01 -24.83 -7.60
CA VAL B 197 1.02 -24.41 -8.98
C VAL B 197 1.75 -25.46 -9.84
N VAL B 198 1.32 -25.60 -11.09
CA VAL B 198 1.74 -26.69 -11.95
C VAL B 198 1.96 -26.17 -13.37
N ALA B 199 3.19 -26.26 -13.87
CA ALA B 199 3.49 -25.84 -15.24
C ALA B 199 3.05 -26.92 -16.25
N ASP B 200 2.50 -26.49 -17.38
CA ASP B 200 2.26 -27.41 -18.51
C ASP B 200 3.60 -27.99 -18.93
N GLY B 201 3.61 -29.29 -19.26
CA GLY B 201 4.86 -29.93 -19.70
C GLY B 201 5.86 -30.24 -18.58
N TRP B 202 5.39 -30.23 -17.32
CA TRP B 202 6.23 -30.63 -16.20
C TRP B 202 6.72 -32.10 -16.32
N GLN B 203 5.91 -32.95 -16.93
CA GLN B 203 6.30 -34.36 -17.12
C GLN B 203 7.53 -34.50 -18.03
N LYS B 204 7.60 -33.67 -19.07
CA LYS B 204 8.74 -33.63 -19.98
C LYS B 204 9.98 -33.11 -19.25
N ALA B 205 9.81 -32.10 -18.40
CA ALA B 205 10.89 -31.61 -17.54
C ALA B 205 11.36 -32.67 -16.53
N ALA B 206 10.42 -33.42 -15.96
CA ALA B 206 10.77 -34.53 -15.07
C ALA B 206 11.55 -35.62 -15.81
N ASP B 207 11.20 -35.87 -17.07
CA ASP B 207 11.94 -36.76 -17.96
C ASP B 207 13.37 -36.27 -18.28
N GLN B 208 13.54 -34.96 -18.45
CA GLN B 208 14.87 -34.38 -18.62
C GLN B 208 15.72 -34.59 -17.36
N ALA B 209 15.07 -34.51 -16.20
CA ALA B 209 15.70 -34.77 -14.90
C ALA B 209 16.12 -36.24 -14.76
N ALA B 210 15.27 -37.15 -15.22
CA ALA B 210 15.63 -38.59 -15.24
C ALA B 210 16.84 -38.87 -16.14
N ALA B 211 16.89 -38.20 -17.29
CA ALA B 211 18.02 -38.30 -18.21
C ALA B 211 19.34 -37.77 -17.62
N LEU B 212 19.27 -36.72 -16.81
CA LEU B 212 20.46 -36.22 -16.10
C LEU B 212 20.93 -37.23 -15.04
N LEU B 213 19.98 -37.77 -14.28
CA LEU B 213 20.26 -38.81 -13.31
C LEU B 213 20.89 -40.05 -13.95
N ALA B 214 20.37 -40.45 -15.12
CA ALA B 214 20.91 -41.61 -15.86
C ALA B 214 22.42 -41.51 -16.06
N GLU B 215 22.89 -40.32 -16.43
CA GLU B 215 24.31 -40.07 -16.72
C GLU B 215 25.19 -39.71 -15.51
N ALA B 216 24.57 -39.45 -14.35
CA ALA B 216 25.30 -38.98 -13.17
C ALA B 216 26.05 -40.08 -12.41
N LYS B 217 27.23 -39.74 -11.89
CA LYS B 217 27.99 -40.65 -11.05
C LYS B 217 27.59 -40.52 -9.57
N HIS B 218 27.57 -39.28 -9.06
CA HIS B 218 27.22 -39.04 -7.66
C HIS B 218 26.07 -38.00 -7.48
N PRO B 219 24.81 -38.43 -7.67
CA PRO B 219 23.68 -37.52 -7.43
C PRO B 219 23.38 -37.34 -5.93
N VAL B 220 22.72 -36.24 -5.57
CA VAL B 220 22.15 -36.09 -4.21
C VAL B 220 20.75 -35.49 -4.26
N LEU B 221 19.93 -35.84 -3.27
CA LEU B 221 18.62 -35.23 -3.04
C LEU B 221 18.77 -34.26 -1.89
N VAL B 222 18.44 -33.00 -2.16
CA VAL B 222 18.42 -31.97 -1.13
C VAL B 222 16.95 -31.66 -0.80
N VAL B 223 16.48 -32.07 0.37
CA VAL B 223 15.04 -32.07 0.69
C VAL B 223 14.65 -30.91 1.62
N GLY B 224 13.61 -30.16 1.25
CA GLY B 224 13.11 -29.08 2.09
C GLY B 224 11.72 -29.37 2.62
N ALA B 225 11.21 -28.48 3.48
CA ALA B 225 9.90 -28.64 4.15
C ALA B 225 8.71 -28.87 3.22
N ALA B 226 8.73 -28.23 2.05
CA ALA B 226 7.61 -28.37 1.09
C ALA B 226 7.36 -29.82 0.69
N ALA B 227 8.40 -30.63 0.67
CA ALA B 227 8.29 -32.06 0.36
C ALA B 227 7.50 -32.82 1.42
N ILE B 228 7.66 -32.41 2.68
CA ILE B 228 6.93 -32.99 3.80
C ILE B 228 5.44 -32.59 3.79
N ARG B 229 5.17 -31.32 3.48
CA ARG B 229 3.80 -30.81 3.37
C ARG B 229 3.01 -31.58 2.32
N SER B 230 3.69 -31.90 1.21
CA SER B 230 3.10 -32.63 0.10
C SER B 230 2.79 -34.12 0.40
N GLY B 231 3.27 -34.61 1.54
CA GLY B 231 3.14 -36.00 1.95
C GLY B 231 4.09 -36.93 1.19
N ALA B 232 5.25 -36.40 0.80
CA ALA B 232 6.18 -37.13 -0.09
C ALA B 232 7.31 -37.90 0.60
N VAL B 233 7.33 -37.90 1.93
CA VAL B 233 8.47 -38.49 2.67
C VAL B 233 8.63 -39.99 2.40
N PRO B 234 7.56 -40.81 2.59
CA PRO B 234 7.73 -42.23 2.27
C PRO B 234 8.12 -42.53 0.81
N ALA B 235 7.64 -41.73 -0.13
CA ALA B 235 7.98 -41.92 -1.56
C ALA B 235 9.44 -41.54 -1.89
N ILE B 236 9.92 -40.46 -1.28
CA ILE B 236 11.31 -40.02 -1.40
C ILE B 236 12.27 -41.06 -0.80
N ARG B 237 11.95 -41.58 0.39
CA ARG B 237 12.77 -42.62 1.01
C ARG B 237 12.87 -43.89 0.13
N ALA B 238 11.73 -44.37 -0.39
CA ALA B 238 11.74 -45.57 -1.24
C ALA B 238 12.61 -45.38 -2.50
N LEU B 239 12.53 -44.20 -3.11
CA LEU B 239 13.33 -43.85 -4.29
C LEU B 239 14.82 -43.79 -3.96
N ALA B 240 15.16 -43.11 -2.86
CA ALA B 240 16.54 -43.00 -2.38
C ALA B 240 17.14 -44.37 -2.08
N GLU B 241 16.39 -45.21 -1.38
CA GLU B 241 16.82 -46.58 -1.05
C GLU B 241 17.02 -47.47 -2.29
N ARG B 242 16.10 -47.40 -3.25
CA ARG B 242 16.20 -48.18 -4.49
C ARG B 242 17.46 -47.79 -5.30
N LEU B 243 17.71 -46.50 -5.45
CA LEU B 243 18.77 -46.01 -6.33
C LEU B 243 20.10 -45.64 -5.63
N ASN B 244 20.15 -45.86 -4.31
CA ASN B 244 21.33 -45.54 -3.48
C ASN B 244 21.75 -44.06 -3.58
N ILE B 245 20.75 -43.18 -3.48
CA ILE B 245 20.97 -41.73 -3.56
C ILE B 245 20.92 -41.12 -2.16
N PRO B 246 22.02 -40.46 -1.74
CA PRO B 246 22.08 -39.77 -0.46
C PRO B 246 21.08 -38.62 -0.34
N VAL B 247 20.58 -38.44 0.89
CA VAL B 247 19.60 -37.41 1.23
C VAL B 247 20.21 -36.39 2.20
N ILE B 248 20.25 -35.14 1.76
CA ILE B 248 20.72 -34.00 2.53
C ILE B 248 19.48 -33.13 2.78
N THR B 249 19.42 -32.48 3.94
CA THR B 249 18.24 -31.69 4.29
C THR B 249 18.57 -30.25 4.72
N THR B 250 17.53 -29.41 4.70
CA THR B 250 17.46 -28.12 5.40
C THR B 250 17.26 -28.34 6.91
N TYR B 251 17.25 -27.27 7.71
CA TYR B 251 17.04 -27.39 9.18
C TYR B 251 15.83 -28.23 9.58
N ILE B 252 14.67 -27.95 8.99
CA ILE B 252 13.44 -28.60 9.48
C ILE B 252 12.96 -29.82 8.69
N ALA B 253 13.69 -30.17 7.63
CA ALA B 253 13.49 -31.45 6.97
C ALA B 253 14.38 -32.55 7.60
N LYS B 254 15.05 -32.24 8.72
CA LYS B 254 15.74 -33.30 9.48
C LYS B 254 14.73 -34.35 9.91
N GLY B 255 15.05 -35.63 9.71
CA GLY B 255 14.15 -36.69 10.11
C GLY B 255 13.39 -37.34 8.96
N VAL B 256 13.58 -36.84 7.73
CA VAL B 256 13.01 -37.51 6.55
C VAL B 256 13.52 -38.96 6.43
N LEU B 257 14.75 -39.19 6.90
CA LEU B 257 15.27 -40.53 7.18
C LEU B 257 15.54 -40.69 8.68
N PRO B 258 15.34 -41.91 9.23
CA PRO B 258 15.64 -42.23 10.63
C PRO B 258 17.09 -41.99 10.99
N VAL B 259 17.35 -41.73 12.27
CA VAL B 259 18.73 -41.65 12.75
C VAL B 259 19.36 -43.02 12.52
N GLY B 260 20.57 -43.02 11.98
CA GLY B 260 21.29 -44.25 11.74
C GLY B 260 21.24 -44.73 10.30
N HIS B 261 20.23 -44.29 9.54
CA HIS B 261 20.08 -44.64 8.13
C HIS B 261 21.36 -44.29 7.34
N GLU B 262 21.79 -45.19 6.45
CA GLU B 262 23.06 -45.03 5.75
C GLU B 262 23.04 -43.91 4.70
N LEU B 263 21.85 -43.53 4.23
CA LEU B 263 21.73 -42.49 3.21
C LEU B 263 21.46 -41.09 3.81
N ASN B 264 21.36 -41.05 5.14
CA ASN B 264 21.13 -39.81 5.90
C ASN B 264 22.45 -39.09 6.04
N TYR B 265 22.68 -38.13 5.14
CA TYR B 265 23.96 -37.40 5.07
C TYR B 265 23.95 -36.08 5.85
N GLY B 266 22.90 -35.83 6.62
CA GLY B 266 22.86 -34.65 7.50
C GLY B 266 22.17 -33.42 6.95
N ALA B 267 21.99 -32.42 7.80
CA ALA B 267 21.44 -31.12 7.42
C ALA B 267 22.57 -30.12 7.14
N VAL B 268 22.27 -29.10 6.34
CA VAL B 268 23.23 -28.05 6.02
C VAL B 268 22.94 -26.77 6.82
N THR B 269 23.99 -26.17 7.36
CA THR B 269 23.93 -24.81 7.87
C THR B 269 25.14 -24.05 7.35
N GLY B 270 24.98 -22.77 7.01
CA GLY B 270 26.09 -21.93 6.55
C GLY B 270 27.21 -21.79 7.59
N TYR B 271 26.91 -22.18 8.83
CA TYR B 271 27.85 -22.05 9.94
C TYR B 271 28.68 -23.34 10.18
N MET B 272 28.42 -24.40 9.42
CA MET B 272 28.98 -25.71 9.75
C MET B 272 30.53 -25.83 9.67
N ASP B 273 31.14 -25.25 8.64
CA ASP B 273 32.60 -25.26 8.53
C ASP B 273 33.24 -24.52 9.71
N GLY B 274 32.69 -23.34 10.01
CA GLY B 274 33.15 -22.54 11.15
C GLY B 274 33.02 -23.23 12.48
N ILE B 275 31.87 -23.83 12.73
CA ILE B 275 31.63 -24.57 14.00
C ILE B 275 32.53 -25.80 14.18
N LEU B 276 32.78 -26.51 13.09
CA LEU B 276 33.51 -27.78 13.15
C LEU B 276 35.02 -27.65 12.91
N ASN B 277 35.48 -26.49 12.44
CA ASN B 277 36.84 -26.33 11.88
C ASN B 277 37.17 -27.51 10.96
N PHE B 278 36.37 -27.64 9.90
CA PHE B 278 36.40 -28.80 9.03
C PHE B 278 35.84 -28.39 7.67
N PRO B 279 36.44 -28.91 6.56
CA PRO B 279 35.85 -28.71 5.23
C PRO B 279 34.52 -29.48 5.04
N ALA B 280 33.48 -29.11 5.77
CA ALA B 280 32.24 -29.89 5.83
C ALA B 280 31.43 -29.83 4.53
N LEU B 281 31.30 -28.63 3.97
CA LEU B 281 30.55 -28.44 2.74
C LEU B 281 31.23 -29.08 1.52
N GLN B 282 32.56 -28.99 1.47
CA GLN B 282 33.37 -29.66 0.43
C GLN B 282 33.22 -31.17 0.52
N THR B 283 33.22 -31.70 1.74
CA THR B 283 33.03 -33.14 1.92
C THR B 283 31.65 -33.57 1.42
N MET B 284 30.62 -32.78 1.73
CA MET B 284 29.25 -33.06 1.31
C MET B 284 29.01 -32.96 -0.19
N PHE B 285 29.59 -31.94 -0.82
CA PHE B 285 29.21 -31.58 -2.18
C PHE B 285 30.27 -31.68 -3.29
N ALA B 286 31.56 -31.74 -2.94
CA ALA B 286 32.63 -31.62 -3.96
C ALA B 286 32.58 -32.63 -5.14
N PRO B 287 32.43 -33.94 -4.84
CA PRO B 287 32.33 -34.97 -5.89
C PRO B 287 30.94 -35.15 -6.53
N VAL B 288 29.93 -34.44 -6.02
CA VAL B 288 28.57 -34.52 -6.54
C VAL B 288 28.46 -33.87 -7.91
N ASP B 289 27.86 -34.56 -8.86
CA ASP B 289 27.66 -33.97 -10.19
C ASP B 289 26.21 -33.56 -10.52
N LEU B 290 25.26 -33.96 -9.66
CA LEU B 290 23.85 -33.64 -9.85
C LEU B 290 23.13 -33.40 -8.51
N VAL B 291 22.58 -32.19 -8.35
CA VAL B 291 21.82 -31.80 -7.18
C VAL B 291 20.34 -31.67 -7.55
N LEU B 292 19.49 -32.50 -6.96
CA LEU B 292 18.04 -32.33 -7.07
C LEU B 292 17.52 -31.66 -5.81
N THR B 293 17.04 -30.44 -5.94
CA THR B 293 16.48 -29.69 -4.82
C THR B 293 14.96 -29.95 -4.79
N VAL B 294 14.56 -30.90 -3.94
CA VAL B 294 13.22 -31.44 -3.92
C VAL B 294 12.38 -30.61 -2.93
N GLY B 295 11.45 -29.82 -3.46
CA GLY B 295 10.73 -28.83 -2.66
C GLY B 295 11.62 -27.68 -2.22
N TYR B 296 12.40 -27.11 -3.14
CA TYR B 296 13.29 -26.00 -2.81
C TYR B 296 12.56 -24.72 -2.37
N ASP B 297 13.09 -24.10 -1.32
CA ASP B 297 12.62 -22.79 -0.87
C ASP B 297 13.81 -22.04 -0.31
N TYR B 298 14.19 -20.97 -0.99
CA TYR B 298 15.29 -20.08 -0.57
C TYR B 298 15.20 -19.58 0.86
N ALA B 299 13.98 -19.36 1.36
CA ALA B 299 13.76 -18.83 2.71
C ALA B 299 14.32 -19.74 3.80
N GLU B 300 14.46 -21.03 3.47
CA GLU B 300 15.06 -22.04 4.37
C GLU B 300 16.57 -21.86 4.55
N ASP B 301 17.17 -20.96 3.77
CA ASP B 301 18.56 -20.56 3.88
C ASP B 301 19.59 -21.68 3.58
N LEU B 302 19.20 -22.63 2.76
CA LEU B 302 20.18 -23.48 2.09
C LEU B 302 20.32 -22.85 0.70
N ARG B 303 21.42 -22.16 0.50
CA ARG B 303 21.61 -21.29 -0.64
C ARG B 303 22.50 -21.97 -1.68
N PRO B 304 22.30 -21.69 -2.99
CA PRO B 304 23.12 -22.32 -4.04
C PRO B 304 24.63 -22.21 -3.81
N SER B 305 25.10 -21.10 -3.24
CA SER B 305 26.52 -20.95 -2.92
C SER B 305 27.05 -22.07 -2.02
N MET B 306 26.19 -22.63 -1.18
CA MET B 306 26.58 -23.68 -0.26
C MET B 306 26.87 -25.02 -0.93
N TRP B 307 26.22 -25.32 -2.06
CA TRP B 307 26.47 -26.60 -2.73
C TRP B 307 27.43 -26.49 -3.91
N GLN B 308 27.83 -25.26 -4.21
CA GLN B 308 28.70 -25.02 -5.36
C GLN B 308 30.18 -25.20 -4.97
N LYS B 309 30.52 -26.45 -4.70
CA LYS B 309 31.84 -26.83 -4.20
C LYS B 309 32.40 -27.89 -5.13
N GLY B 310 33.69 -27.79 -5.46
CA GLY B 310 34.36 -28.82 -6.26
C GLY B 310 34.00 -28.82 -7.73
N ILE B 311 33.58 -29.97 -8.24
CA ILE B 311 33.27 -30.10 -9.68
C ILE B 311 31.98 -29.37 -10.04
N GLU B 312 31.86 -29.04 -11.33
CA GLU B 312 30.65 -28.47 -11.89
C GLU B 312 29.46 -29.43 -11.75
N LYS B 313 28.31 -28.90 -11.33
CA LYS B 313 27.11 -29.69 -11.13
C LYS B 313 25.98 -29.25 -12.05
N LYS B 314 25.08 -30.18 -12.38
CA LYS B 314 23.78 -29.84 -12.93
C LYS B 314 22.79 -29.77 -11.77
N THR B 315 21.76 -28.94 -11.90
CA THR B 315 20.74 -28.83 -10.85
C THR B 315 19.32 -29.03 -11.39
N VAL B 316 18.50 -29.69 -10.58
CA VAL B 316 17.09 -29.86 -10.87
C VAL B 316 16.27 -29.26 -9.73
N ARG B 317 15.45 -28.26 -10.04
CA ARG B 317 14.55 -27.68 -9.05
C ARG B 317 13.18 -28.34 -9.16
N ILE B 318 12.66 -28.83 -8.04
CA ILE B 318 11.29 -29.33 -7.98
C ILE B 318 10.54 -28.54 -6.91
N SER B 319 9.45 -27.88 -7.31
CA SER B 319 8.69 -27.01 -6.40
C SER B 319 7.31 -26.71 -6.95
N PRO B 320 6.29 -26.65 -6.06
CA PRO B 320 4.92 -26.26 -6.41
C PRO B 320 4.73 -24.74 -6.57
N THR B 321 5.79 -24.04 -6.96
CA THR B 321 5.76 -22.60 -7.25
C THR B 321 6.71 -22.28 -8.38
N VAL B 322 6.45 -21.17 -9.06
CA VAL B 322 7.35 -20.63 -10.06
C VAL B 322 8.59 -20.05 -9.32
N ASN B 323 9.77 -20.20 -9.93
CA ASN B 323 11.01 -19.70 -9.34
C ASN B 323 10.93 -18.20 -9.05
N PRO B 324 10.94 -17.81 -7.76
CA PRO B 324 10.88 -16.37 -7.44
C PRO B 324 12.24 -15.68 -7.46
N ILE B 325 13.32 -16.45 -7.59
CA ILE B 325 14.68 -15.90 -7.46
C ILE B 325 15.67 -16.26 -8.60
N PRO B 326 15.31 -15.96 -9.87
CA PRO B 326 16.25 -16.25 -10.97
C PRO B 326 17.60 -15.50 -10.91
N ARG B 327 17.68 -14.42 -10.13
CA ARG B 327 18.95 -13.72 -9.91
C ARG B 327 19.96 -14.62 -9.21
N VAL B 328 19.44 -15.52 -8.37
CA VAL B 328 20.25 -16.32 -7.44
C VAL B 328 20.35 -17.79 -7.87
N TYR B 329 19.24 -18.33 -8.34
CA TYR B 329 19.16 -19.75 -8.65
C TYR B 329 18.57 -19.91 -10.04
N ARG B 330 19.39 -20.41 -10.95
CA ARG B 330 18.92 -20.78 -12.28
C ARG B 330 19.14 -22.25 -12.57
N PRO B 331 18.17 -23.12 -12.16
CA PRO B 331 18.33 -24.56 -12.34
C PRO B 331 18.41 -24.97 -13.81
N ASP B 332 19.20 -26.00 -14.10
CA ASP B 332 19.29 -26.55 -15.46
C ASP B 332 17.95 -27.12 -15.90
N VAL B 333 17.23 -27.73 -14.96
CA VAL B 333 15.87 -28.23 -15.18
C VAL B 333 14.98 -27.72 -14.03
N ASP B 334 13.83 -27.16 -14.38
CA ASP B 334 12.87 -26.65 -13.40
C ASP B 334 11.55 -27.40 -13.55
N VAL B 335 11.16 -28.13 -12.51
CA VAL B 335 9.93 -28.89 -12.52
C VAL B 335 8.92 -28.23 -11.55
N VAL B 336 7.98 -27.48 -12.11
CA VAL B 336 6.96 -26.81 -11.32
C VAL B 336 5.73 -27.71 -11.21
N THR B 337 5.58 -28.34 -10.05
CA THR B 337 4.52 -29.31 -9.82
C THR B 337 4.45 -29.69 -8.33
N ASP B 338 3.42 -30.44 -7.95
CA ASP B 338 3.32 -31.02 -6.61
C ASP B 338 4.48 -32.00 -6.39
N VAL B 339 5.16 -31.90 -5.27
CA VAL B 339 6.30 -32.79 -5.00
C VAL B 339 5.94 -34.28 -5.14
N LEU B 340 4.86 -34.73 -4.49
CA LEU B 340 4.49 -36.14 -4.60
C LEU B 340 4.21 -36.58 -6.05
N ALA B 341 3.46 -35.77 -6.79
CA ALA B 341 3.24 -36.02 -8.20
C ALA B 341 4.57 -36.17 -8.96
N PHE B 342 5.54 -35.29 -8.68
CA PHE B 342 6.88 -35.43 -9.30
C PHE B 342 7.53 -36.78 -8.99
N VAL B 343 7.57 -37.16 -7.72
CA VAL B 343 8.23 -38.39 -7.31
C VAL B 343 7.57 -39.63 -7.93
N GLU B 344 6.25 -39.64 -8.01
CA GLU B 344 5.51 -40.77 -8.56
C GLU B 344 5.76 -40.92 -10.06
N HIS B 345 5.88 -39.79 -10.75
CA HIS B 345 6.22 -39.79 -12.17
C HIS B 345 7.67 -40.26 -12.37
N PHE B 346 8.54 -39.80 -11.49
CA PHE B 346 9.96 -40.09 -11.51
C PHE B 346 10.26 -41.56 -11.24
N GLU B 347 9.47 -42.18 -10.37
CA GLU B 347 9.55 -43.61 -10.11
C GLU B 347 9.30 -44.42 -11.38
N THR B 348 8.28 -44.02 -12.15
CA THR B 348 7.95 -44.67 -13.42
C THR B 348 9.07 -44.46 -14.45
N ALA B 349 9.57 -43.23 -14.56
CA ALA B 349 10.63 -42.90 -15.51
C ALA B 349 11.99 -43.55 -15.18
N THR B 350 12.21 -43.88 -13.90
CA THR B 350 13.49 -44.47 -13.48
C THR B 350 13.35 -45.93 -13.02
N ALA B 351 12.21 -46.55 -13.30
CA ALA B 351 11.96 -47.93 -12.88
C ALA B 351 13.06 -48.92 -13.35
N SER B 352 13.55 -48.72 -14.57
CA SER B 352 14.60 -49.59 -15.13
C SER B 352 16.03 -49.29 -14.64
N PHE B 353 16.21 -48.17 -13.95
CA PHE B 353 17.50 -47.75 -13.37
C PHE B 353 17.94 -48.65 -12.22
N GLY B 354 19.26 -48.81 -12.09
CA GLY B 354 19.86 -49.52 -10.96
C GLY B 354 20.53 -48.57 -9.98
N ALA B 355 21.14 -49.12 -8.94
CA ALA B 355 21.70 -48.32 -7.86
C ALA B 355 23.05 -47.70 -8.21
N LYS B 356 23.20 -46.42 -7.87
CA LYS B 356 24.45 -45.68 -8.02
C LYS B 356 25.48 -46.08 -6.95
N GLN B 357 26.72 -45.65 -7.17
CA GLN B 357 27.72 -45.65 -6.11
C GLN B 357 27.64 -44.29 -5.40
N ARG B 358 27.44 -44.29 -4.08
CA ARG B 358 27.35 -43.02 -3.36
C ARG B 358 28.73 -42.55 -2.90
N HIS B 359 28.91 -41.23 -2.78
CA HIS B 359 30.21 -40.68 -2.35
C HIS B 359 30.43 -40.79 -0.83
N ASP B 360 31.69 -40.78 -0.45
CA ASP B 360 32.14 -41.06 0.90
C ASP B 360 32.22 -39.76 1.71
N ILE B 361 31.51 -39.73 2.83
CA ILE B 361 31.54 -38.59 3.77
C ILE B 361 31.98 -39.02 5.17
N GLU B 362 32.56 -40.21 5.30
CA GLU B 362 33.06 -40.71 6.60
C GLU B 362 33.96 -39.77 7.39
N PRO B 363 34.88 -39.01 6.72
CA PRO B 363 35.66 -38.02 7.47
C PRO B 363 34.80 -36.97 8.18
N LEU B 364 33.70 -36.55 7.55
CA LEU B 364 32.74 -35.62 8.16
C LEU B 364 31.92 -36.28 9.28
N ARG B 365 31.51 -37.53 9.07
CA ARG B 365 30.85 -38.30 10.13
C ARG B 365 31.74 -38.50 11.34
N ALA B 366 33.05 -38.66 11.11
CA ALA B 366 34.00 -38.86 12.21
C ALA B 366 34.14 -37.60 13.06
N ARG B 367 34.25 -36.46 12.40
CA ARG B 367 34.38 -35.16 13.06
C ARG B 367 33.16 -34.82 13.93
N ILE B 368 31.97 -35.02 13.38
CA ILE B 368 30.71 -34.85 14.12
C ILE B 368 30.67 -35.75 15.36
N ALA B 369 31.06 -37.02 15.20
CA ALA B 369 31.05 -37.99 16.29
C ALA B 369 32.02 -37.61 17.41
N GLU B 370 33.18 -37.08 17.02
CA GLU B 370 34.20 -36.57 17.94
C GLU B 370 33.65 -35.47 18.85
N PHE B 371 32.94 -34.50 18.26
CA PHE B 371 32.29 -33.41 19.00
C PHE B 371 31.27 -33.93 20.01
N LEU B 372 30.38 -34.81 19.56
CA LEU B 372 29.35 -35.39 20.40
C LEU B 372 29.91 -36.21 21.57
N ALA B 373 31.05 -36.85 21.35
CA ALA B 373 31.68 -37.68 22.37
C ALA B 373 32.62 -36.92 23.33
N ASP B 374 32.94 -35.65 23.00
CA ASP B 374 33.84 -34.79 23.79
C ASP B 374 33.77 -35.03 25.31
N PRO B 375 34.82 -35.66 25.87
CA PRO B 375 34.81 -36.07 27.26
C PRO B 375 35.39 -35.01 28.23
N GLU B 376 35.99 -33.96 27.67
CA GLU B 376 36.63 -32.92 28.47
C GLU B 376 35.67 -32.20 29.43
N THR B 377 36.22 -31.76 30.56
CA THR B 377 35.52 -30.93 31.54
C THR B 377 36.14 -29.54 31.44
N TYR B 378 35.32 -28.52 31.24
CA TYR B 378 35.84 -27.17 31.04
C TYR B 378 35.72 -26.35 32.32
N GLU B 379 36.61 -25.37 32.48
CA GLU B 379 36.61 -24.51 33.66
C GLU B 379 35.39 -23.59 33.63
N ASP B 380 35.11 -23.06 32.44
CA ASP B 380 34.11 -22.02 32.23
C ASP B 380 32.78 -22.54 31.65
N GLY B 381 32.22 -23.59 32.26
CA GLY B 381 30.95 -24.15 31.81
C GLY B 381 31.04 -25.24 30.77
N MET B 382 29.90 -25.81 30.41
CA MET B 382 29.80 -26.84 29.38
C MET B 382 29.95 -26.26 27.97
N ARG B 383 30.22 -27.12 27.00
CA ARG B 383 30.14 -26.76 25.58
C ARG B 383 28.79 -27.23 25.04
N VAL B 384 28.23 -26.47 24.08
CA VAL B 384 26.88 -26.75 23.57
C VAL B 384 26.75 -28.15 22.95
N HIS B 385 27.81 -28.61 22.29
CA HIS B 385 27.77 -29.95 21.69
C HIS B 385 27.65 -31.06 22.73
N GLN B 386 28.25 -30.85 23.91
CA GLN B 386 28.05 -31.77 25.04
C GLN B 386 26.62 -31.73 25.57
N VAL B 387 26.03 -30.52 25.59
CA VAL B 387 24.65 -30.31 26.00
C VAL B 387 23.67 -31.08 25.10
N ILE B 388 23.84 -30.94 23.78
CA ILE B 388 23.00 -31.63 22.81
C ILE B 388 23.16 -33.15 22.87
N ASP B 389 24.40 -33.62 23.01
CA ASP B 389 24.66 -35.06 23.17
C ASP B 389 23.91 -35.68 24.36
N SER B 390 23.90 -34.97 25.50
CA SER B 390 23.12 -35.41 26.68
C SER B 390 21.61 -35.41 26.42
N MET B 391 21.13 -34.38 25.74
CA MET B 391 19.72 -34.34 25.31
C MET B 391 19.38 -35.48 24.37
N ASN B 392 20.23 -35.74 23.38
CA ASN B 392 20.07 -36.89 22.48
C ASN B 392 19.88 -38.21 23.22
N THR B 393 20.76 -38.44 24.20
CA THR B 393 20.77 -39.67 25.00
C THR B 393 19.43 -39.96 25.68
N VAL B 394 18.91 -38.95 26.39
CA VAL B 394 17.68 -39.09 27.16
C VAL B 394 16.43 -39.11 26.28
N MET B 395 16.45 -38.37 25.17
CA MET B 395 15.35 -38.42 24.20
C MET B 395 15.19 -39.84 23.64
N GLU B 396 16.30 -40.46 23.26
CA GLU B 396 16.31 -41.86 22.81
C GLU B 396 15.73 -42.81 23.89
N GLU B 397 16.10 -42.56 25.15
CA GLU B 397 15.54 -43.32 26.29
C GLU B 397 14.04 -43.09 26.46
N ALA B 398 13.63 -41.82 26.45
CA ALA B 398 12.25 -41.44 26.76
C ALA B 398 11.23 -41.71 25.65
N ALA B 399 11.61 -41.46 24.39
CA ALA B 399 10.69 -41.59 23.26
C ALA B 399 10.60 -43.02 22.74
N GLU B 400 9.43 -43.40 22.23
CA GLU B 400 9.33 -44.60 21.40
C GLU B 400 10.10 -44.39 20.08
N PRO B 401 10.50 -45.48 19.39
CA PRO B 401 11.07 -45.38 18.03
C PRO B 401 10.24 -44.49 17.09
N GLY B 402 10.91 -43.57 16.40
CA GLY B 402 10.23 -42.63 15.51
C GLY B 402 9.36 -41.56 16.19
N GLU B 403 9.56 -41.32 17.47
CA GLU B 403 8.77 -40.32 18.20
C GLU B 403 9.69 -39.34 18.92
N GLY B 404 9.11 -38.33 19.58
CA GLY B 404 9.88 -37.29 20.26
C GLY B 404 10.19 -36.09 19.39
N THR B 405 10.24 -34.91 20.03
CA THR B 405 10.56 -33.65 19.34
C THR B 405 11.61 -32.90 20.14
N ILE B 406 12.68 -32.49 19.48
CA ILE B 406 13.58 -31.50 20.07
C ILE B 406 13.31 -30.16 19.39
N VAL B 407 12.95 -29.17 20.20
CA VAL B 407 12.67 -27.82 19.73
C VAL B 407 13.87 -26.92 20.01
N SER B 408 14.18 -26.03 19.07
CA SER B 408 15.27 -25.08 19.27
C SER B 408 14.85 -23.61 19.05
N ASP B 409 15.22 -22.75 20.00
CA ASP B 409 15.11 -21.30 19.84
C ASP B 409 16.25 -20.85 18.92
N ILE B 410 16.53 -19.55 18.91
CA ILE B 410 17.42 -18.95 17.92
C ILE B 410 18.68 -18.37 18.59
N GLY B 411 19.82 -18.53 17.92
CA GLY B 411 21.10 -18.13 18.49
C GLY B 411 22.23 -18.95 17.90
N PHE B 412 23.44 -18.75 18.38
CA PHE B 412 24.59 -19.49 17.89
C PHE B 412 24.38 -20.99 18.16
N PHE B 413 23.84 -21.31 19.33
CA PHE B 413 23.59 -22.68 19.76
C PHE B 413 22.63 -23.45 18.84
N ARG B 414 21.76 -22.73 18.13
CA ARG B 414 20.77 -23.35 17.23
C ARG B 414 21.43 -24.09 16.07
N HIS B 415 22.55 -23.55 15.61
CA HIS B 415 23.31 -24.18 14.55
C HIS B 415 24.08 -25.43 14.99
N TYR B 416 24.36 -25.54 16.29
CA TYR B 416 24.82 -26.78 16.90
C TYR B 416 23.68 -27.80 16.88
N GLY B 417 22.46 -27.32 17.14
CA GLY B 417 21.27 -28.15 17.01
C GLY B 417 21.08 -28.73 15.62
N VAL B 418 21.23 -27.89 14.60
CA VAL B 418 21.10 -28.32 13.19
C VAL B 418 22.07 -29.49 12.92
N LEU B 419 23.32 -29.33 13.35
CA LEU B 419 24.38 -30.34 13.19
C LEU B 419 24.26 -31.59 14.07
N PHE B 420 23.82 -31.40 15.31
CA PHE B 420 23.99 -32.44 16.34
C PHE B 420 22.72 -33.05 16.89
N ALA B 421 21.60 -32.35 16.78
CA ALA B 421 20.38 -32.83 17.43
C ALA B 421 19.72 -34.01 16.71
N ARG B 422 19.16 -34.91 17.53
CA ARG B 422 18.46 -36.10 17.08
C ARG B 422 17.08 -35.78 16.53
N ALA B 423 16.76 -36.40 15.39
CA ALA B 423 15.46 -36.29 14.76
C ALA B 423 15.10 -37.64 14.17
N ASP B 424 14.19 -38.34 14.84
CA ASP B 424 13.84 -39.68 14.40
C ASP B 424 12.53 -39.74 13.64
N GLN B 425 12.02 -38.56 13.26
CA GLN B 425 10.81 -38.42 12.43
C GLN B 425 10.81 -37.05 11.73
N PRO B 426 9.98 -36.89 10.67
CA PRO B 426 9.83 -35.55 10.09
C PRO B 426 9.29 -34.55 11.12
N PHE B 427 9.88 -33.35 11.11
CA PHE B 427 9.66 -32.32 12.13
C PHE B 427 10.03 -32.78 13.55
N GLY B 428 10.97 -33.73 13.64
CA GLY B 428 11.46 -34.24 14.92
C GLY B 428 12.45 -33.28 15.56
N PHE B 429 13.02 -32.38 14.75
CA PHE B 429 13.81 -31.24 15.22
C PHE B 429 13.16 -29.97 14.66
N LEU B 430 12.61 -29.16 15.56
CA LEU B 430 11.86 -27.99 15.15
C LEU B 430 12.58 -26.71 15.49
N THR B 431 12.71 -25.83 14.50
CA THR B 431 13.22 -24.50 14.70
C THR B 431 12.61 -23.59 13.63
N SER B 432 12.86 -22.30 13.70
CA SER B 432 12.30 -21.36 12.75
C SER B 432 13.19 -21.23 11.51
N ALA B 433 12.66 -21.60 10.35
CA ALA B 433 13.42 -21.63 9.11
C ALA B 433 13.63 -20.25 8.50
N GLY B 434 12.55 -19.59 8.09
CA GLY B 434 12.65 -18.32 7.37
C GLY B 434 12.66 -17.06 8.20
N CYS B 435 12.01 -17.11 9.36
CA CYS B 435 11.84 -15.91 10.17
C CYS B 435 12.94 -15.76 11.22
N SER B 436 13.23 -16.83 11.95
CA SER B 436 14.28 -16.85 12.98
C SER B 436 14.16 -15.73 14.04
N SER B 437 12.96 -15.55 14.56
CA SER B 437 12.75 -14.61 15.67
C SER B 437 13.22 -15.25 16.96
N PHE B 438 14.04 -14.55 17.74
CA PHE B 438 14.35 -15.07 19.08
C PHE B 438 13.07 -15.08 19.93
N GLY B 439 12.99 -15.98 20.90
CA GLY B 439 11.77 -16.15 21.68
C GLY B 439 10.86 -17.24 21.18
N TYR B 440 11.21 -17.80 20.02
CA TYR B 440 10.45 -18.83 19.29
C TYR B 440 10.22 -20.12 20.08
N GLY B 441 11.19 -20.49 20.92
CA GLY B 441 11.21 -21.79 21.60
C GLY B 441 10.01 -22.22 22.42
N ILE B 442 9.61 -21.38 23.38
CA ILE B 442 8.44 -21.68 24.22
C ILE B 442 7.15 -21.88 23.39
N PRO B 443 6.77 -20.89 22.55
CA PRO B 443 5.59 -21.16 21.72
C PRO B 443 5.70 -22.38 20.78
N ALA B 444 6.88 -22.64 20.24
CA ALA B 444 7.06 -23.81 19.36
C ALA B 444 6.93 -25.14 20.13
N ALA B 445 7.48 -25.16 21.35
CA ALA B 445 7.33 -26.30 22.24
C ALA B 445 5.88 -26.51 22.69
N ILE B 446 5.14 -25.42 22.96
CA ILE B 446 3.71 -25.51 23.26
C ILE B 446 2.94 -26.15 22.08
N GLY B 447 3.14 -25.63 20.87
CA GLY B 447 2.55 -26.22 19.68
C GLY B 447 2.88 -27.70 19.46
N ALA B 448 4.16 -28.06 19.61
CA ALA B 448 4.64 -29.43 19.39
C ALA B 448 4.04 -30.42 20.39
N GLN B 449 4.03 -30.02 21.67
CA GLN B 449 3.50 -30.87 22.73
C GLN B 449 1.99 -31.08 22.58
N MET B 450 1.28 -30.05 22.14
CA MET B 450 -0.15 -30.18 21.86
C MET B 450 -0.47 -31.02 20.61
N ALA B 451 0.43 -30.99 19.63
CA ALA B 451 0.30 -31.80 18.42
C ALA B 451 0.63 -33.28 18.69
N ARG B 452 1.58 -33.51 19.58
CA ARG B 452 2.05 -34.86 19.92
C ARG B 452 1.93 -35.07 21.42
N PRO B 453 0.67 -35.17 21.93
CA PRO B 453 0.45 -35.14 23.38
C PRO B 453 1.15 -36.26 24.17
N ASP B 454 1.39 -37.40 23.53
CA ASP B 454 1.95 -38.53 24.24
C ASP B 454 3.43 -38.75 23.97
N GLN B 455 4.10 -37.75 23.39
CA GLN B 455 5.53 -37.85 23.10
C GLN B 455 6.35 -36.86 23.92
N PRO B 456 7.61 -37.20 24.24
CA PRO B 456 8.46 -36.21 24.92
C PRO B 456 8.89 -35.01 24.04
N THR B 457 8.87 -33.83 24.65
CA THR B 457 9.24 -32.59 24.01
C THR B 457 10.33 -31.90 24.84
N PHE B 458 11.51 -31.77 24.23
CA PHE B 458 12.62 -31.05 24.83
C PHE B 458 12.78 -29.70 24.11
N LEU B 459 13.07 -28.65 24.86
CA LEU B 459 13.43 -27.36 24.28
C LEU B 459 14.84 -26.97 24.68
N ILE B 460 15.62 -26.49 23.71
CA ILE B 460 16.89 -25.82 24.01
C ILE B 460 16.82 -24.38 23.56
N ALA B 461 17.23 -23.47 24.45
CA ALA B 461 17.19 -22.03 24.20
C ALA B 461 18.40 -21.39 24.87
N GLY B 462 18.87 -20.28 24.31
CA GLY B 462 19.95 -19.50 24.91
C GLY B 462 19.35 -18.40 25.78
N ASP B 463 20.17 -17.79 26.61
CA ASP B 463 19.70 -16.78 27.58
C ASP B 463 19.07 -15.54 26.94
N GLY B 464 19.68 -15.03 25.87
CA GLY B 464 19.17 -13.87 25.14
C GLY B 464 17.78 -14.08 24.57
N GLY B 465 17.64 -15.09 23.72
CA GLY B 465 16.36 -15.40 23.08
C GLY B 465 15.31 -15.91 24.04
N PHE B 466 15.72 -16.76 24.98
CA PHE B 466 14.76 -17.28 25.94
C PHE B 466 14.13 -16.18 26.81
N HIS B 467 14.95 -15.24 27.27
CA HIS B 467 14.45 -14.22 28.18
C HIS B 467 13.60 -13.18 27.47
N SER B 468 13.71 -13.09 26.14
CA SER B 468 12.88 -12.18 25.36
C SER B 468 11.41 -12.55 25.41
N ASN B 469 11.11 -13.81 25.77
CA ASN B 469 9.75 -14.32 25.75
C ASN B 469 9.52 -15.33 26.88
N SER B 470 10.18 -15.13 28.01
CA SER B 470 10.16 -16.13 29.11
C SER B 470 8.89 -16.13 29.97
N SER B 471 8.05 -15.10 29.83
CA SER B 471 6.84 -14.98 30.63
C SER B 471 5.82 -16.09 30.37
N ASP B 472 5.84 -16.63 29.15
CA ASP B 472 4.96 -17.74 28.83
C ASP B 472 5.34 -19.08 29.46
N LEU B 473 6.38 -19.07 30.33
CA LEU B 473 6.60 -20.18 31.28
C LEU B 473 5.34 -20.43 32.14
N GLU B 474 4.63 -19.36 32.48
CA GLU B 474 3.39 -19.46 33.23
C GLU B 474 2.32 -20.22 32.44
N THR B 475 2.25 -19.97 31.13
CA THR B 475 1.31 -20.65 30.23
C THR B 475 1.60 -22.16 30.21
N ILE B 476 2.88 -22.51 30.10
CA ILE B 476 3.32 -23.91 30.15
C ILE B 476 2.86 -24.59 31.46
N ALA B 477 3.02 -23.88 32.58
CA ALA B 477 2.55 -24.35 33.89
C ALA B 477 1.05 -24.51 33.94
N ARG B 478 0.32 -23.49 33.48
CA ARG B 478 -1.14 -23.46 33.52
C ARG B 478 -1.77 -24.56 32.68
N LEU B 479 -1.19 -24.81 31.50
CA LEU B 479 -1.66 -25.89 30.63
C LEU B 479 -1.17 -27.28 31.06
N ASN B 480 -0.21 -27.30 31.99
CA ASN B 480 0.49 -28.52 32.44
C ASN B 480 1.07 -29.37 31.29
N LEU B 481 1.83 -28.72 30.42
CA LEU B 481 2.48 -29.38 29.30
C LEU B 481 3.87 -29.83 29.77
N PRO B 482 4.13 -31.15 29.74
CA PRO B 482 5.37 -31.71 30.30
C PRO B 482 6.63 -31.49 29.45
N ILE B 483 6.86 -30.25 29.04
CA ILE B 483 8.03 -29.87 28.28
C ILE B 483 9.25 -29.79 29.18
N VAL B 484 10.38 -30.32 28.73
CA VAL B 484 11.64 -30.18 29.43
C VAL B 484 12.51 -29.14 28.70
N THR B 485 12.77 -28.02 29.37
CA THR B 485 13.54 -26.90 28.81
C THR B 485 14.97 -26.87 29.33
N VAL B 486 15.93 -26.66 28.43
CA VAL B 486 17.32 -26.46 28.78
C VAL B 486 17.71 -25.05 28.32
N VAL B 487 18.11 -24.21 29.26
CA VAL B 487 18.59 -22.89 28.92
C VAL B 487 20.11 -22.88 28.98
N VAL B 488 20.75 -22.60 27.83
CA VAL B 488 22.20 -22.50 27.77
C VAL B 488 22.62 -21.02 27.93
N ASN B 489 23.15 -20.72 29.11
CA ASN B 489 23.39 -19.35 29.55
C ASN B 489 24.85 -18.91 29.46
N ASN B 490 25.10 -17.83 28.73
CA ASN B 490 26.42 -17.21 28.71
C ASN B 490 26.37 -15.68 28.88
N ASP B 491 25.22 -15.19 29.37
CA ASP B 491 25.02 -13.75 29.70
C ASP B 491 25.28 -12.79 28.50
N THR B 492 24.95 -13.26 27.30
CA THR B 492 25.34 -12.61 26.04
C THR B 492 24.40 -13.01 24.91
N ASN B 493 24.15 -12.07 24.00
CA ASN B 493 23.64 -12.35 22.67
C ASN B 493 24.84 -12.88 21.84
N GLY B 494 25.11 -14.18 21.97
CA GLY B 494 26.35 -14.80 21.50
C GLY B 494 26.59 -14.71 20.01
N LEU B 495 25.56 -15.04 19.21
CA LEU B 495 25.62 -14.92 17.74
C LEU B 495 26.00 -13.50 17.30
N ILE B 496 25.50 -12.50 18.02
CA ILE B 496 25.75 -11.09 17.67
C ILE B 496 27.18 -10.66 18.00
N GLU B 497 27.72 -11.17 19.11
CA GLU B 497 29.14 -11.01 19.40
C GLU B 497 30.03 -11.66 18.34
N LEU B 498 29.64 -12.85 17.86
CA LEU B 498 30.30 -13.44 16.71
C LEU B 498 30.34 -12.48 15.51
N TYR B 499 29.20 -11.94 15.12
CA TYR B 499 29.14 -10.99 13.98
C TYR B 499 29.95 -9.68 14.15
N GLN B 500 30.00 -9.16 15.38
CA GLN B 500 30.86 -8.02 15.70
C GLN B 500 32.31 -8.31 15.33
N ASN B 501 32.77 -9.51 15.70
CA ASN B 501 34.12 -9.96 15.42
C ASN B 501 34.40 -10.25 13.95
N ILE B 502 33.44 -10.84 13.26
CA ILE B 502 33.53 -11.01 11.80
C ILE B 502 33.73 -9.67 11.08
N GLY B 503 32.93 -8.67 11.46
CA GLY B 503 32.96 -7.37 10.77
C GLY B 503 34.00 -6.37 11.24
N HIS B 504 34.41 -6.46 12.50
CA HIS B 504 35.22 -5.39 13.11
C HIS B 504 36.49 -5.91 13.80
N HIS B 505 36.55 -7.25 13.98
CA HIS B 505 37.69 -7.91 14.61
C HIS B 505 37.76 -7.65 16.12
N ARG B 506 36.64 -7.20 16.69
CA ARG B 506 36.50 -7.00 18.14
C ARG B 506 35.04 -6.94 18.61
N SER B 507 34.83 -7.11 19.90
CA SER B 507 33.52 -6.95 20.53
C SER B 507 33.23 -5.48 20.86
N HIS B 508 31.95 -5.21 21.12
CA HIS B 508 31.52 -4.00 21.81
C HIS B 508 30.39 -4.42 22.76
N ASP B 509 30.75 -4.55 24.03
CA ASP B 509 29.89 -5.09 25.08
C ASP B 509 28.51 -4.42 25.31
N PRO B 510 28.43 -3.07 25.29
CA PRO B 510 27.09 -2.46 25.44
C PRO B 510 26.00 -2.97 24.47
N ALA B 511 26.42 -3.53 23.33
CA ALA B 511 25.48 -4.01 22.29
C ALA B 511 25.12 -5.49 22.42
N VAL B 512 25.81 -6.23 23.29
CA VAL B 512 25.60 -7.69 23.38
C VAL B 512 25.56 -8.35 24.77
N LYS B 513 26.11 -7.69 25.81
CA LYS B 513 26.23 -8.31 27.16
C LYS B 513 25.12 -7.97 28.16
N PHE B 514 24.64 -8.99 28.83
CA PHE B 514 23.66 -8.86 29.90
C PHE B 514 24.32 -8.97 31.29
N GLY B 515 23.57 -8.61 32.33
CA GLY B 515 23.89 -9.00 33.70
C GLY B 515 23.33 -10.40 33.93
N GLY B 516 23.42 -10.88 35.17
CA GLY B 516 23.00 -12.25 35.48
C GLY B 516 21.51 -12.39 35.70
N VAL B 517 20.93 -13.43 35.11
CA VAL B 517 19.55 -13.82 35.39
C VAL B 517 19.65 -15.24 35.92
N ASP B 518 18.95 -15.49 37.02
CA ASP B 518 18.83 -16.84 37.57
C ASP B 518 17.56 -17.49 37.01
N PHE B 519 17.76 -18.31 35.98
CA PHE B 519 16.65 -18.94 35.26
C PHE B 519 15.94 -20.05 36.05
N VAL B 520 16.68 -20.72 36.93
CA VAL B 520 16.09 -21.69 37.88
C VAL B 520 15.05 -20.99 38.76
N ALA B 521 15.46 -19.88 39.38
CA ALA B 521 14.56 -19.07 40.18
C ALA B 521 13.45 -18.42 39.33
N LEU B 522 13.79 -18.01 38.10
CA LEU B 522 12.78 -17.48 37.19
C LEU B 522 11.67 -18.50 36.93
N ALA B 523 12.06 -19.72 36.58
CA ALA B 523 11.11 -20.81 36.34
C ALA B 523 10.23 -21.09 37.54
N GLU B 524 10.84 -21.12 38.72
CA GLU B 524 10.10 -21.43 39.95
C GLU B 524 9.11 -20.32 40.32
N ALA B 525 9.46 -19.06 40.02
CA ALA B 525 8.51 -17.94 40.17
C ALA B 525 7.23 -18.11 39.31
N ASN B 526 7.37 -18.82 38.19
CA ASN B 526 6.27 -19.11 37.27
C ASN B 526 5.53 -20.43 37.56
N GLY B 527 5.98 -21.16 38.58
CA GLY B 527 5.35 -22.43 38.94
C GLY B 527 5.91 -23.64 38.22
N VAL B 528 7.13 -23.50 37.71
CA VAL B 528 7.83 -24.55 36.99
C VAL B 528 9.07 -24.99 37.77
N ASP B 529 9.10 -26.26 38.21
CA ASP B 529 10.27 -26.85 38.88
C ASP B 529 11.51 -26.75 38.01
N ALA B 530 12.66 -26.54 38.64
CA ALA B 530 13.90 -26.24 37.92
C ALA B 530 15.16 -26.60 38.72
N THR B 531 16.26 -26.78 38.00
CA THR B 531 17.55 -27.11 38.61
C THR B 531 18.69 -26.60 37.74
N ARG B 532 19.89 -26.51 38.31
CA ARG B 532 21.09 -26.12 37.60
C ARG B 532 21.98 -27.35 37.35
N ALA B 533 22.57 -27.44 36.16
CA ALA B 533 23.50 -28.53 35.81
C ALA B 533 24.76 -27.99 35.14
N THR B 534 25.92 -28.43 35.62
CA THR B 534 27.21 -27.85 35.21
C THR B 534 28.13 -28.81 34.49
N ASN B 535 27.73 -30.07 34.41
CA ASN B 535 28.51 -31.09 33.68
C ASN B 535 27.60 -32.16 33.11
N ARG B 536 28.16 -33.07 32.31
CA ARG B 536 27.37 -34.13 31.67
C ARG B 536 26.59 -35.00 32.68
N GLU B 537 27.24 -35.36 33.79
CA GLU B 537 26.59 -36.20 34.81
C GLU B 537 25.41 -35.50 35.45
N GLU B 538 25.59 -34.23 35.81
CA GLU B 538 24.50 -33.41 36.37
C GLU B 538 23.37 -33.23 35.36
N LEU B 539 23.75 -32.94 34.11
CA LEU B 539 22.77 -32.71 33.04
C LEU B 539 21.93 -33.94 32.70
N LEU B 540 22.59 -35.11 32.59
CA LEU B 540 21.86 -36.36 32.30
C LEU B 540 20.84 -36.67 33.38
N ALA B 541 21.24 -36.47 34.64
CA ALA B 541 20.37 -36.72 35.78
C ALA B 541 19.18 -35.75 35.81
N ALA B 542 19.44 -34.47 35.49
CA ALA B 542 18.38 -33.45 35.45
C ALA B 542 17.35 -33.78 34.35
N LEU B 543 17.84 -34.21 33.19
CA LEU B 543 16.99 -34.55 32.04
C LEU B 543 16.13 -35.79 32.28
N ARG B 544 16.74 -36.80 32.90
CA ARG B 544 16.05 -38.06 33.23
C ARG B 544 14.92 -37.83 34.23
N LYS B 545 15.18 -36.99 35.22
CA LYS B 545 14.16 -36.56 36.17
C LYS B 545 13.09 -35.73 35.44
N GLY B 546 13.53 -34.79 34.61
CA GLY B 546 12.61 -33.98 33.80
C GLY B 546 11.66 -34.80 32.96
N ALA B 547 12.21 -35.78 32.25
CA ALA B 547 11.45 -36.64 31.33
C ALA B 547 10.40 -37.53 32.00
N GLU B 548 10.59 -37.81 33.29
CA GLU B 548 9.68 -38.69 34.03
C GLU B 548 8.77 -37.94 35.01
N LEU B 549 8.95 -36.62 35.10
CA LEU B 549 8.27 -35.80 36.11
C LEU B 549 6.74 -35.70 35.97
N GLY B 550 6.23 -35.74 34.75
CA GLY B 550 4.79 -35.61 34.50
C GLY B 550 4.32 -34.16 34.59
N ARG B 551 5.31 -33.26 34.66
CA ARG B 551 5.13 -31.82 34.81
C ARG B 551 6.25 -31.15 34.03
N PRO B 552 6.07 -29.87 33.62
CA PRO B 552 7.19 -29.12 33.03
C PRO B 552 8.41 -28.99 33.96
N PHE B 553 9.59 -28.87 33.36
CA PHE B 553 10.85 -28.79 34.08
C PHE B 553 11.84 -27.93 33.31
N LEU B 554 12.66 -27.15 34.02
CA LEU B 554 13.68 -26.31 33.40
C LEU B 554 15.07 -26.60 33.97
N ILE B 555 16.07 -26.63 33.08
CA ILE B 555 17.46 -26.88 33.46
C ILE B 555 18.32 -25.74 32.95
N GLU B 556 18.99 -25.03 33.86
CA GLU B 556 19.96 -24.02 33.43
C GLU B 556 21.35 -24.63 33.39
N VAL B 557 22.06 -24.35 32.29
CA VAL B 557 23.43 -24.83 32.07
C VAL B 557 24.29 -23.64 31.67
N PRO B 558 25.34 -23.34 32.46
CA PRO B 558 26.31 -22.33 32.03
C PRO B 558 27.12 -22.89 30.86
N VAL B 559 27.27 -22.09 29.80
CA VAL B 559 28.06 -22.52 28.66
C VAL B 559 29.01 -21.41 28.25
N ASN B 560 29.99 -21.76 27.44
CA ASN B 560 30.80 -20.77 26.76
C ASN B 560 31.08 -21.23 25.32
N TYR B 561 31.39 -20.26 24.45
CA TYR B 561 31.71 -20.55 23.06
C TYR B 561 33.16 -20.24 22.77
N ASP B 562 33.79 -21.12 22.00
CA ASP B 562 35.15 -20.91 21.52
C ASP B 562 35.06 -20.42 20.06
N PHE B 563 34.99 -19.10 19.88
CA PHE B 563 34.82 -18.48 18.56
C PHE B 563 36.07 -18.57 17.72
N GLN B 564 35.90 -18.90 16.44
CA GLN B 564 36.94 -18.72 15.41
C GLN B 564 36.33 -17.91 14.24
N PRO B 565 36.19 -16.57 14.41
CA PRO B 565 35.43 -15.67 13.53
C PRO B 565 35.86 -15.62 12.06
N GLY B 566 37.13 -15.94 11.80
CA GLY B 566 37.64 -15.92 10.43
C GLY B 566 37.23 -17.13 9.60
N GLY B 567 36.60 -18.12 10.24
CA GLY B 567 36.23 -19.37 9.60
C GLY B 567 34.80 -19.46 9.08
N PHE B 568 34.14 -18.31 8.96
CA PHE B 568 32.70 -18.27 8.62
C PHE B 568 32.41 -17.63 7.25
N GLY B 569 33.34 -17.78 6.31
CA GLY B 569 33.21 -17.22 4.96
C GLY B 569 32.00 -17.71 4.17
N ALA B 570 31.50 -18.91 4.49
CA ALA B 570 30.31 -19.47 3.84
C ALA B 570 29.03 -18.64 4.05
N LEU B 571 29.08 -17.70 4.99
CA LEU B 571 27.94 -16.82 5.31
C LEU B 571 27.77 -15.62 4.38
N SER B 572 28.77 -15.36 3.53
CA SER B 572 28.73 -14.25 2.57
C SER B 572 27.54 -14.32 1.64
N ILE B 573 26.94 -13.15 1.39
CA ILE B 573 25.75 -13.01 0.56
C ILE B 573 26.03 -11.97 -0.52
N LYS C 11 -37.57 10.31 -2.08
CA LYS C 11 -36.70 10.40 -0.84
C LYS C 11 -35.24 10.61 -1.25
N PRO C 12 -34.64 11.76 -0.87
CA PRO C 12 -33.26 12.11 -1.24
C PRO C 12 -32.20 11.07 -0.82
N THR C 13 -31.25 10.82 -1.71
CA THR C 13 -30.25 9.79 -1.52
C THR C 13 -28.88 10.42 -1.29
N ALA C 14 -27.84 9.56 -1.18
CA ALA C 14 -26.45 10.00 -1.03
C ALA C 14 -25.98 10.84 -2.21
N ALA C 15 -26.59 10.62 -3.37
CA ALA C 15 -26.34 11.42 -4.58
C ALA C 15 -26.72 12.88 -4.36
N HIS C 16 -27.90 13.09 -3.78
CA HIS C 16 -28.40 14.42 -3.43
C HIS C 16 -27.52 15.09 -2.35
N ALA C 17 -27.19 14.34 -1.30
CA ALA C 17 -26.33 14.82 -0.22
C ALA C 17 -24.92 15.20 -0.71
N LEU C 18 -24.39 14.43 -1.65
CA LEU C 18 -23.07 14.69 -2.24
C LEU C 18 -23.05 16.00 -3.02
N LEU C 19 -23.99 16.14 -3.95
CA LEU C 19 -24.07 17.34 -4.78
C LEU C 19 -24.36 18.58 -3.94
N SER C 20 -25.23 18.40 -2.96
CA SER C 20 -25.57 19.43 -2.00
C SER C 20 -24.36 19.94 -1.22
N ARG C 21 -23.50 19.04 -0.75
CA ARG C 21 -22.33 19.45 0.05
C ARG C 21 -21.25 20.10 -0.83
N LEU C 22 -21.13 19.64 -2.06
CA LEU C 22 -20.25 20.28 -3.02
C LEU C 22 -20.68 21.74 -3.23
N ARG C 23 -21.96 21.94 -3.56
CA ARG C 23 -22.58 23.26 -3.65
C ARG C 23 -22.32 24.14 -2.41
N ASP C 24 -22.40 23.57 -1.21
CA ASP C 24 -22.07 24.33 0.03
C ASP C 24 -20.64 24.87 0.03
N HIS C 25 -19.71 24.13 -0.57
CA HIS C 25 -18.32 24.54 -0.72
C HIS C 25 -18.09 25.45 -1.94
N GLY C 26 -19.17 25.89 -2.57
CA GLY C 26 -19.11 26.85 -3.68
C GLY C 26 -19.00 26.26 -5.07
N VAL C 27 -19.12 24.93 -5.19
CA VAL C 27 -18.95 24.26 -6.49
C VAL C 27 -20.22 24.42 -7.34
N GLY C 28 -20.05 24.86 -8.59
CA GLY C 28 -21.17 25.02 -9.51
C GLY C 28 -21.12 24.11 -10.74
N LYS C 29 -19.95 23.51 -10.98
CA LYS C 29 -19.74 22.60 -12.11
C LYS C 29 -19.15 21.28 -11.64
N VAL C 30 -19.56 20.19 -12.27
CA VAL C 30 -18.88 18.90 -12.13
C VAL C 30 -18.51 18.44 -13.54
N PHE C 31 -17.20 18.30 -13.79
CA PHE C 31 -16.68 17.87 -15.09
C PHE C 31 -16.52 16.34 -15.08
N GLY C 32 -16.84 15.69 -16.20
CA GLY C 32 -16.60 14.25 -16.25
C GLY C 32 -17.30 13.48 -17.33
N VAL C 33 -17.28 12.16 -17.16
CA VAL C 33 -17.99 11.23 -18.04
C VAL C 33 -18.74 10.29 -17.09
N VAL C 34 -20.04 10.14 -17.30
CA VAL C 34 -20.86 9.28 -16.43
C VAL C 34 -20.97 7.86 -17.03
N GLY C 35 -20.91 6.85 -16.18
CA GLY C 35 -21.10 5.45 -16.56
C GLY C 35 -22.43 4.92 -16.02
N ARG C 36 -22.47 3.63 -15.68
CA ARG C 36 -23.72 2.98 -15.26
C ARG C 36 -24.25 3.42 -13.90
N GLU C 37 -23.46 4.23 -13.18
CA GLU C 37 -23.88 4.86 -11.93
C GLU C 37 -24.95 5.94 -12.16
N ALA C 38 -25.19 6.28 -13.42
CA ALA C 38 -26.30 7.14 -13.84
C ALA C 38 -27.67 6.65 -13.35
N ALA C 39 -27.78 5.35 -13.07
CA ALA C 39 -28.99 4.81 -12.42
C ALA C 39 -29.14 5.25 -10.96
N SER C 40 -28.05 5.74 -10.35
CA SER C 40 -28.03 6.25 -8.96
C SER C 40 -27.91 7.77 -8.86
N ILE C 41 -27.49 8.43 -9.94
CA ILE C 41 -27.27 9.88 -9.95
C ILE C 41 -27.57 10.46 -11.35
N LEU C 42 -28.53 11.39 -11.41
CA LEU C 42 -28.88 12.05 -12.68
C LEU C 42 -28.04 13.28 -12.97
N PHE C 43 -27.73 14.03 -11.91
CA PHE C 43 -27.03 15.32 -11.92
C PHE C 43 -27.93 16.55 -12.02
N ASP C 44 -29.24 16.34 -11.86
CA ASP C 44 -30.19 17.45 -11.74
C ASP C 44 -30.80 17.54 -10.34
N GLU C 45 -30.27 16.77 -9.40
CA GLU C 45 -30.80 16.71 -8.04
C GLU C 45 -30.77 18.06 -7.30
N VAL C 46 -29.75 18.87 -7.61
CA VAL C 46 -29.45 20.06 -6.81
C VAL C 46 -29.30 21.29 -7.71
N GLU C 47 -30.15 22.31 -7.48
CA GLU C 47 -30.06 23.57 -8.23
C GLU C 47 -28.73 24.27 -7.98
N GLY C 48 -28.12 24.78 -9.03
CA GLY C 48 -26.91 25.57 -8.90
C GLY C 48 -25.63 24.82 -9.24
N ILE C 49 -25.75 23.50 -9.44
CA ILE C 49 -24.60 22.69 -9.80
C ILE C 49 -24.91 21.88 -11.07
N ASP C 50 -24.13 22.12 -12.13
CA ASP C 50 -24.35 21.55 -13.46
C ASP C 50 -23.26 20.57 -13.89
N PHE C 51 -23.66 19.50 -14.58
CA PHE C 51 -22.69 18.56 -15.16
C PHE C 51 -22.10 19.05 -16.49
N VAL C 52 -20.78 18.91 -16.63
CA VAL C 52 -20.10 19.27 -17.87
C VAL C 52 -19.46 18.02 -18.49
N LEU C 53 -20.10 17.51 -19.54
CA LEU C 53 -19.68 16.27 -20.20
C LEU C 53 -18.48 16.49 -21.12
N THR C 54 -17.44 15.67 -20.94
CA THR C 54 -16.27 15.70 -21.82
C THR C 54 -16.16 14.40 -22.63
N ARG C 55 -15.23 14.35 -23.57
CA ARG C 55 -15.06 13.14 -24.40
C ARG C 55 -14.14 12.09 -23.75
N HIS C 56 -13.33 12.53 -22.80
CA HIS C 56 -12.36 11.71 -22.08
C HIS C 56 -12.18 12.31 -20.69
N GLU C 57 -11.96 11.44 -19.70
CA GLU C 57 -11.85 11.83 -18.30
C GLU C 57 -10.65 12.73 -17.97
N PHE C 58 -9.55 12.57 -18.72
CA PHE C 58 -8.37 13.43 -18.56
C PHE C 58 -8.72 14.92 -18.69
N THR C 59 -9.53 15.22 -19.70
CA THR C 59 -9.99 16.59 -19.96
C THR C 59 -10.77 17.13 -18.75
N ALA C 60 -11.67 16.30 -18.21
CA ALA C 60 -12.48 16.66 -17.05
C ALA C 60 -11.61 16.99 -15.82
N GLY C 61 -10.61 16.14 -15.55
CA GLY C 61 -9.68 16.35 -14.45
C GLY C 61 -8.90 17.64 -14.57
N VAL C 62 -8.28 17.86 -15.72
CA VAL C 62 -7.48 19.06 -15.96
C VAL C 62 -8.32 20.36 -15.97
N ALA C 63 -9.51 20.31 -16.59
CA ALA C 63 -10.42 21.48 -16.57
C ALA C 63 -10.75 21.93 -15.16
N ALA C 64 -10.98 20.97 -14.27
CA ALA C 64 -11.22 21.25 -12.85
C ALA C 64 -9.97 21.80 -12.13
N ASP C 65 -8.81 21.19 -12.41
CA ASP C 65 -7.51 21.69 -11.92
C ASP C 65 -7.30 23.18 -12.23
N VAL C 66 -7.56 23.57 -13.48
CA VAL C 66 -7.32 24.91 -13.95
C VAL C 66 -8.35 25.90 -13.42
N LEU C 67 -9.62 25.49 -13.34
CA LEU C 67 -10.63 26.32 -12.70
C LEU C 67 -10.27 26.57 -11.22
N ALA C 68 -9.84 25.52 -10.53
CA ALA C 68 -9.40 25.61 -9.13
C ALA C 68 -8.23 26.57 -8.94
N ARG C 69 -7.26 26.53 -9.84
CA ARG C 69 -6.08 27.39 -9.81
C ARG C 69 -6.47 28.88 -9.94
N ILE C 70 -7.26 29.18 -10.96
CA ILE C 70 -7.63 30.57 -11.25
C ILE C 70 -8.63 31.15 -10.26
N THR C 71 -9.60 30.35 -9.81
CA THR C 71 -10.57 30.81 -8.82
C THR C 71 -10.03 30.80 -7.40
N GLY C 72 -9.13 29.87 -7.09
CA GLY C 72 -8.67 29.66 -5.71
C GLY C 72 -9.67 28.87 -4.84
N ARG C 73 -10.66 28.28 -5.50
CA ARG C 73 -11.70 27.51 -4.82
C ARG C 73 -11.65 26.04 -5.25
N PRO C 74 -11.97 25.11 -4.34
CA PRO C 74 -12.03 23.68 -4.71
C PRO C 74 -12.99 23.42 -5.87
N GLN C 75 -12.59 22.55 -6.80
CA GLN C 75 -13.45 22.19 -7.93
C GLN C 75 -13.60 20.67 -7.97
N ALA C 76 -14.46 20.16 -8.85
CA ALA C 76 -14.88 18.74 -8.84
C ALA C 76 -14.88 18.05 -10.22
N CYS C 77 -14.46 16.80 -10.26
CA CYS C 77 -14.53 16.00 -11.49
C CYS C 77 -15.07 14.61 -11.16
N TRP C 78 -15.50 13.89 -12.20
CA TRP C 78 -16.33 12.70 -12.03
C TRP C 78 -15.97 11.62 -13.06
N ALA C 79 -15.80 10.39 -12.60
CA ALA C 79 -15.67 9.25 -13.52
C ALA C 79 -16.39 8.02 -12.99
N THR C 80 -16.53 7.02 -13.87
CA THR C 80 -17.16 5.77 -13.55
C THR C 80 -16.15 4.82 -12.90
N LEU C 81 -16.58 3.61 -12.59
CA LEU C 81 -15.69 2.62 -11.98
C LEU C 81 -14.61 2.09 -12.95
N GLY C 82 -13.58 1.47 -12.39
CA GLY C 82 -12.56 0.78 -13.19
C GLY C 82 -11.80 1.70 -14.13
N PRO C 83 -11.97 1.50 -15.46
CA PRO C 83 -11.29 2.33 -16.48
C PRO C 83 -11.65 3.83 -16.46
N GLY C 84 -12.85 4.18 -15.96
CA GLY C 84 -13.19 5.58 -15.75
C GLY C 84 -12.21 6.22 -14.78
N MET C 85 -12.04 5.56 -13.63
CA MET C 85 -11.11 6.00 -12.60
C MET C 85 -9.64 6.07 -13.07
N THR C 86 -9.14 5.04 -13.75
CA THR C 86 -7.76 5.09 -14.27
C THR C 86 -7.53 6.19 -15.32
N ASN C 87 -8.55 6.47 -16.15
CA ASN C 87 -8.49 7.60 -17.08
C ASN C 87 -8.45 8.94 -16.35
N LEU C 88 -9.23 9.04 -15.26
CA LEU C 88 -9.25 10.24 -14.43
C LEU C 88 -7.92 10.46 -13.72
N SER C 89 -7.22 9.37 -13.42
CA SER C 89 -5.99 9.40 -12.63
C SER C 89 -4.88 10.27 -13.23
N THR C 90 -4.79 10.36 -14.55
CA THR C 90 -3.86 11.32 -15.17
C THR C 90 -4.22 12.79 -14.83
N GLY C 91 -5.52 13.08 -14.73
CA GLY C 91 -5.98 14.39 -14.21
C GLY C 91 -5.65 14.62 -12.74
N ILE C 92 -5.82 13.59 -11.93
CA ILE C 92 -5.41 13.60 -10.51
C ILE C 92 -3.90 13.82 -10.38
N ALA C 93 -3.11 13.15 -11.22
CA ALA C 93 -1.65 13.34 -11.22
C ALA C 93 -1.26 14.77 -11.59
N THR C 94 -2.02 15.35 -12.52
CA THR C 94 -1.82 16.75 -12.87
C THR C 94 -2.02 17.65 -11.65
N SER C 95 -3.12 17.44 -10.95
CA SER C 95 -3.48 18.19 -9.77
C SER C 95 -2.47 18.06 -8.60
N VAL C 96 -1.96 16.85 -8.37
CA VAL C 96 -1.01 16.64 -7.25
C VAL C 96 0.36 17.28 -7.51
N LEU C 97 0.82 17.23 -8.76
CA LEU C 97 2.12 17.75 -9.15
C LEU C 97 2.09 19.25 -9.50
N ASP C 98 0.99 19.71 -10.08
CA ASP C 98 0.82 21.13 -10.40
C ASP C 98 0.24 21.94 -9.21
N ARG C 99 -0.21 21.24 -8.16
CA ARG C 99 -0.82 21.82 -6.96
C ARG C 99 -2.13 22.58 -7.20
N SER C 100 -3.26 21.88 -7.11
CA SER C 100 -4.56 22.53 -7.17
C SER C 100 -5.59 21.70 -6.42
N PRO C 101 -6.54 22.36 -5.72
CA PRO C 101 -7.51 21.69 -4.85
C PRO C 101 -8.72 21.07 -5.57
N VAL C 102 -8.56 19.84 -6.04
CA VAL C 102 -9.62 19.19 -6.82
C VAL C 102 -10.22 18.08 -5.98
N ILE C 103 -11.55 18.00 -5.98
CA ILE C 103 -12.26 16.83 -5.44
C ILE C 103 -12.60 15.87 -6.59
N ALA C 104 -11.92 14.73 -6.61
CA ALA C 104 -12.10 13.71 -7.64
C ALA C 104 -13.03 12.62 -7.15
N LEU C 105 -14.09 12.35 -7.92
CA LEU C 105 -15.10 11.38 -7.51
C LEU C 105 -15.22 10.24 -8.52
N ALA C 106 -15.21 9.00 -8.04
CA ALA C 106 -15.44 7.89 -8.95
C ALA C 106 -16.37 6.81 -8.39
N ALA C 107 -17.29 6.34 -9.23
CA ALA C 107 -18.14 5.20 -8.91
C ALA C 107 -17.34 3.93 -8.65
N GLN C 108 -17.96 2.98 -7.97
CA GLN C 108 -17.36 1.69 -7.66
C GLN C 108 -18.47 0.64 -7.75
N SER C 109 -18.10 -0.64 -7.89
CA SER C 109 -19.05 -1.76 -7.81
C SER C 109 -19.94 -1.67 -6.58
N GLU C 110 -21.15 -2.24 -6.68
CA GLU C 110 -22.02 -2.47 -5.52
C GLU C 110 -21.18 -2.98 -4.34
N SER C 111 -21.38 -2.39 -3.15
CA SER C 111 -20.51 -2.61 -1.99
C SER C 111 -20.28 -4.08 -1.63
N HIS C 112 -21.37 -4.87 -1.64
CA HIS C 112 -21.29 -6.30 -1.31
C HIS C 112 -20.62 -7.15 -2.42
N ASP C 113 -20.28 -6.52 -3.54
CA ASP C 113 -19.73 -7.20 -4.72
C ASP C 113 -18.33 -6.68 -5.08
N ILE C 114 -17.67 -5.96 -4.17
CA ILE C 114 -16.32 -5.45 -4.43
C ILE C 114 -15.30 -6.57 -4.25
N PHE C 115 -14.84 -7.09 -5.40
CA PHE C 115 -13.76 -8.06 -5.48
C PHE C 115 -12.79 -7.57 -6.55
N PRO C 116 -11.80 -6.73 -6.16
CA PRO C 116 -10.85 -6.13 -7.10
C PRO C 116 -10.16 -7.17 -7.98
N ASN C 117 -10.12 -6.87 -9.28
CA ASN C 117 -9.57 -7.77 -10.31
C ASN C 117 -10.34 -9.09 -10.52
N ASP C 118 -11.51 -9.22 -9.89
CA ASP C 118 -12.39 -10.39 -10.09
C ASP C 118 -13.81 -10.02 -10.55
N THR C 119 -14.46 -9.07 -9.87
CA THR C 119 -15.75 -8.54 -10.34
C THR C 119 -15.51 -7.71 -11.62
N HIS C 120 -16.42 -7.85 -12.58
CA HIS C 120 -16.43 -7.05 -13.81
C HIS C 120 -16.24 -5.54 -13.52
N GLN C 121 -15.22 -4.95 -14.15
CA GLN C 121 -14.87 -3.52 -14.02
C GLN C 121 -14.39 -3.09 -12.63
N CYS C 122 -14.09 -4.06 -11.74
CA CYS C 122 -13.72 -3.74 -10.36
C CYS C 122 -12.20 -3.67 -10.13
N LEU C 123 -11.72 -2.46 -9.86
CA LEU C 123 -10.35 -2.18 -9.44
C LEU C 123 -10.32 -1.61 -8.02
N ASP C 124 -9.20 -1.82 -7.32
CA ASP C 124 -8.99 -1.28 -5.98
C ASP C 124 -8.65 0.22 -6.06
N SER C 125 -9.66 1.04 -6.29
CA SER C 125 -9.47 2.47 -6.57
C SER C 125 -8.65 3.23 -5.53
N VAL C 126 -9.00 3.05 -4.26
CA VAL C 126 -8.34 3.76 -3.17
C VAL C 126 -6.82 3.46 -3.16
N ALA C 127 -6.46 2.19 -3.29
CA ALA C 127 -5.06 1.78 -3.33
C ALA C 127 -4.31 2.37 -4.53
N ILE C 128 -5.00 2.44 -5.67
CA ILE C 128 -4.39 2.95 -6.91
C ILE C 128 -4.14 4.46 -6.79
N VAL C 129 -5.12 5.20 -6.26
CA VAL C 129 -5.06 6.67 -6.16
C VAL C 129 -4.36 7.20 -4.89
N ALA C 130 -4.38 6.45 -3.79
CA ALA C 130 -3.76 6.94 -2.55
C ALA C 130 -2.33 7.57 -2.70
N PRO C 131 -1.39 6.91 -3.43
CA PRO C 131 -0.03 7.46 -3.59
C PRO C 131 0.08 8.80 -4.32
N MET C 132 -0.94 9.18 -5.08
CA MET C 132 -0.95 10.42 -5.83
C MET C 132 -2.03 11.43 -5.39
N SER C 133 -2.46 11.37 -4.12
CA SER C 133 -3.51 12.26 -3.63
C SER C 133 -3.28 12.71 -2.20
N LYS C 134 -4.00 13.76 -1.78
CA LYS C 134 -3.92 14.26 -0.40
C LYS C 134 -4.77 13.43 0.56
N TYR C 135 -5.72 12.70 -0.01
CA TYR C 135 -6.79 12.05 0.74
C TYR C 135 -7.51 11.10 -0.21
N ALA C 136 -7.78 9.89 0.26
CA ALA C 136 -8.53 8.89 -0.52
C ALA C 136 -9.34 7.96 0.36
N VAL C 137 -10.62 7.82 0.07
CA VAL C 137 -11.54 7.04 0.90
C VAL C 137 -12.64 6.39 0.04
N GLU C 138 -13.21 5.31 0.57
CA GLU C 138 -14.37 4.67 -0.04
C GLU C 138 -15.59 4.90 0.86
N LEU C 139 -16.71 5.33 0.28
CA LEU C 139 -17.97 5.50 1.03
C LEU C 139 -18.49 4.13 1.53
N GLN C 140 -18.91 4.08 2.79
CA GLN C 140 -19.40 2.83 3.41
C GLN C 140 -20.79 2.92 4.03
N ARG C 141 -21.12 4.09 4.58
CA ARG C 141 -22.43 4.35 5.17
C ARG C 141 -22.92 5.64 4.55
N PRO C 142 -24.01 5.57 3.73
CA PRO C 142 -24.50 6.66 2.86
C PRO C 142 -24.53 8.06 3.50
N HIS C 143 -25.02 8.17 4.72
CA HIS C 143 -25.16 9.48 5.37
C HIS C 143 -23.80 10.15 5.68
N GLU C 144 -22.72 9.37 5.63
CA GLU C 144 -21.40 9.90 5.96
C GLU C 144 -20.75 10.69 4.82
N ILE C 145 -21.37 10.70 3.64
CA ILE C 145 -20.77 11.36 2.47
C ILE C 145 -20.50 12.85 2.74
N THR C 146 -21.35 13.47 3.56
CA THR C 146 -21.20 14.88 3.93
C THR C 146 -19.86 15.15 4.66
N ASP C 147 -19.52 14.33 5.65
CA ASP C 147 -18.26 14.48 6.36
C ASP C 147 -17.06 14.04 5.51
N LEU C 148 -17.28 13.11 4.58
CA LEU C 148 -16.22 12.66 3.66
C LEU C 148 -15.81 13.80 2.71
N VAL C 149 -16.80 14.54 2.22
CA VAL C 149 -16.56 15.71 1.39
C VAL C 149 -15.77 16.79 2.15
N ASP C 150 -16.16 17.05 3.40
CA ASP C 150 -15.49 18.05 4.24
C ASP C 150 -14.03 17.68 4.52
N SER C 151 -13.79 16.41 4.85
CA SER C 151 -12.44 15.89 5.03
C SER C 151 -11.62 15.94 3.73
N ALA C 152 -12.27 15.68 2.60
CA ALA C 152 -11.60 15.79 1.30
C ALA C 152 -11.15 17.23 1.02
N VAL C 153 -12.04 18.19 1.31
CA VAL C 153 -11.76 19.61 1.08
C VAL C 153 -10.67 20.10 2.02
N ASN C 154 -10.76 19.71 3.29
CA ASN C 154 -9.72 20.05 4.27
C ASN C 154 -8.32 19.63 3.80
N ALA C 155 -8.20 18.42 3.27
CA ALA C 155 -6.91 17.88 2.86
C ALA C 155 -6.42 18.52 1.57
N ALA C 156 -7.36 18.82 0.65
CA ALA C 156 -7.03 19.41 -0.63
C ALA C 156 -6.53 20.86 -0.46
N MET C 157 -7.05 21.54 0.57
CA MET C 157 -6.78 22.97 0.79
C MET C 157 -5.67 23.23 1.80
N THR C 158 -4.83 22.23 2.04
CA THR C 158 -3.66 22.33 2.90
C THR C 158 -2.41 22.24 2.01
N GLU C 159 -1.43 23.12 2.20
CA GLU C 159 -0.21 23.13 1.37
C GLU C 159 0.65 21.87 1.61
N PRO C 160 1.19 21.27 0.53
CA PRO C 160 1.03 21.63 -0.90
C PRO C 160 -0.35 21.23 -1.42
N VAL C 161 -1.14 22.19 -1.87
CA VAL C 161 -2.51 21.89 -2.33
C VAL C 161 -2.51 20.77 -3.38
N GLY C 162 -3.58 19.96 -3.39
CA GLY C 162 -3.68 18.81 -4.28
C GLY C 162 -5.06 18.17 -4.24
N PRO C 163 -5.22 17.04 -4.96
CA PRO C 163 -6.53 16.41 -5.11
C PRO C 163 -6.91 15.46 -3.99
N SER C 164 -8.21 15.39 -3.70
CA SER C 164 -8.76 14.42 -2.76
C SER C 164 -9.75 13.55 -3.50
N PHE C 165 -9.78 12.26 -3.19
CA PHE C 165 -10.52 11.25 -3.96
C PHE C 165 -11.55 10.52 -3.09
N ILE C 166 -12.77 10.40 -3.59
CA ILE C 166 -13.80 9.61 -2.92
C ILE C 166 -14.35 8.57 -3.89
N SER C 167 -14.29 7.30 -3.48
CA SER C 167 -14.81 6.16 -4.22
C SER C 167 -16.25 5.87 -3.76
N LEU C 168 -17.16 5.68 -4.72
CA LEU C 168 -18.61 5.65 -4.44
C LEU C 168 -19.34 4.41 -4.98
N PRO C 169 -19.51 3.37 -4.13
CA PRO C 169 -20.23 2.15 -4.57
C PRO C 169 -21.64 2.52 -5.01
N VAL C 170 -22.04 2.03 -6.19
CA VAL C 170 -23.27 2.50 -6.85
C VAL C 170 -24.54 2.26 -6.01
N ASP C 171 -24.58 1.15 -5.28
CA ASP C 171 -25.71 0.87 -4.38
C ASP C 171 -25.83 1.91 -3.26
N LEU C 172 -24.70 2.30 -2.67
CA LEU C 172 -24.68 3.28 -1.58
C LEU C 172 -24.95 4.71 -2.08
N LEU C 173 -24.42 5.03 -3.26
CA LEU C 173 -24.69 6.29 -3.90
C LEU C 173 -26.20 6.56 -4.09
N GLY C 174 -26.93 5.51 -4.48
CA GLY C 174 -28.38 5.60 -4.68
C GLY C 174 -29.22 5.24 -3.46
N SER C 175 -28.62 5.26 -2.28
CA SER C 175 -29.33 4.91 -1.06
C SER C 175 -29.72 6.18 -0.26
N SER C 176 -30.86 6.09 0.41
CA SER C 176 -31.31 7.15 1.33
C SER C 176 -31.20 6.75 2.81
N GLU C 177 -30.62 5.58 3.08
CA GLU C 177 -30.44 5.08 4.44
C GLU C 177 -29.66 6.05 5.34
N GLY C 178 -30.31 6.46 6.43
CA GLY C 178 -29.72 7.40 7.40
C GLY C 178 -29.70 8.86 6.96
N ILE C 179 -30.23 9.16 5.78
CA ILE C 179 -30.17 10.53 5.24
C ILE C 179 -31.43 11.36 5.58
N ASP C 180 -31.21 12.55 6.13
CA ASP C 180 -32.28 13.47 6.51
C ASP C 180 -31.98 14.91 6.08
N THR C 181 -32.58 15.33 4.96
CA THR C 181 -32.36 16.66 4.39
C THR C 181 -33.27 17.75 4.97
N THR C 182 -34.15 17.38 5.90
CA THR C 182 -34.93 18.37 6.65
C THR C 182 -34.04 19.04 7.71
N VAL C 183 -33.16 18.26 8.35
CA VAL C 183 -32.12 18.80 9.24
C VAL C 183 -31.05 19.49 8.38
N PRO C 184 -30.73 20.76 8.68
CA PRO C 184 -29.74 21.50 7.86
C PRO C 184 -28.31 20.97 8.01
N ASN C 185 -27.51 21.16 6.96
CA ASN C 185 -26.08 20.85 7.00
C ASN C 185 -25.36 21.76 8.00
N PRO C 186 -24.25 21.29 8.61
CA PRO C 186 -23.38 22.19 9.37
C PRO C 186 -22.68 23.17 8.43
N PRO C 187 -22.13 24.28 8.96
CA PRO C 187 -21.40 25.23 8.11
C PRO C 187 -20.23 24.59 7.38
N ALA C 188 -20.02 24.94 6.11
CA ALA C 188 -18.93 24.37 5.32
C ALA C 188 -17.53 24.88 5.71
N ASN C 189 -17.42 26.16 6.07
CA ASN C 189 -16.12 26.77 6.44
C ASN C 189 -14.97 26.47 5.47
N THR C 190 -15.23 26.64 4.17
CA THR C 190 -14.22 26.42 3.14
C THR C 190 -13.12 27.46 3.33
N PRO C 191 -11.85 27.02 3.47
CA PRO C 191 -10.77 28.01 3.63
C PRO C 191 -10.67 28.94 2.41
N ALA C 192 -10.46 30.23 2.66
CA ALA C 192 -10.44 31.22 1.59
C ALA C 192 -9.07 31.27 0.89
N LYS C 193 -8.05 30.80 1.61
CA LYS C 193 -6.74 30.56 1.03
C LYS C 193 -6.14 29.33 1.72
N PRO C 194 -5.21 28.63 1.05
CA PRO C 194 -4.73 27.36 1.61
C PRO C 194 -4.15 27.46 3.01
N VAL C 195 -4.43 26.45 3.83
CA VAL C 195 -3.81 26.27 5.13
C VAL C 195 -2.33 25.84 4.93
N GLY C 196 -1.42 26.27 5.79
CA GLY C 196 0.00 25.93 5.62
C GLY C 196 0.69 25.69 6.96
N VAL C 197 1.94 25.22 6.93
CA VAL C 197 2.68 25.07 8.18
C VAL C 197 3.55 26.27 8.50
N VAL C 198 3.75 26.47 9.80
CA VAL C 198 4.53 27.58 10.31
C VAL C 198 5.49 27.02 11.34
N ALA C 199 6.79 27.26 11.14
CA ALA C 199 7.81 26.86 12.11
C ALA C 199 7.99 27.88 13.25
N ASP C 200 8.22 27.39 14.46
CA ASP C 200 8.57 28.27 15.58
C ASP C 200 9.91 28.94 15.28
N GLY C 201 9.97 30.26 15.48
CA GLY C 201 11.20 31.00 15.24
C GLY C 201 11.38 31.51 13.82
N TRP C 202 10.30 31.51 13.03
CA TRP C 202 10.38 31.95 11.63
C TRP C 202 10.70 33.44 11.47
N GLN C 203 10.26 34.25 12.43
CA GLN C 203 10.56 35.68 12.41
C GLN C 203 12.06 35.93 12.60
N LYS C 204 12.70 35.15 13.46
CA LYS C 204 14.16 35.22 13.62
C LYS C 204 14.90 34.80 12.34
N ALA C 205 14.38 33.79 11.63
CA ALA C 205 14.91 33.38 10.32
C ALA C 205 14.72 34.48 9.28
N ALA C 206 13.55 35.11 9.27
CA ALA C 206 13.27 36.21 8.35
C ALA C 206 14.20 37.42 8.64
N ASP C 207 14.53 37.62 9.92
CA ASP C 207 15.55 38.61 10.33
C ASP C 207 16.95 38.28 9.82
N GLN C 208 17.31 36.99 9.82
CA GLN C 208 18.59 36.56 9.24
C GLN C 208 18.63 36.79 7.72
N ALA C 209 17.48 36.59 7.06
CA ALA C 209 17.34 36.89 5.64
C ALA C 209 17.46 38.39 5.34
N ALA C 210 16.96 39.22 6.27
CA ALA C 210 17.04 40.66 6.14
C ALA C 210 18.49 41.11 6.25
N ALA C 211 19.24 40.50 7.15
CA ALA C 211 20.66 40.76 7.31
C ALA C 211 21.50 40.34 6.09
N LEU C 212 21.10 39.25 5.42
CA LEU C 212 21.77 38.85 4.20
C LEU C 212 21.49 39.85 3.07
N LEU C 213 20.25 40.33 3.00
CA LEU C 213 19.87 41.36 2.03
C LEU C 213 20.64 42.68 2.17
N ALA C 214 20.92 43.10 3.41
CA ALA C 214 21.63 44.36 3.65
C ALA C 214 23.03 44.29 3.04
N GLU C 215 23.68 43.14 3.21
CA GLU C 215 25.05 42.91 2.73
C GLU C 215 25.16 42.63 1.21
N ALA C 216 24.07 42.17 0.59
CA ALA C 216 24.04 41.81 -0.83
C ALA C 216 24.09 42.99 -1.79
N LYS C 217 24.95 42.89 -2.81
CA LYS C 217 25.03 43.88 -3.88
C LYS C 217 23.92 43.69 -4.92
N HIS C 218 23.71 42.43 -5.32
CA HIS C 218 22.80 42.08 -6.40
C HIS C 218 21.87 40.91 -6.00
N PRO C 219 20.85 41.20 -5.18
CA PRO C 219 19.85 40.17 -4.86
C PRO C 219 18.83 39.99 -5.99
N VAL C 220 18.18 38.82 -6.01
CA VAL C 220 16.97 38.61 -6.82
C VAL C 220 15.86 37.89 -6.03
N LEU C 221 14.62 38.16 -6.42
CA LEU C 221 13.46 37.41 -5.96
C LEU C 221 13.07 36.42 -7.05
N VAL C 222 13.04 35.13 -6.67
CA VAL C 222 12.56 34.07 -7.56
C VAL C 222 11.19 33.63 -7.02
N VAL C 223 10.14 33.90 -7.80
CA VAL C 223 8.76 33.78 -7.33
C VAL C 223 8.03 32.57 -7.94
N GLY C 224 7.45 31.74 -7.07
CA GLY C 224 6.60 30.62 -7.50
C GLY C 224 5.12 30.80 -7.22
N ALA C 225 4.29 29.91 -7.77
CA ALA C 225 2.83 29.99 -7.65
C ALA C 225 2.26 29.90 -6.22
N ALA C 226 3.03 29.36 -5.28
CA ALA C 226 2.62 29.39 -3.87
C ALA C 226 2.49 30.84 -3.33
N ALA C 227 3.33 31.74 -3.83
CA ALA C 227 3.25 33.18 -3.49
C ALA C 227 1.91 33.77 -3.92
N ILE C 228 1.47 33.42 -5.13
CA ILE C 228 0.19 33.85 -5.67
C ILE C 228 -1.01 33.28 -4.86
N ARG C 229 -0.97 32.00 -4.53
CA ARG C 229 -2.05 31.39 -3.71
C ARG C 229 -2.18 32.06 -2.34
N SER C 230 -1.04 32.53 -1.82
CA SER C 230 -0.96 33.18 -0.52
C SER C 230 -1.52 34.63 -0.51
N GLY C 231 -1.78 35.19 -1.69
CA GLY C 231 -2.28 36.56 -1.84
C GLY C 231 -1.18 37.62 -1.75
N ALA C 232 0.05 37.23 -2.11
CA ALA C 232 1.24 38.04 -1.83
C ALA C 232 1.77 38.85 -3.01
N VAL C 233 1.07 38.86 -4.13
CA VAL C 233 1.59 39.50 -5.34
C VAL C 233 1.76 41.04 -5.24
N PRO C 234 0.71 41.79 -4.82
CA PRO C 234 0.87 43.23 -4.54
C PRO C 234 1.97 43.55 -3.52
N ALA C 235 2.09 42.74 -2.48
CA ALA C 235 3.12 42.95 -1.46
C ALA C 235 4.53 42.71 -1.99
N ILE C 236 4.70 41.69 -2.84
CA ILE C 236 6.01 41.38 -3.38
C ILE C 236 6.45 42.47 -4.35
N ARG C 237 5.51 42.92 -5.17
CA ARG C 237 5.75 44.01 -6.12
C ARG C 237 6.21 45.29 -5.43
N ALA C 238 5.52 45.68 -4.36
CA ALA C 238 5.87 46.91 -3.63
C ALA C 238 7.24 46.81 -2.96
N LEU C 239 7.58 45.63 -2.44
CA LEU C 239 8.89 45.37 -1.88
C LEU C 239 9.99 45.47 -2.94
N ALA C 240 9.73 44.88 -4.10
CA ALA C 240 10.69 44.86 -5.20
C ALA C 240 10.93 46.27 -5.73
N GLU C 241 9.84 47.02 -5.89
CA GLU C 241 9.90 48.40 -6.38
C GLU C 241 10.68 49.31 -5.41
N ARG C 242 10.41 49.20 -4.12
CA ARG C 242 11.08 50.04 -3.12
C ARG C 242 12.60 49.84 -3.12
N LEU C 243 13.01 48.58 -3.11
CA LEU C 243 14.42 48.22 -3.01
C LEU C 243 15.12 47.95 -4.34
N ASN C 244 14.38 48.05 -5.45
CA ASN C 244 14.95 47.91 -6.80
C ASN C 244 15.50 46.48 -7.02
N ILE C 245 14.71 45.48 -6.64
CA ILE C 245 15.13 44.09 -6.74
C ILE C 245 14.46 43.40 -7.92
N PRO C 246 15.27 42.87 -8.86
CA PRO C 246 14.75 42.10 -9.99
C PRO C 246 13.89 40.90 -9.57
N VAL C 247 12.82 40.64 -10.32
CA VAL C 247 11.93 39.51 -10.08
C VAL C 247 12.02 38.49 -11.22
N ILE C 248 12.35 37.25 -10.86
CA ILE C 248 12.40 36.13 -11.79
C ILE C 248 11.32 35.12 -11.37
N THR C 249 10.64 34.53 -12.35
CA THR C 249 9.52 33.62 -12.05
C THR C 249 9.73 32.21 -12.60
N THR C 250 8.97 31.28 -12.04
CA THR C 250 8.76 29.95 -12.60
C THR C 250 7.86 30.06 -13.87
N TYR C 251 7.58 28.92 -14.51
CA TYR C 251 6.68 28.88 -15.66
C TYR C 251 5.31 29.48 -15.34
N ILE C 252 4.79 29.15 -14.15
CA ILE C 252 3.40 29.43 -13.76
C ILE C 252 3.19 30.83 -13.20
N ALA C 253 4.28 31.48 -12.79
CA ALA C 253 4.18 32.76 -12.09
C ALA C 253 4.41 33.98 -13.01
N LYS C 254 4.44 33.74 -14.32
CA LYS C 254 4.52 34.84 -15.26
C LYS C 254 3.32 35.77 -15.03
N GLY C 255 3.60 37.07 -14.99
CA GLY C 255 2.55 38.08 -14.83
C GLY C 255 2.38 38.60 -13.41
N VAL C 256 3.27 38.21 -12.48
CA VAL C 256 3.26 38.81 -11.14
C VAL C 256 3.66 40.29 -11.19
N LEU C 257 4.42 40.66 -12.24
CA LEU C 257 4.64 42.05 -12.63
C LEU C 257 4.11 42.24 -14.06
N PRO C 258 3.62 43.44 -14.39
CA PRO C 258 3.06 43.68 -15.74
C PRO C 258 4.10 43.55 -16.86
N VAL C 259 3.59 43.32 -18.08
CA VAL C 259 4.42 43.38 -19.28
C VAL C 259 5.07 44.76 -19.35
N GLY C 260 6.40 44.78 -19.41
CA GLY C 260 7.13 46.03 -19.63
C GLY C 260 7.70 46.67 -18.36
N HIS C 261 7.40 46.10 -17.20
CA HIS C 261 7.93 46.59 -15.94
C HIS C 261 9.45 46.41 -15.93
N GLU C 262 10.17 47.40 -15.39
CA GLU C 262 11.63 47.40 -15.40
C GLU C 262 12.24 46.23 -14.62
N LEU C 263 11.52 45.75 -13.61
CA LEU C 263 12.02 44.68 -12.74
C LEU C 263 11.52 43.27 -13.12
N ASN C 264 10.79 43.20 -14.22
CA ASN C 264 10.29 41.94 -14.78
C ASN C 264 11.40 41.29 -15.61
N TYR C 265 12.20 40.44 -14.97
CA TYR C 265 13.32 39.78 -15.66
C TYR C 265 12.90 38.48 -16.38
N GLY C 266 11.64 38.10 -16.24
CA GLY C 266 11.07 36.97 -16.98
C GLY C 266 11.17 35.62 -16.31
N ALA C 267 10.65 34.60 -17.00
CA ALA C 267 10.82 33.19 -16.61
C ALA C 267 12.04 32.60 -17.31
N VAL C 268 12.56 31.50 -16.76
CA VAL C 268 13.73 30.83 -17.33
C VAL C 268 13.45 29.36 -17.63
N THR C 269 14.21 28.80 -18.58
CA THR C 269 14.23 27.35 -18.86
C THR C 269 15.65 26.93 -19.20
N GLY C 270 15.90 25.61 -19.21
CA GLY C 270 17.23 25.07 -19.54
C GLY C 270 17.61 25.17 -21.00
N TYR C 271 16.58 25.35 -21.83
N TYR C 271 16.64 25.28 -21.91
CA TYR C 271 16.65 25.39 -23.28
CA TYR C 271 17.00 25.41 -23.33
C TYR C 271 16.92 26.82 -23.78
C TYR C 271 16.95 26.86 -23.81
N MET C 272 16.85 27.78 -22.85
CA MET C 272 16.91 29.22 -23.14
C MET C 272 18.18 29.66 -23.87
N ASP C 273 19.33 29.14 -23.45
CA ASP C 273 20.62 29.47 -24.07
C ASP C 273 20.73 28.97 -25.51
N GLY C 274 20.23 27.75 -25.72
CA GLY C 274 20.25 27.12 -27.04
C GLY C 274 19.26 27.70 -28.01
N ILE C 275 18.09 28.11 -27.49
CA ILE C 275 17.05 28.73 -28.30
C ILE C 275 17.48 30.11 -28.82
N LEU C 276 18.16 30.87 -27.98
CA LEU C 276 18.53 32.26 -28.30
C LEU C 276 19.93 32.41 -28.93
N ASN C 277 20.76 31.37 -28.82
CA ASN C 277 22.19 31.40 -29.24
C ASN C 277 22.96 32.48 -28.49
N PHE C 278 22.74 32.50 -27.17
CA PHE C 278 23.14 33.60 -26.30
C PHE C 278 23.34 33.08 -24.88
N PRO C 279 24.37 33.58 -24.17
CA PRO C 279 24.59 33.18 -22.77
C PRO C 279 23.60 33.88 -21.81
N ALA C 280 22.34 33.44 -21.91
CA ALA C 280 21.21 34.05 -21.21
C ALA C 280 21.21 33.77 -19.69
N LEU C 281 21.41 32.51 -19.31
CA LEU C 281 21.39 32.09 -17.89
C LEU C 281 22.57 32.66 -17.09
N GLN C 282 23.72 32.77 -17.73
CA GLN C 282 24.88 33.44 -17.15
C GLN C 282 24.61 34.94 -17.01
N THR C 283 23.99 35.54 -18.03
CA THR C 283 23.65 36.96 -17.97
C THR C 283 22.68 37.23 -16.82
N MET C 284 21.69 36.35 -16.67
CA MET C 284 20.69 36.43 -15.61
C MET C 284 21.28 36.24 -14.21
N PHE C 285 22.16 35.25 -14.03
CA PHE C 285 22.56 34.81 -12.68
C PHE C 285 24.01 35.04 -12.24
N ALA C 286 24.95 35.08 -13.19
CA ALA C 286 26.39 35.12 -12.82
C ALA C 286 26.78 36.15 -11.73
N PRO C 287 26.33 37.42 -11.83
CA PRO C 287 26.72 38.38 -10.79
C PRO C 287 25.80 38.44 -9.56
N VAL C 288 24.72 37.65 -9.56
CA VAL C 288 23.79 37.58 -8.43
C VAL C 288 24.48 36.97 -7.20
N ASP C 289 24.38 37.64 -6.05
CA ASP C 289 25.01 37.11 -4.82
C ASP C 289 24.03 36.64 -3.73
N LEU C 290 22.74 36.92 -3.91
CA LEU C 290 21.69 36.44 -3.01
C LEU C 290 20.41 36.07 -3.77
N VAL C 291 19.94 34.84 -3.57
CA VAL C 291 18.73 34.34 -4.20
C VAL C 291 17.65 34.08 -3.14
N LEU C 292 16.53 34.78 -3.25
CA LEU C 292 15.38 34.57 -2.37
C LEU C 292 14.27 33.84 -3.12
N THR C 293 14.10 32.55 -2.81
CA THR C 293 13.10 31.74 -3.49
C THR C 293 11.79 31.82 -2.71
N VAL C 294 10.92 32.71 -3.17
CA VAL C 294 9.68 33.08 -2.49
C VAL C 294 8.53 32.15 -2.90
N GLY C 295 8.16 31.26 -1.99
CA GLY C 295 7.17 30.23 -2.31
C GLY C 295 7.78 29.10 -3.12
N TYR C 296 8.99 28.66 -2.76
CA TYR C 296 9.72 27.67 -3.55
C TYR C 296 9.02 26.31 -3.63
N ASP C 297 9.01 25.74 -4.83
CA ASP C 297 8.52 24.38 -5.08
C ASP C 297 9.32 23.70 -6.18
N TYR C 298 10.14 22.72 -5.80
CA TYR C 298 10.93 21.90 -6.75
C TYR C 298 10.11 21.34 -7.92
N ALA C 299 8.83 21.04 -7.67
CA ALA C 299 7.89 20.54 -8.70
C ALA C 299 7.69 21.47 -9.90
N GLU C 300 7.82 22.78 -9.69
CA GLU C 300 7.73 23.77 -10.79
C GLU C 300 8.95 23.76 -11.74
N ASP C 301 9.93 22.93 -11.42
CA ASP C 301 11.09 22.65 -12.27
C ASP C 301 12.10 23.80 -12.45
N LEU C 302 12.04 24.82 -11.58
CA LEU C 302 13.18 25.73 -11.41
C LEU C 302 14.08 25.15 -10.31
N ARG C 303 15.17 24.53 -10.75
CA ARG C 303 16.06 23.78 -9.88
C ARG C 303 17.22 24.65 -9.43
N PRO C 304 17.79 24.36 -8.25
CA PRO C 304 18.96 25.12 -7.78
C PRO C 304 20.09 25.27 -8.82
N SER C 305 20.39 24.21 -9.56
CA SER C 305 21.43 24.22 -10.59
C SER C 305 21.21 25.30 -11.68
N MET C 306 19.97 25.74 -11.84
CA MET C 306 19.68 26.76 -12.83
CA MET C 306 19.59 26.80 -12.79
C MET C 306 20.14 28.16 -12.38
N TRP C 307 20.10 28.45 -11.08
CA TRP C 307 20.63 29.71 -10.54
C TRP C 307 22.12 29.66 -10.13
N GLN C 308 22.69 28.46 -10.04
CA GLN C 308 24.07 28.32 -9.61
C GLN C 308 25.05 28.55 -10.78
N LYS C 309 25.15 29.81 -11.19
CA LYS C 309 26.03 30.26 -12.26
C LYS C 309 26.95 31.36 -11.72
N GLY C 310 28.21 31.36 -12.14
CA GLY C 310 29.12 32.48 -11.84
C GLY C 310 29.56 32.43 -10.40
N ILE C 311 29.50 33.58 -9.70
CA ILE C 311 29.90 33.67 -8.28
C ILE C 311 29.00 32.83 -7.36
N GLU C 312 29.51 32.50 -6.18
CA GLU C 312 28.73 31.79 -5.18
C GLU C 312 27.60 32.68 -4.63
N LYS C 313 26.45 32.06 -4.36
CA LYS C 313 25.29 32.78 -3.81
C LYS C 313 24.86 32.28 -2.43
N LYS C 314 24.30 33.19 -1.64
CA LYS C 314 23.51 32.84 -0.48
C LYS C 314 22.05 32.65 -0.93
N THR C 315 21.32 31.79 -0.23
CA THR C 315 19.92 31.51 -0.57
C THR C 315 18.96 31.59 0.62
N VAL C 316 17.78 32.13 0.36
CA VAL C 316 16.71 32.12 1.35
C VAL C 316 15.51 31.39 0.76
N ARG C 317 15.07 30.32 1.43
CA ARG C 317 13.84 29.61 1.05
C ARG C 317 12.64 30.10 1.87
N ILE C 318 11.59 30.56 1.19
CA ILE C 318 10.33 30.88 1.87
C ILE C 318 9.21 30.00 1.32
N SER C 319 8.54 29.26 2.20
CA SER C 319 7.50 28.31 1.80
C SER C 319 6.64 27.88 3.00
N PRO C 320 5.33 27.70 2.78
CA PRO C 320 4.46 27.20 3.85
C PRO C 320 4.53 25.69 4.00
N THR C 321 5.70 25.11 3.73
CA THR C 321 5.95 23.68 3.91
C THR C 321 7.36 23.47 4.43
N VAL C 322 7.58 22.36 5.12
CA VAL C 322 8.93 21.96 5.49
C VAL C 322 9.65 21.45 4.21
N ASN C 323 10.94 21.74 4.10
CA ASN C 323 11.75 21.33 2.94
C ASN C 323 11.73 19.80 2.69
N PRO C 324 11.11 19.36 1.58
CA PRO C 324 11.08 17.93 1.26
C PRO C 324 12.34 17.39 0.58
N ILE C 325 13.23 18.28 0.12
CA ILE C 325 14.39 17.89 -0.69
C ILE C 325 15.75 18.42 -0.18
N PRO C 326 16.09 18.19 1.11
CA PRO C 326 17.40 18.62 1.55
C PRO C 326 18.58 17.95 0.80
N ARG C 327 18.35 16.86 0.05
CA ARG C 327 19.43 16.25 -0.75
C ARG C 327 19.89 17.22 -1.84
N VAL C 328 18.95 18.03 -2.32
CA VAL C 328 19.13 18.90 -3.48
C VAL C 328 19.25 20.38 -3.09
N TYR C 329 18.46 20.82 -2.11
CA TYR C 329 18.39 22.23 -1.76
C TYR C 329 18.56 22.37 -0.26
N ARG C 330 19.69 22.96 0.12
CA ARG C 330 19.93 23.35 1.50
C ARG C 330 20.11 24.86 1.60
N PRO C 331 19.00 25.60 1.81
CA PRO C 331 19.14 27.05 1.88
C PRO C 331 19.98 27.48 3.08
N ASP C 332 20.68 28.61 2.96
CA ASP C 332 21.38 29.19 4.10
C ASP C 332 20.39 29.62 5.19
N VAL C 333 19.23 30.12 4.78
CA VAL C 333 18.14 30.47 5.68
C VAL C 333 16.84 29.88 5.13
N ASP C 334 16.11 29.16 5.97
CA ASP C 334 14.85 28.53 5.60
C ASP C 334 13.72 29.13 6.46
N VAL C 335 12.80 29.84 5.81
CA VAL C 335 11.68 30.48 6.50
C VAL C 335 10.40 29.71 6.21
N VAL C 336 9.93 28.92 7.18
CA VAL C 336 8.72 28.10 6.98
C VAL C 336 7.52 28.83 7.57
N THR C 337 6.73 29.46 6.70
CA THR C 337 5.62 30.29 7.12
C THR C 337 4.75 30.62 5.92
N ASP C 338 3.61 31.26 6.17
CA ASP C 338 2.76 31.80 5.10
C ASP C 338 3.52 32.87 4.33
N VAL C 339 3.44 32.84 3.00
CA VAL C 339 4.26 33.75 2.18
C VAL C 339 3.92 35.23 2.44
N LEU C 340 2.63 35.56 2.48
CA LEU C 340 2.21 36.92 2.78
C LEU C 340 2.71 37.38 4.15
N ALA C 341 2.55 36.54 5.17
CA ALA C 341 3.09 36.83 6.51
C ALA C 341 4.60 37.15 6.47
N PHE C 342 5.37 36.36 5.71
CA PHE C 342 6.80 36.64 5.53
C PHE C 342 7.05 38.01 4.92
N VAL C 343 6.36 38.32 3.83
CA VAL C 343 6.61 39.56 3.09
C VAL C 343 6.28 40.79 3.96
N GLU C 344 5.19 40.71 4.74
CA GLU C 344 4.78 41.80 5.62
C GLU C 344 5.79 42.03 6.73
N HIS C 345 6.26 40.96 7.37
CA HIS C 345 7.32 41.05 8.39
C HIS C 345 8.64 41.56 7.80
N PHE C 346 8.98 41.09 6.61
CA PHE C 346 10.21 41.46 5.90
C PHE C 346 10.21 42.94 5.52
N GLU C 347 9.04 43.46 5.14
CA GLU C 347 8.86 44.90 4.89
C GLU C 347 9.30 45.76 6.09
N THR C 348 8.94 45.33 7.29
CA THR C 348 9.26 46.05 8.53
C THR C 348 10.73 45.89 8.87
N ALA C 349 11.30 44.72 8.59
CA ALA C 349 12.71 44.46 8.89
C ALA C 349 13.67 45.18 7.94
N THR C 350 13.16 45.55 6.77
CA THR C 350 13.97 46.21 5.72
C THR C 350 13.51 47.64 5.44
N ALA C 351 12.74 48.22 6.35
CA ALA C 351 12.06 49.50 6.09
C ALA C 351 13.03 50.66 5.86
N SER C 352 14.19 50.60 6.49
CA SER C 352 15.16 51.69 6.41
C SER C 352 16.31 51.39 5.43
N PHE C 353 16.23 50.27 4.71
CA PHE C 353 17.26 49.85 3.75
C PHE C 353 17.30 50.80 2.54
N GLY C 354 18.50 51.02 2.01
CA GLY C 354 18.67 51.78 0.77
C GLY C 354 18.48 50.84 -0.41
N ALA C 355 17.86 51.36 -1.48
CA ALA C 355 17.63 50.59 -2.70
C ALA C 355 18.95 50.08 -3.26
N LYS C 356 18.86 49.01 -4.05
CA LYS C 356 20.01 48.30 -4.59
C LYS C 356 20.30 48.78 -6.00
N GLN C 357 21.55 48.62 -6.43
CA GLN C 357 21.85 48.70 -7.85
C GLN C 357 21.58 47.31 -8.41
N ARG C 358 20.88 47.24 -9.52
CA ARG C 358 20.63 45.96 -10.13
C ARG C 358 21.58 45.69 -11.30
N HIS C 359 21.87 44.41 -11.53
CA HIS C 359 22.78 44.00 -12.61
C HIS C 359 22.13 44.15 -13.97
N ASP C 360 22.96 44.48 -14.95
CA ASP C 360 22.53 44.76 -16.31
C ASP C 360 22.24 43.46 -17.05
N ILE C 361 21.03 43.38 -17.61
CA ILE C 361 20.67 42.31 -18.55
C ILE C 361 20.20 42.86 -19.89
N GLU C 362 20.54 44.13 -20.17
CA GLU C 362 20.14 44.81 -21.42
C GLU C 362 20.61 44.13 -22.72
N PRO C 363 21.80 43.45 -22.71
CA PRO C 363 22.13 42.63 -23.89
C PRO C 363 21.19 41.45 -24.13
N LEU C 364 20.66 40.85 -23.05
CA LEU C 364 19.71 39.75 -23.16
C LEU C 364 18.36 40.26 -23.67
N ARG C 365 17.86 41.34 -23.05
CA ARG C 365 16.64 42.00 -23.50
C ARG C 365 16.70 42.37 -24.99
N ALA C 366 17.85 42.88 -25.44
CA ALA C 366 18.04 43.21 -26.85
C ALA C 366 17.96 41.98 -27.73
N ARG C 367 18.51 40.86 -27.25
CA ARG C 367 18.46 39.60 -27.97
C ARG C 367 17.05 39.00 -28.08
N ILE C 368 16.25 39.09 -27.02
CA ILE C 368 14.88 38.58 -27.06
C ILE C 368 14.05 39.44 -28.02
N ALA C 369 14.26 40.75 -27.96
CA ALA C 369 13.57 41.69 -28.80
C ALA C 369 13.83 41.49 -30.30
N GLU C 370 15.08 41.19 -30.65
CA GLU C 370 15.48 41.01 -32.06
C GLU C 370 15.04 39.65 -32.58
N PHE C 371 14.99 38.68 -31.67
CA PHE C 371 14.44 37.37 -31.96
C PHE C 371 12.96 37.42 -32.32
N LEU C 372 12.17 38.06 -31.47
CA LEU C 372 10.72 38.15 -31.66
C LEU C 372 10.32 38.91 -32.92
N ALA C 373 11.17 39.88 -33.31
CA ALA C 373 10.94 40.71 -34.47
C ALA C 373 11.39 40.07 -35.80
N ASP C 374 12.03 38.91 -35.72
CA ASP C 374 12.57 38.17 -36.88
C ASP C 374 11.70 38.22 -38.15
N PRO C 375 12.17 38.98 -39.15
CA PRO C 375 11.43 39.29 -40.37
C PRO C 375 11.61 38.29 -41.53
N GLU C 376 12.56 37.37 -41.43
CA GLU C 376 12.75 36.38 -42.48
C GLU C 376 11.47 35.56 -42.72
N THR C 377 11.18 35.31 -43.99
CA THR C 377 10.13 34.38 -44.39
C THR C 377 10.85 33.12 -44.81
N TYR C 378 10.53 32.01 -44.13
CA TYR C 378 11.21 30.73 -44.38
C TYR C 378 10.39 29.87 -45.37
N GLU C 379 11.10 29.00 -46.10
CA GLU C 379 10.48 28.19 -47.16
C GLU C 379 9.78 26.95 -46.62
N ASP C 380 10.32 26.41 -45.53
CA ASP C 380 9.80 25.18 -44.91
C ASP C 380 8.92 25.44 -43.68
N GLY C 381 8.11 26.50 -43.72
CA GLY C 381 7.22 26.86 -42.61
C GLY C 381 7.76 27.92 -41.67
N MET C 382 6.89 28.42 -40.79
CA MET C 382 7.28 29.45 -39.81
C MET C 382 8.21 28.92 -38.72
N ARG C 383 8.77 29.83 -37.94
CA ARG C 383 9.52 29.47 -36.76
C ARG C 383 8.68 29.85 -35.54
N VAL C 384 8.88 29.16 -34.42
CA VAL C 384 7.94 29.28 -33.30
C VAL C 384 7.96 30.67 -32.67
N HIS C 385 9.12 31.33 -32.70
CA HIS C 385 9.26 32.68 -32.14
C HIS C 385 8.41 33.71 -32.88
N GLN C 386 8.22 33.49 -34.18
CA GLN C 386 7.37 34.33 -35.02
C GLN C 386 5.88 34.13 -34.72
N VAL C 387 5.49 32.87 -34.47
CA VAL C 387 4.12 32.50 -34.10
C VAL C 387 3.71 33.14 -32.78
N ILE C 388 4.56 32.99 -31.77
CA ILE C 388 4.32 33.57 -30.45
C ILE C 388 4.30 35.10 -30.49
N ASP C 389 5.22 35.69 -31.24
CA ASP C 389 5.20 37.14 -31.43
C ASP C 389 3.89 37.61 -32.04
N SER C 390 3.40 36.90 -33.06
CA SER C 390 2.10 37.20 -33.65
C SER C 390 0.99 37.06 -32.63
N MET C 391 1.01 35.96 -31.86
CA MET C 391 0.02 35.73 -30.79
C MET C 391 0.02 36.85 -29.73
N ASN C 392 1.22 37.28 -29.34
CA ASN C 392 1.39 38.41 -28.43
C ASN C 392 0.71 39.68 -28.96
N THR C 393 0.95 39.98 -30.24
CA THR C 393 0.40 41.19 -30.88
C THR C 393 -1.13 41.25 -30.83
N VAL C 394 -1.77 40.16 -31.23
CA VAL C 394 -3.24 40.10 -31.27
C VAL C 394 -3.86 39.99 -29.84
N MET C 395 -3.16 39.35 -28.91
CA MET C 395 -3.64 39.32 -27.51
C MET C 395 -3.64 40.73 -26.89
N GLU C 396 -2.61 41.51 -27.16
CA GLU C 396 -2.50 42.89 -26.65
C GLU C 396 -3.64 43.75 -27.23
N GLU C 397 -3.98 43.52 -28.51
CA GLU C 397 -5.09 44.19 -29.18
C GLU C 397 -6.46 43.81 -28.63
N ALA C 398 -6.68 42.50 -28.45
CA ALA C 398 -8.00 41.98 -28.07
C ALA C 398 -8.34 42.18 -26.59
N ALA C 399 -7.35 42.00 -25.72
CA ALA C 399 -7.59 42.05 -24.27
C ALA C 399 -7.61 43.48 -23.71
N GLU C 400 -8.36 43.66 -22.62
CA GLU C 400 -8.22 44.87 -21.81
C GLU C 400 -6.88 44.82 -21.06
N PRO C 401 -6.35 45.98 -20.64
CA PRO C 401 -5.11 45.97 -19.86
C PRO C 401 -5.22 45.06 -18.65
N GLY C 402 -4.20 44.23 -18.44
CA GLY C 402 -4.20 43.28 -17.33
C GLY C 402 -5.13 42.08 -17.48
N GLU C 403 -5.61 41.82 -18.69
CA GLU C 403 -6.50 40.69 -18.93
C GLU C 403 -6.01 39.77 -20.06
N GLY C 404 -6.71 38.66 -20.28
CA GLY C 404 -6.38 37.70 -21.33
C GLY C 404 -5.52 36.56 -20.82
N THR C 405 -5.64 35.40 -21.47
CA THR C 405 -4.89 34.20 -21.08
C THR C 405 -4.32 33.53 -22.31
N ILE C 406 -3.04 33.20 -22.22
CA ILE C 406 -2.39 32.34 -23.20
C ILE C 406 -2.10 30.98 -22.55
N VAL C 407 -2.63 29.92 -23.17
CA VAL C 407 -2.41 28.56 -22.69
C VAL C 407 -1.42 27.83 -23.61
N SER C 408 -0.52 27.05 -23.01
CA SER C 408 0.43 26.22 -23.74
C SER C 408 0.31 24.75 -23.34
N ASP C 409 0.25 23.88 -24.35
CA ASP C 409 0.38 22.44 -24.21
C ASP C 409 1.87 22.12 -24.05
N ILE C 410 2.24 20.84 -24.19
CA ILE C 410 3.59 20.39 -23.85
C ILE C 410 4.35 19.98 -25.12
N GLY C 411 5.65 20.26 -25.16
CA GLY C 411 6.45 20.05 -26.35
C GLY C 411 7.59 21.04 -26.43
N PHE C 412 8.43 20.92 -27.46
CA PHE C 412 9.56 21.83 -27.61
C PHE C 412 9.10 23.30 -27.73
N PHE C 413 8.00 23.50 -28.44
CA PHE C 413 7.41 24.83 -28.61
C PHE C 413 7.04 25.50 -27.27
N ARG C 414 6.84 24.70 -26.23
CA ARG C 414 6.35 25.21 -24.95
C ARG C 414 7.39 26.12 -24.29
N HIS C 415 8.67 25.79 -24.48
CA HIS C 415 9.83 26.60 -24.05
CA HIS C 415 9.66 26.65 -23.88
C HIS C 415 9.79 28.02 -24.57
N TYR C 416 9.33 28.13 -25.81
CA TYR C 416 9.15 29.43 -26.49
C TYR C 416 8.02 30.24 -25.83
N GLY C 417 6.96 29.56 -25.40
CA GLY C 417 5.88 30.22 -24.66
C GLY C 417 6.35 30.74 -23.31
N VAL C 418 7.18 29.95 -22.63
CA VAL C 418 7.68 30.34 -21.31
C VAL C 418 8.54 31.60 -21.43
N LEU C 419 9.43 31.61 -22.41
CA LEU C 419 10.36 32.72 -22.61
C LEU C 419 9.71 33.97 -23.21
N PHE C 420 8.75 33.80 -24.11
CA PHE C 420 8.28 34.91 -24.94
C PHE C 420 6.82 35.31 -24.79
N ALA C 421 5.97 34.41 -24.31
CA ALA C 421 4.54 34.67 -24.30
C ALA C 421 4.17 35.76 -23.31
N ARG C 422 3.25 36.61 -23.73
CA ARG C 422 2.73 37.71 -22.94
C ARG C 422 1.92 37.21 -21.73
N ALA C 423 2.17 37.80 -20.56
CA ALA C 423 1.37 37.56 -19.36
C ALA C 423 1.24 38.89 -18.61
N ASP C 424 0.03 39.46 -18.65
CA ASP C 424 -0.19 40.79 -18.05
C ASP C 424 -0.98 40.71 -16.74
N GLN C 425 -1.14 39.49 -16.23
CA GLN C 425 -1.76 39.22 -14.94
C GLN C 425 -1.24 37.88 -14.39
N PRO C 426 -1.37 37.65 -13.06
CA PRO C 426 -1.06 36.32 -12.50
C PRO C 426 -1.93 35.22 -13.15
N PHE C 427 -1.29 34.12 -13.54
CA PHE C 427 -1.91 33.06 -14.37
C PHE C 427 -2.39 33.56 -15.76
N GLY C 428 -1.71 34.59 -16.29
CA GLY C 428 -1.93 35.05 -17.67
C GLY C 428 -1.23 34.18 -18.73
N PHE C 429 -0.24 33.40 -18.29
CA PHE C 429 0.30 32.32 -19.10
C PHE C 429 0.11 31.00 -18.35
N LEU C 430 -0.60 30.05 -18.95
CA LEU C 430 -0.86 28.77 -18.29
C LEU C 430 -0.19 27.59 -18.95
N THR C 431 0.45 26.76 -18.14
CA THR C 431 1.00 25.50 -18.62
C THR C 431 1.17 24.53 -17.45
N SER C 432 1.46 23.26 -17.76
CA SER C 432 1.68 22.27 -16.74
C SER C 432 3.17 22.18 -16.38
N ALA C 433 3.54 22.73 -15.23
CA ALA C 433 4.96 22.68 -14.80
C ALA C 433 5.37 21.40 -14.07
N GLY C 434 4.50 20.87 -13.21
CA GLY C 434 4.83 19.69 -12.42
C GLY C 434 4.62 18.37 -13.12
N CYS C 435 3.48 18.25 -13.81
CA CYS C 435 3.08 17.00 -14.42
C CYS C 435 3.50 16.88 -15.89
N SER C 436 3.35 17.98 -16.63
CA SER C 436 3.70 18.07 -18.06
C SER C 436 3.12 16.98 -18.97
N SER C 437 1.85 16.64 -18.79
CA SER C 437 1.20 15.68 -19.70
C SER C 437 0.86 16.38 -21.01
N PHE C 438 1.20 15.75 -22.14
CA PHE C 438 0.72 16.28 -23.42
C PHE C 438 -0.80 16.12 -23.48
N GLY C 439 -1.46 16.97 -24.28
CA GLY C 439 -2.92 16.99 -24.35
C GLY C 439 -3.58 17.90 -23.33
N TYR C 440 -2.75 18.53 -22.49
CA TYR C 440 -3.16 19.45 -21.43
C TYR C 440 -3.87 20.71 -21.95
N GLY C 441 -3.56 21.11 -23.18
CA GLY C 441 -3.94 22.42 -23.71
C GLY C 441 -5.42 22.71 -23.81
N ILE C 442 -6.18 21.80 -24.42
CA ILE C 442 -7.63 22.00 -24.58
C ILE C 442 -8.38 22.09 -23.23
N PRO C 443 -8.19 21.10 -22.32
CA PRO C 443 -8.85 21.22 -21.00
C PRO C 443 -8.45 22.46 -20.21
N ALA C 444 -7.17 22.86 -20.30
CA ALA C 444 -6.69 24.07 -19.63
C ALA C 444 -7.31 25.33 -20.23
N ALA C 445 -7.50 25.32 -21.55
CA ALA C 445 -8.21 26.43 -22.22
C ALA C 445 -9.71 26.49 -21.88
N ILE C 446 -10.34 25.33 -21.73
CA ILE C 446 -11.73 25.27 -21.28
C ILE C 446 -11.84 25.84 -19.86
N GLY C 447 -10.96 25.38 -18.96
CA GLY C 447 -10.96 25.87 -17.58
C GLY C 447 -10.72 27.37 -17.50
N ALA C 448 -9.75 27.84 -18.27
CA ALA C 448 -9.40 29.27 -18.33
C ALA C 448 -10.55 30.15 -18.84
N GLN C 449 -11.21 29.70 -19.92
CA GLN C 449 -12.31 30.47 -20.50
C GLN C 449 -13.55 30.50 -19.60
N MET C 450 -13.77 29.41 -18.85
CA MET C 450 -14.88 29.37 -17.90
C MET C 450 -14.62 30.19 -16.62
N ALA C 451 -13.37 30.30 -16.21
CA ALA C 451 -12.99 31.14 -15.08
C ALA C 451 -13.02 32.62 -15.45
N ARG C 452 -12.73 32.91 -16.72
CA ARG C 452 -12.61 34.28 -17.23
C ARG C 452 -13.49 34.51 -18.46
N PRO C 453 -14.83 34.42 -18.28
CA PRO C 453 -15.74 34.37 -19.44
C PRO C 453 -15.68 35.59 -20.38
N ASP C 454 -15.27 36.75 -19.88
CA ASP C 454 -15.21 37.97 -20.69
C ASP C 454 -13.80 38.35 -21.24
N GLN C 455 -12.86 37.41 -21.20
CA GLN C 455 -11.48 37.68 -21.60
C GLN C 455 -11.08 36.76 -22.76
N PRO C 456 -10.16 37.23 -23.64
CA PRO C 456 -9.64 36.37 -24.73
C PRO C 456 -8.77 35.24 -24.20
N THR C 457 -8.92 34.06 -24.80
CA THR C 457 -8.18 32.86 -24.41
C THR C 457 -7.54 32.28 -25.67
N PHE C 458 -6.20 32.31 -25.73
CA PHE C 458 -5.46 31.72 -26.86
C PHE C 458 -4.75 30.45 -26.39
N LEU C 459 -4.78 29.41 -27.24
CA LEU C 459 -4.04 28.20 -26.95
C LEU C 459 -3.03 27.98 -28.05
N ILE C 460 -1.80 27.64 -27.67
CA ILE C 460 -0.81 27.07 -28.61
C ILE C 460 -0.49 25.61 -28.23
N ALA C 461 -0.52 24.73 -29.22
CA ALA C 461 -0.19 23.32 -29.01
C ALA C 461 0.60 22.77 -30.22
N GLY C 462 1.35 21.69 -30.00
CA GLY C 462 2.02 20.97 -31.08
C GLY C 462 1.17 19.82 -31.60
N ASP C 463 1.54 19.28 -32.75
CA ASP C 463 0.75 18.23 -33.41
C ASP C 463 0.69 16.93 -32.60
N GLY C 464 1.79 16.58 -31.92
CA GLY C 464 1.87 15.38 -31.10
C GLY C 464 0.96 15.41 -29.88
N GLY C 465 1.18 16.41 -29.01
CA GLY C 465 0.33 16.63 -27.84
C GLY C 465 -1.12 16.97 -28.15
N PHE C 466 -1.36 17.85 -29.11
CA PHE C 466 -2.72 18.22 -29.48
C PHE C 466 -3.57 17.01 -29.92
N HIS C 467 -2.99 16.17 -30.78
CA HIS C 467 -3.73 15.02 -31.29
C HIS C 467 -3.95 13.92 -30.24
N SER C 468 -3.15 13.89 -29.20
CA SER C 468 -3.34 12.94 -28.10
C SER C 468 -4.72 13.13 -27.40
N ASN C 469 -5.27 14.36 -27.49
CA ASN C 469 -6.50 14.75 -26.79
C ASN C 469 -7.42 15.64 -27.63
N SER C 470 -7.38 15.47 -28.95
CA SER C 470 -8.06 16.38 -29.88
C SER C 470 -9.58 16.22 -29.97
N SER C 471 -10.10 15.11 -29.46
CA SER C 471 -11.53 14.82 -29.46
C SER C 471 -12.37 15.81 -28.69
N ASP C 472 -11.77 16.43 -27.68
CA ASP C 472 -12.47 17.46 -26.91
C ASP C 472 -12.64 18.83 -27.63
N LEU C 473 -12.19 18.90 -28.88
CA LEU C 473 -12.68 19.95 -29.79
C LEU C 473 -14.22 19.98 -29.87
N GLU C 474 -14.84 18.81 -29.81
CA GLU C 474 -16.31 18.71 -29.81
C GLU C 474 -16.90 19.40 -28.59
N THR C 475 -16.27 19.20 -27.43
CA THR C 475 -16.69 19.81 -26.19
C THR C 475 -16.60 21.34 -26.26
N ILE C 476 -15.53 21.85 -26.86
CA ILE C 476 -15.35 23.29 -27.03
C ILE C 476 -16.49 23.88 -27.88
N ALA C 477 -16.82 23.19 -28.97
CA ALA C 477 -17.90 23.59 -29.86
C ALA C 477 -19.27 23.53 -29.19
N ARG C 478 -19.50 22.44 -28.43
CA ARG C 478 -20.77 22.23 -27.71
C ARG C 478 -21.01 23.29 -26.62
N LEU C 479 -19.96 23.66 -25.89
CA LEU C 479 -20.07 24.69 -24.85
C LEU C 479 -20.00 26.09 -25.45
N ASN C 480 -19.62 26.17 -26.73
CA ASN C 480 -19.44 27.43 -27.46
C ASN C 480 -18.45 28.37 -26.76
N LEU C 481 -17.30 27.82 -26.38
CA LEU C 481 -16.24 28.60 -25.73
C LEU C 481 -15.34 29.22 -26.81
N PRO C 482 -15.27 30.56 -26.85
CA PRO C 482 -14.59 31.27 -27.95
C PRO C 482 -13.05 31.21 -27.92
N ILE C 483 -12.51 30.02 -27.69
CA ILE C 483 -11.06 29.79 -27.65
C ILE C 483 -10.47 29.81 -29.07
N VAL C 484 -9.35 30.51 -29.23
CA VAL C 484 -8.59 30.48 -30.47
C VAL C 484 -7.37 29.60 -30.26
N THR C 485 -7.28 28.53 -31.07
CA THR C 485 -6.19 27.57 -30.98
C THR C 485 -5.22 27.70 -32.16
N VAL C 486 -3.92 27.70 -31.85
CA VAL C 486 -2.89 27.59 -32.86
C VAL C 486 -2.22 26.23 -32.69
N VAL C 487 -2.23 25.41 -33.75
CA VAL C 487 -1.51 24.15 -33.76
C VAL C 487 -0.23 24.29 -34.59
N VAL C 488 0.92 24.18 -33.93
CA VAL C 488 2.21 24.23 -34.62
C VAL C 488 2.60 22.82 -35.04
N ASN C 489 2.53 22.55 -36.34
CA ASN C 489 2.64 21.21 -36.88
C ASN C 489 3.96 20.92 -37.58
N ASN C 490 4.73 19.96 -37.07
CA ASN C 490 5.92 19.47 -37.78
C ASN C 490 5.95 17.95 -38.02
N ASP C 491 4.78 17.30 -37.90
CA ASP C 491 4.63 15.83 -38.08
C ASP C 491 5.54 14.96 -37.19
N THR C 492 5.85 15.47 -35.99
CA THR C 492 6.83 14.83 -35.10
C THR C 492 6.50 15.14 -33.64
N ASN C 493 6.89 14.21 -32.76
CA ASN C 493 7.15 14.50 -31.34
C ASN C 493 8.54 15.15 -31.24
N GLY C 494 8.61 16.45 -31.52
CA GLY C 494 9.88 17.17 -31.72
C GLY C 494 10.84 17.17 -30.53
N LEU C 495 10.32 17.48 -29.35
CA LEU C 495 11.09 17.46 -28.12
C LEU C 495 11.80 16.11 -27.95
N ILE C 496 11.13 15.04 -28.36
CA ILE C 496 11.64 13.69 -28.14
C ILE C 496 12.76 13.37 -29.15
N GLU C 497 12.60 13.89 -30.36
CA GLU C 497 13.68 13.81 -31.35
C GLU C 497 14.92 14.57 -30.88
N LEU C 498 14.73 15.74 -30.27
CA LEU C 498 15.84 16.47 -29.64
C LEU C 498 16.56 15.59 -28.60
N TYR C 499 15.79 14.93 -27.73
CA TYR C 499 16.36 14.00 -26.75
C TYR C 499 17.15 12.84 -27.34
N GLN C 500 16.64 12.24 -28.43
CA GLN C 500 17.42 11.24 -29.17
C GLN C 500 18.81 11.79 -29.56
N ASN C 501 18.82 13.00 -30.14
CA ASN C 501 20.07 13.65 -30.56
C ASN C 501 21.04 14.03 -29.45
N ILE C 502 20.51 14.57 -28.36
CA ILE C 502 21.31 14.83 -27.16
C ILE C 502 21.95 13.54 -26.64
N GLY C 503 21.15 12.47 -26.55
CA GLY C 503 21.61 11.22 -25.95
C GLY C 503 22.43 10.31 -26.86
N HIS C 504 22.12 10.30 -28.15
CA HIS C 504 22.65 9.31 -29.09
C HIS C 504 23.30 9.90 -30.34
N HIS C 505 23.27 11.23 -30.46
CA HIS C 505 23.81 11.96 -31.62
C HIS C 505 23.16 11.59 -32.97
N ARG C 506 21.96 11.01 -32.90
CA ARG C 506 21.14 10.71 -34.09
C ARG C 506 19.67 10.52 -33.73
N SER C 507 18.81 10.53 -34.75
CA SER C 507 17.37 10.26 -34.62
C SER C 507 17.05 8.79 -34.85
N HIS C 508 15.90 8.36 -34.35
CA HIS C 508 15.30 7.09 -34.75
C HIS C 508 13.81 7.32 -34.99
N ASP C 509 13.46 7.51 -36.26
CA ASP C 509 12.15 7.95 -36.70
C ASP C 509 10.93 7.13 -36.23
N PRO C 510 11.03 5.78 -36.19
CA PRO C 510 9.88 5.00 -35.71
C PRO C 510 9.35 5.38 -34.31
N ALA C 511 10.19 5.99 -33.47
CA ALA C 511 9.82 6.35 -32.09
C ALA C 511 9.34 7.80 -31.97
N VAL C 512 9.43 8.59 -33.05
CA VAL C 512 9.07 10.02 -33.02
C VAL C 512 8.19 10.56 -34.20
N LYS C 513 8.20 9.88 -35.33
CA LYS C 513 7.58 10.43 -36.56
C LYS C 513 6.13 10.02 -36.83
N PHE C 514 5.34 10.98 -37.27
CA PHE C 514 3.94 10.76 -37.64
C PHE C 514 3.76 10.93 -39.15
N GLY C 515 2.63 10.43 -39.64
CA GLY C 515 2.14 10.79 -40.98
C GLY C 515 1.39 12.12 -40.91
N GLY C 516 0.74 12.49 -42.01
CA GLY C 516 0.04 13.78 -42.06
C GLY C 516 -1.31 13.78 -41.37
N VAL C 517 -1.55 14.82 -40.56
CA VAL C 517 -2.88 15.11 -40.04
C VAL C 517 -3.27 16.52 -40.52
N ASP C 518 -4.46 16.64 -41.10
CA ASP C 518 -5.03 17.92 -41.52
C ASP C 518 -5.87 18.45 -40.36
N PHE C 519 -5.30 19.37 -39.58
CA PHE C 519 -5.96 19.86 -38.36
C PHE C 519 -7.08 20.84 -38.66
N VAL C 520 -7.00 21.48 -39.82
CA VAL C 520 -8.09 22.33 -40.31
C VAL C 520 -9.35 21.48 -40.56
N ALA C 521 -9.19 20.37 -41.26
CA ALA C 521 -10.30 19.44 -41.52
C ALA C 521 -10.73 18.69 -40.26
N LEU C 522 -9.78 18.41 -39.37
CA LEU C 522 -10.08 17.81 -38.08
C LEU C 522 -11.00 18.69 -37.23
N ALA C 523 -10.67 19.99 -37.12
CA ALA C 523 -11.50 20.96 -36.39
C ALA C 523 -12.91 21.09 -36.96
N GLU C 524 -12.99 21.29 -38.28
CA GLU C 524 -14.27 21.41 -38.96
C GLU C 524 -15.16 20.16 -38.80
N ALA C 525 -14.54 18.97 -38.71
CA ALA C 525 -15.27 17.72 -38.44
C ALA C 525 -15.92 17.72 -37.04
N ASN C 526 -15.31 18.45 -36.11
CA ASN C 526 -15.85 18.64 -34.76
C ASN C 526 -16.81 19.84 -34.62
N GLY C 527 -17.01 20.60 -35.70
CA GLY C 527 -17.88 21.78 -35.65
C GLY C 527 -17.17 23.06 -35.23
N VAL C 528 -15.86 23.12 -35.46
CA VAL C 528 -15.06 24.30 -35.14
C VAL C 528 -14.49 24.85 -36.44
N ASP C 529 -14.76 26.11 -36.75
CA ASP C 529 -14.17 26.75 -37.93
C ASP C 529 -12.66 26.83 -37.81
N ALA C 530 -11.96 26.63 -38.92
CA ALA C 530 -10.51 26.55 -38.93
C ALA C 530 -9.90 27.13 -40.21
N THR C 531 -8.60 27.45 -40.15
CA THR C 531 -7.85 27.93 -41.31
C THR C 531 -6.36 27.57 -41.18
N ARG C 532 -5.65 27.63 -42.30
CA ARG C 532 -4.21 27.37 -42.33
C ARG C 532 -3.46 28.69 -42.58
N ALA C 533 -2.40 28.93 -41.81
CA ALA C 533 -1.59 30.15 -41.94
C ALA C 533 -0.13 29.79 -42.06
N THR C 534 0.54 30.33 -43.08
CA THR C 534 1.91 29.90 -43.40
C THR C 534 2.96 31.02 -43.27
N ASN C 535 2.53 32.22 -42.91
CA ASN C 535 3.44 33.35 -42.65
C ASN C 535 2.83 34.35 -41.68
N ARG C 536 3.63 35.35 -41.25
CA ARG C 536 3.17 36.37 -40.30
C ARG C 536 1.89 37.07 -40.72
N GLU C 537 1.83 37.51 -41.98
CA GLU C 537 0.65 38.20 -42.50
C GLU C 537 -0.61 37.32 -42.45
N GLU C 538 -0.50 36.06 -42.84
CA GLU C 538 -1.64 35.12 -42.77
C GLU C 538 -2.01 34.76 -41.32
N LEU C 539 -0.98 34.60 -40.47
CA LEU C 539 -1.22 34.30 -39.06
C LEU C 539 -1.92 35.44 -38.33
N LEU C 540 -1.42 36.66 -38.49
CA LEU C 540 -2.06 37.83 -37.90
C LEU C 540 -3.52 37.97 -38.29
N ALA C 541 -3.82 37.74 -39.58
CA ALA C 541 -5.18 37.89 -40.10
C ALA C 541 -6.11 36.82 -39.53
N ALA C 542 -5.60 35.59 -39.44
CA ALA C 542 -6.35 34.48 -38.86
C ALA C 542 -6.64 34.72 -37.37
N LEU C 543 -5.64 35.22 -36.63
CA LEU C 543 -5.78 35.50 -35.20
C LEU C 543 -6.80 36.60 -34.90
N ARG C 544 -6.78 37.66 -35.72
CA ARG C 544 -7.72 38.77 -35.60
C ARG C 544 -9.14 38.30 -35.87
N LYS C 545 -9.31 37.58 -36.97
CA LYS C 545 -10.58 36.92 -37.29
C LYS C 545 -11.11 36.11 -36.09
N GLY C 546 -10.25 35.21 -35.59
CA GLY C 546 -10.57 34.32 -34.47
C GLY C 546 -10.99 35.05 -33.22
N ALA C 547 -10.23 36.09 -32.87
CA ALA C 547 -10.49 36.91 -31.67
C ALA C 547 -11.85 37.64 -31.70
N GLU C 548 -12.34 37.92 -32.90
CA GLU C 548 -13.59 38.67 -33.04
C GLU C 548 -14.77 37.77 -33.42
N LEU C 549 -14.50 36.46 -33.53
CA LEU C 549 -15.47 35.50 -34.10
C LEU C 549 -16.70 35.22 -33.25
N GLY C 550 -16.54 35.22 -31.93
CA GLY C 550 -17.63 34.86 -31.01
C GLY C 550 -17.93 33.37 -30.93
N ARG C 551 -17.08 32.58 -31.58
CA ARG C 551 -17.11 31.11 -31.56
C ARG C 551 -15.65 30.64 -31.43
N PRO C 552 -15.45 29.35 -31.14
CA PRO C 552 -14.11 28.75 -31.29
C PRO C 552 -13.53 28.79 -32.70
N PHE C 553 -12.20 28.83 -32.79
CA PHE C 553 -11.48 28.94 -34.06
C PHE C 553 -10.13 28.24 -33.92
N LEU C 554 -9.70 27.54 -34.97
CA LEU C 554 -8.41 26.84 -34.97
C LEU C 554 -7.55 27.25 -36.16
N ILE C 555 -6.27 27.50 -35.89
CA ILE C 555 -5.32 27.86 -36.93
C ILE C 555 -4.18 26.83 -36.97
N GLU C 556 -4.00 26.17 -38.11
CA GLU C 556 -2.86 25.28 -38.29
C GLU C 556 -1.69 26.04 -38.90
N VAL C 557 -0.53 25.96 -38.26
CA VAL C 557 0.69 26.58 -38.76
C VAL C 557 1.81 25.53 -38.95
N PRO C 558 2.26 25.36 -40.21
CA PRO C 558 3.44 24.53 -40.46
C PRO C 558 4.71 25.16 -39.87
N VAL C 559 5.45 24.40 -39.08
CA VAL C 559 6.68 24.90 -38.48
C VAL C 559 7.82 23.93 -38.71
N ASN C 560 9.03 24.42 -38.43
CA ASN C 560 10.21 23.58 -38.42
C ASN C 560 11.15 24.05 -37.32
N TYR C 561 11.94 23.12 -36.79
CA TYR C 561 12.90 23.43 -35.73
C TYR C 561 14.34 23.30 -36.25
N LYS D 11 29.65 1.20 -25.44
CA LYS D 11 29.33 -0.06 -24.66
C LYS D 11 27.82 -0.21 -24.41
N PRO D 12 27.28 -1.43 -24.62
CA PRO D 12 25.86 -1.76 -24.38
C PRO D 12 25.36 -1.52 -22.95
N THR D 13 24.16 -0.95 -22.84
CA THR D 13 23.58 -0.49 -21.59
C THR D 13 22.40 -1.37 -21.17
N ALA D 14 21.74 -1.01 -20.07
CA ALA D 14 20.53 -1.69 -19.60
C ALA D 14 19.40 -1.65 -20.63
N ALA D 15 19.40 -0.63 -21.49
CA ALA D 15 18.44 -0.50 -22.59
C ALA D 15 18.61 -1.66 -23.61
N HIS D 16 19.86 -1.95 -23.96
CA HIS D 16 20.19 -3.05 -24.84
C HIS D 16 19.87 -4.38 -24.15
N ALA D 17 20.20 -4.50 -22.87
CA ALA D 17 19.91 -5.71 -22.12
C ALA D 17 18.40 -6.01 -21.98
N LEU D 18 17.59 -4.97 -21.81
CA LEU D 18 16.14 -5.11 -21.74
C LEU D 18 15.50 -5.60 -23.07
N LEU D 19 15.83 -4.93 -24.16
CA LEU D 19 15.32 -5.26 -25.48
C LEU D 19 15.78 -6.65 -25.92
N SER D 20 17.02 -6.97 -25.60
CA SER D 20 17.59 -8.27 -25.85
C SER D 20 16.84 -9.41 -25.12
N ARG D 21 16.47 -9.18 -23.85
CA ARG D 21 15.76 -10.20 -23.06
C ARG D 21 14.28 -10.35 -23.46
N LEU D 22 13.64 -9.24 -23.83
CA LEU D 22 12.30 -9.30 -24.43
C LEU D 22 12.30 -10.15 -25.69
N ARG D 23 13.32 -9.96 -26.53
CA ARG D 23 13.48 -10.75 -27.76
C ARG D 23 13.69 -12.25 -27.48
N ASP D 24 14.42 -12.58 -26.41
CA ASP D 24 14.58 -13.97 -25.96
C ASP D 24 13.24 -14.63 -25.59
N HIS D 25 12.28 -13.81 -25.18
CA HIS D 25 10.93 -14.27 -24.83
C HIS D 25 9.96 -14.22 -26.01
N GLY D 26 10.49 -13.97 -27.21
CA GLY D 26 9.69 -14.01 -28.44
C GLY D 26 9.11 -12.68 -28.90
N VAL D 27 9.37 -11.60 -28.15
CA VAL D 27 8.74 -10.31 -28.42
C VAL D 27 9.36 -9.67 -29.68
N GLY D 28 8.51 -9.20 -30.60
CA GLY D 28 8.97 -8.56 -31.84
C GLY D 28 8.57 -7.11 -31.97
N LYS D 29 7.59 -6.70 -31.17
CA LYS D 29 7.04 -5.34 -31.17
C LYS D 29 6.98 -4.75 -29.76
N VAL D 30 7.33 -3.48 -29.63
CA VAL D 30 7.05 -2.71 -28.40
C VAL D 30 6.13 -1.55 -28.80
N PHE D 31 4.89 -1.57 -28.29
CA PHE D 31 3.93 -0.48 -28.53
C PHE D 31 4.10 0.59 -27.48
N GLY D 32 4.01 1.85 -27.86
CA GLY D 32 4.02 2.93 -26.89
C GLY D 32 4.25 4.34 -27.41
N VAL D 33 4.53 5.22 -26.47
CA VAL D 33 4.86 6.63 -26.73
C VAL D 33 6.15 6.90 -25.93
N VAL D 34 7.17 7.44 -26.60
CA VAL D 34 8.47 7.68 -25.94
C VAL D 34 8.61 9.13 -25.49
N GLY D 35 9.13 9.31 -24.28
CA GLY D 35 9.42 10.64 -23.75
C GLY D 35 10.92 10.89 -23.63
N ARG D 36 11.31 11.66 -22.62
CA ARG D 36 12.71 12.07 -22.43
C ARG D 36 13.72 10.95 -22.14
N GLU D 37 13.23 9.76 -21.80
CA GLU D 37 14.07 8.55 -21.77
C GLU D 37 14.67 8.18 -23.13
N ALA D 38 14.26 8.89 -24.19
CA ALA D 38 14.82 8.70 -25.54
C ALA D 38 16.33 9.03 -25.56
N ALA D 39 16.77 9.84 -24.59
CA ALA D 39 18.18 10.12 -24.36
C ALA D 39 18.94 8.86 -23.93
N SER D 40 18.22 7.89 -23.38
CA SER D 40 18.79 6.65 -22.84
C SER D 40 18.46 5.41 -23.69
N ILE D 41 17.42 5.51 -24.51
CA ILE D 41 16.97 4.37 -25.32
C ILE D 41 16.46 4.84 -26.69
N LEU D 42 17.03 4.30 -27.76
CA LEU D 42 16.63 4.66 -29.12
C LEU D 42 15.55 3.76 -29.68
N PHE D 43 15.67 2.46 -29.38
CA PHE D 43 14.82 1.36 -29.88
C PHE D 43 15.32 0.74 -31.19
N ASP D 44 16.57 1.02 -31.53
CA ASP D 44 17.25 0.36 -32.65
C ASP D 44 18.40 -0.51 -32.14
N GLU D 45 18.55 -0.58 -30.82
CA GLU D 45 19.65 -1.32 -30.20
C GLU D 45 19.74 -2.80 -30.61
N VAL D 46 18.58 -3.41 -30.86
CA VAL D 46 18.49 -4.88 -31.01
C VAL D 46 17.70 -5.24 -32.27
N GLU D 47 18.30 -6.08 -33.13
CA GLU D 47 17.66 -6.51 -34.37
C GLU D 47 16.47 -7.43 -34.09
N GLY D 48 15.36 -7.21 -34.77
CA GLY D 48 14.23 -8.12 -34.63
C GLY D 48 13.19 -7.68 -33.61
N ILE D 49 13.35 -6.48 -33.07
CA ILE D 49 12.35 -5.91 -32.18
C ILE D 49 12.13 -4.44 -32.58
N ASP D 50 10.92 -4.13 -33.08
CA ASP D 50 10.56 -2.78 -33.57
C ASP D 50 9.59 -2.02 -32.66
N PHE D 51 9.78 -0.70 -32.57
CA PHE D 51 8.87 0.18 -31.86
C PHE D 51 7.64 0.55 -32.71
N VAL D 52 6.45 0.45 -32.10
CA VAL D 52 5.21 0.89 -32.74
C VAL D 52 4.66 2.09 -31.98
N LEU D 53 4.84 3.28 -32.57
CA LEU D 53 4.41 4.53 -31.95
C LEU D 53 2.91 4.78 -32.12
N THR D 54 2.22 4.97 -31.00
CA THR D 54 0.79 5.28 -30.99
C THR D 54 0.63 6.75 -30.63
N ARG D 55 -0.61 7.27 -30.73
CA ARG D 55 -0.91 8.66 -30.35
C ARG D 55 -1.24 8.82 -28.85
N HIS D 56 -1.56 7.72 -28.17
CA HIS D 56 -1.87 7.73 -26.73
C HIS D 56 -1.45 6.39 -26.18
N GLU D 57 -1.04 6.35 -24.90
CA GLU D 57 -0.53 5.15 -24.24
C GLU D 57 -1.58 4.04 -24.08
N PHE D 58 -2.84 4.43 -23.89
CA PHE D 58 -3.92 3.46 -23.76
C PHE D 58 -3.96 2.52 -24.98
N THR D 59 -3.83 3.11 -26.17
CA THR D 59 -3.78 2.37 -27.43
C THR D 59 -2.64 1.34 -27.44
N ALA D 60 -1.46 1.77 -26.98
CA ALA D 60 -0.29 0.89 -26.84
C ALA D 60 -0.54 -0.33 -25.93
N GLY D 61 -1.09 -0.09 -24.74
CA GLY D 61 -1.39 -1.16 -23.78
C GLY D 61 -2.43 -2.16 -24.26
N VAL D 62 -3.53 -1.67 -24.83
CA VAL D 62 -4.59 -2.53 -25.39
C VAL D 62 -4.13 -3.31 -26.64
N ALA D 63 -3.38 -2.67 -27.55
CA ALA D 63 -2.85 -3.38 -28.73
C ALA D 63 -1.97 -4.55 -28.31
N ALA D 64 -1.09 -4.33 -27.34
CA ALA D 64 -0.28 -5.43 -26.76
C ALA D 64 -1.12 -6.52 -26.05
N ASP D 65 -2.20 -6.12 -25.35
CA ASP D 65 -3.10 -7.06 -24.69
C ASP D 65 -3.77 -8.02 -25.68
N VAL D 66 -4.26 -7.48 -26.79
CA VAL D 66 -4.97 -8.26 -27.79
C VAL D 66 -4.01 -9.15 -28.57
N LEU D 67 -2.84 -8.61 -28.91
CA LEU D 67 -1.78 -9.39 -29.54
C LEU D 67 -1.37 -10.57 -28.67
N ALA D 68 -1.23 -10.35 -27.36
CA ALA D 68 -0.93 -11.41 -26.40
C ALA D 68 -2.01 -12.48 -26.31
N ARG D 69 -3.27 -12.05 -26.37
CA ARG D 69 -4.41 -12.96 -26.31
C ARG D 69 -4.43 -13.93 -27.50
N ILE D 70 -4.29 -13.40 -28.70
CA ILE D 70 -4.38 -14.21 -29.91
C ILE D 70 -3.14 -15.09 -30.12
N THR D 71 -1.95 -14.52 -29.97
CA THR D 71 -0.71 -15.30 -30.09
C THR D 71 -0.48 -16.29 -28.94
N GLY D 72 -1.04 -16.01 -27.75
CA GLY D 72 -0.71 -16.78 -26.54
C GLY D 72 0.73 -16.59 -26.04
N ARG D 73 1.34 -15.47 -26.41
CA ARG D 73 2.72 -15.13 -26.03
C ARG D 73 2.77 -13.76 -25.34
N PRO D 74 3.72 -13.56 -24.39
CA PRO D 74 3.93 -12.24 -23.77
C PRO D 74 4.24 -11.12 -24.77
N GLN D 75 3.60 -9.98 -24.58
CA GLN D 75 3.80 -8.81 -25.44
C GLN D 75 4.23 -7.62 -24.57
N ALA D 76 4.57 -6.49 -25.18
CA ALA D 76 5.19 -5.39 -24.44
C ALA D 76 4.69 -4.02 -24.86
N CYS D 77 4.56 -3.15 -23.85
CA CYS D 77 4.23 -1.75 -24.07
C CYS D 77 5.12 -0.83 -23.23
N TRP D 78 5.12 0.46 -23.59
CA TRP D 78 6.11 1.41 -23.12
C TRP D 78 5.53 2.79 -22.84
N ALA D 79 5.88 3.39 -21.70
CA ALA D 79 5.47 4.78 -21.45
C ALA D 79 6.57 5.58 -20.79
N THR D 80 6.45 6.91 -20.87
CA THR D 80 7.39 7.78 -20.18
C THR D 80 7.04 7.90 -18.68
N LEU D 81 7.81 8.69 -17.95
CA LEU D 81 7.55 8.89 -16.53
C LEU D 81 6.26 9.67 -16.24
N GLY D 82 5.75 9.55 -15.02
CA GLY D 82 4.61 10.35 -14.57
C GLY D 82 3.32 10.09 -15.32
N PRO D 83 2.83 11.08 -16.10
CA PRO D 83 1.60 10.97 -16.92
C PRO D 83 1.61 9.91 -18.03
N GLY D 84 2.79 9.52 -18.53
CA GLY D 84 2.89 8.40 -19.46
C GLY D 84 2.45 7.09 -18.79
N MET D 85 3.01 6.86 -17.60
CA MET D 85 2.68 5.72 -16.77
C MET D 85 1.20 5.72 -16.38
N THR D 86 0.64 6.86 -15.99
CA THR D 86 -0.78 6.92 -15.64
C THR D 86 -1.73 6.71 -16.84
N ASN D 87 -1.36 7.23 -18.01
CA ASN D 87 -2.10 6.93 -19.24
C ASN D 87 -2.05 5.42 -19.60
N LEU D 88 -0.89 4.80 -19.38
CA LEU D 88 -0.69 3.37 -19.64
C LEU D 88 -1.51 2.48 -18.70
N SER D 89 -1.81 3.00 -17.51
CA SER D 89 -2.52 2.24 -16.48
C SER D 89 -3.89 1.76 -16.90
N THR D 90 -4.59 2.50 -17.76
CA THR D 90 -5.88 2.01 -18.26
C THR D 90 -5.69 0.79 -19.16
N GLY D 91 -4.57 0.75 -19.90
CA GLY D 91 -4.19 -0.44 -20.66
C GLY D 91 -3.77 -1.57 -19.74
N ILE D 92 -3.05 -1.23 -18.66
CA ILE D 92 -2.70 -2.23 -17.64
C ILE D 92 -3.96 -2.82 -16.95
N ALA D 93 -4.91 -1.96 -16.62
CA ALA D 93 -6.23 -2.36 -16.07
C ALA D 93 -7.01 -3.28 -17.02
N THR D 94 -6.95 -2.97 -18.31
CA THR D 94 -7.55 -3.82 -19.36
C THR D 94 -6.96 -5.23 -19.31
N SER D 95 -5.64 -5.29 -19.18
CA SER D 95 -4.92 -6.55 -19.16
C SER D 95 -5.13 -7.38 -17.90
N VAL D 96 -5.27 -6.74 -16.73
CA VAL D 96 -5.49 -7.49 -15.48
C VAL D 96 -6.92 -8.08 -15.41
N LEU D 97 -7.90 -7.34 -15.91
CA LEU D 97 -9.30 -7.77 -15.88
C LEU D 97 -9.71 -8.66 -17.08
N ASP D 98 -9.09 -8.44 -18.24
CA ASP D 98 -9.36 -9.27 -19.42
C ASP D 98 -8.47 -10.50 -19.51
N ARG D 99 -7.45 -10.56 -18.64
CA ARG D 99 -6.46 -11.66 -18.51
C ARG D 99 -5.51 -11.87 -19.69
N SER D 100 -4.55 -10.99 -19.86
CA SER D 100 -3.52 -11.19 -20.88
C SER D 100 -2.13 -10.87 -20.34
N PRO D 101 -1.12 -11.67 -20.76
CA PRO D 101 0.25 -11.51 -20.26
C PRO D 101 1.02 -10.37 -20.96
N VAL D 102 0.90 -9.15 -20.42
CA VAL D 102 1.59 -7.99 -20.98
C VAL D 102 2.71 -7.57 -20.03
N ILE D 103 3.88 -7.27 -20.59
CA ILE D 103 4.99 -6.64 -19.88
C ILE D 103 4.90 -5.15 -20.12
N ALA D 104 4.57 -4.41 -19.06
CA ALA D 104 4.40 -2.96 -19.16
C ALA D 104 5.62 -2.28 -18.59
N LEU D 105 6.18 -1.35 -19.37
CA LEU D 105 7.44 -0.73 -19.01
C LEU D 105 7.27 0.77 -19.00
N ALA D 106 7.71 1.42 -17.94
CA ALA D 106 7.66 2.88 -17.89
C ALA D 106 8.93 3.48 -17.31
N ALA D 107 9.34 4.61 -17.89
CA ALA D 107 10.47 5.39 -17.38
C ALA D 107 10.15 6.02 -16.01
N GLN D 108 11.20 6.38 -15.28
CA GLN D 108 11.11 7.05 -13.99
C GLN D 108 12.23 8.09 -13.92
N SER D 109 12.10 9.07 -13.04
CA SER D 109 13.17 10.02 -12.75
C SER D 109 14.48 9.33 -12.44
N GLU D 110 15.58 10.03 -12.73
CA GLU D 110 16.91 9.66 -12.24
C GLU D 110 16.83 9.16 -10.80
N SER D 111 17.41 7.99 -10.55
CA SER D 111 17.28 7.29 -9.28
C SER D 111 17.62 8.10 -8.02
N HIS D 112 18.65 8.94 -8.10
CA HIS D 112 19.06 9.78 -6.97
C HIS D 112 18.15 10.99 -6.75
N ASP D 113 17.20 11.19 -7.68
CA ASP D 113 16.27 12.32 -7.66
C ASP D 113 14.82 11.85 -7.53
N ILE D 114 14.59 10.62 -7.06
CA ILE D 114 13.22 10.11 -6.94
C ILE D 114 12.55 10.65 -5.66
N PHE D 115 11.72 11.66 -5.84
CA PHE D 115 10.92 12.23 -4.77
C PHE D 115 9.49 12.35 -5.28
N PRO D 116 8.69 11.28 -5.10
CA PRO D 116 7.32 11.28 -5.64
C PRO D 116 6.50 12.47 -5.16
N ASN D 117 5.78 13.08 -6.12
CA ASN D 117 4.98 14.27 -5.88
C ASN D 117 5.80 15.56 -5.60
N ASP D 118 7.12 15.49 -5.71
CA ASP D 118 7.99 16.68 -5.49
C ASP D 118 8.92 16.94 -6.65
N THR D 119 9.61 15.90 -7.13
CA THR D 119 10.39 16.02 -8.36
C THR D 119 9.46 16.16 -9.57
N HIS D 120 9.86 17.02 -10.51
CA HIS D 120 9.15 17.21 -11.76
C HIS D 120 8.80 15.87 -12.43
N GLN D 121 7.51 15.66 -12.73
CA GLN D 121 7.00 14.42 -13.36
C GLN D 121 7.21 13.12 -12.57
N CYS D 122 7.48 13.22 -11.28
CA CYS D 122 7.81 12.06 -10.49
C CYS D 122 6.66 11.53 -9.61
N LEU D 123 6.18 10.33 -9.97
CA LEU D 123 5.13 9.65 -9.24
C LEU D 123 5.62 8.32 -8.67
N ASP D 124 5.00 7.87 -7.58
CA ASP D 124 5.30 6.54 -7.05
C ASP D 124 4.63 5.44 -7.91
N SER D 125 5.24 5.18 -9.08
CA SER D 125 4.72 4.23 -10.09
C SER D 125 4.43 2.83 -9.59
N VAL D 126 5.34 2.26 -8.83
CA VAL D 126 5.17 0.92 -8.32
C VAL D 126 3.94 0.84 -7.38
N ALA D 127 3.81 1.81 -6.48
CA ALA D 127 2.67 1.89 -5.58
C ALA D 127 1.32 2.06 -6.31
N ILE D 128 1.27 2.88 -7.36
CA ILE D 128 0.07 3.09 -8.17
C ILE D 128 -0.33 1.84 -8.98
N VAL D 129 0.65 1.13 -9.54
CA VAL D 129 0.41 0.01 -10.47
C VAL D 129 0.28 -1.35 -9.76
N ALA D 130 0.96 -1.52 -8.62
CA ALA D 130 0.92 -2.79 -7.84
C ALA D 130 -0.47 -3.43 -7.56
N PRO D 131 -1.50 -2.62 -7.17
CA PRO D 131 -2.86 -3.19 -6.96
C PRO D 131 -3.57 -3.74 -8.21
N MET D 132 -3.09 -3.37 -9.39
CA MET D 132 -3.71 -3.84 -10.64
C MET D 132 -2.74 -4.64 -11.54
N SER D 133 -1.74 -5.29 -10.94
CA SER D 133 -0.75 -6.05 -11.72
C SER D 133 -0.36 -7.34 -11.02
N LYS D 134 0.28 -8.24 -11.76
CA LYS D 134 0.76 -9.51 -11.21
C LYS D 134 2.09 -9.33 -10.47
N TYR D 135 2.78 -8.24 -10.78
CA TYR D 135 4.17 -8.04 -10.38
C TYR D 135 4.52 -6.60 -10.75
N ALA D 136 5.27 -5.91 -9.90
CA ALA D 136 5.61 -4.52 -10.07
C ALA D 136 6.90 -4.22 -9.29
N VAL D 137 7.92 -3.72 -9.98
CA VAL D 137 9.25 -3.44 -9.39
C VAL D 137 9.86 -2.21 -10.03
N GLU D 138 10.84 -1.62 -9.34
CA GLU D 138 11.69 -0.59 -9.90
C GLU D 138 13.12 -1.13 -10.06
N LEU D 139 13.70 -0.90 -11.24
CA LEU D 139 15.11 -1.24 -11.47
C LEU D 139 16.02 -0.45 -10.52
N GLN D 140 17.03 -1.12 -9.95
CA GLN D 140 17.96 -0.46 -9.03
C GLN D 140 19.44 -0.65 -9.39
N ARG D 141 19.76 -1.74 -10.05
CA ARG D 141 21.14 -2.07 -10.43
C ARG D 141 21.05 -2.55 -11.88
N PRO D 142 21.62 -1.78 -12.83
CA PRO D 142 21.44 -2.00 -14.27
C PRO D 142 21.47 -3.46 -14.79
N HIS D 143 22.42 -4.27 -14.36
CA HIS D 143 22.54 -5.64 -14.88
C HIS D 143 21.43 -6.58 -14.43
N GLU D 144 20.60 -6.14 -13.47
CA GLU D 144 19.53 -7.00 -12.96
C GLU D 144 18.28 -6.99 -13.83
N ILE D 145 18.23 -6.08 -14.80
CA ILE D 145 17.07 -5.97 -15.71
C ILE D 145 16.72 -7.32 -16.37
N THR D 146 17.72 -8.16 -16.61
CA THR D 146 17.50 -9.48 -17.20
C THR D 146 16.64 -10.36 -16.30
N ASP D 147 16.97 -10.44 -15.01
CA ASP D 147 16.19 -11.25 -14.09
C ASP D 147 14.81 -10.63 -13.78
N LEU D 148 14.72 -9.30 -13.89
CA LEU D 148 13.46 -8.61 -13.64
C LEU D 148 12.44 -8.92 -14.74
N VAL D 149 12.91 -8.92 -16.00
CA VAL D 149 12.11 -9.33 -17.16
C VAL D 149 11.62 -10.78 -17.00
N ASP D 150 12.51 -11.67 -16.58
CA ASP D 150 12.17 -13.07 -16.36
C ASP D 150 11.10 -13.23 -15.27
N SER D 151 11.23 -12.51 -14.15
CA SER D 151 10.28 -12.57 -13.06
C SER D 151 8.92 -11.98 -13.46
N ALA D 152 8.97 -10.92 -14.26
CA ALA D 152 7.77 -10.30 -14.84
C ALA D 152 7.00 -11.25 -15.77
N VAL D 153 7.70 -11.87 -16.71
CA VAL D 153 7.12 -12.91 -17.56
C VAL D 153 6.54 -14.09 -16.73
N ASN D 154 7.31 -14.57 -15.75
CA ASN D 154 6.86 -15.65 -14.87
C ASN D 154 5.52 -15.34 -14.18
N ALA D 155 5.40 -14.14 -13.63
CA ALA D 155 4.18 -13.73 -12.92
C ALA D 155 3.01 -13.48 -13.90
N ALA D 156 3.32 -12.85 -15.03
CA ALA D 156 2.33 -12.60 -16.08
C ALA D 156 1.68 -13.89 -16.64
N MET D 157 2.45 -14.97 -16.72
CA MET D 157 2.02 -16.22 -17.37
C MET D 157 1.50 -17.24 -16.36
N THR D 158 1.17 -16.80 -15.16
CA THR D 158 0.53 -17.68 -14.17
C THR D 158 -0.95 -17.28 -14.04
N GLU D 159 -1.84 -18.28 -14.04
CA GLU D 159 -3.28 -18.00 -13.94
C GLU D 159 -3.65 -17.40 -12.57
N PRO D 160 -4.54 -16.39 -12.53
CA PRO D 160 -5.15 -15.63 -13.65
C PRO D 160 -4.11 -14.74 -14.34
N VAL D 161 -3.93 -14.93 -15.65
CA VAL D 161 -2.86 -14.23 -16.35
C VAL D 161 -3.13 -12.73 -16.32
N GLY D 162 -2.06 -11.94 -16.36
CA GLY D 162 -2.20 -10.50 -16.28
C GLY D 162 -0.89 -9.80 -16.56
N PRO D 163 -0.86 -8.48 -16.33
CA PRO D 163 0.34 -7.70 -16.65
C PRO D 163 1.36 -7.64 -15.50
N SER D 164 2.61 -7.46 -15.89
CA SER D 164 3.69 -7.22 -14.93
C SER D 164 4.30 -5.88 -15.29
N PHE D 165 4.78 -5.16 -14.28
CA PHE D 165 5.24 -3.79 -14.48
C PHE D 165 6.69 -3.59 -14.02
N ILE D 166 7.48 -2.88 -14.83
CA ILE D 166 8.85 -2.53 -14.44
C ILE D 166 9.05 -1.04 -14.65
N SER D 167 9.46 -0.39 -13.57
CA SER D 167 9.76 1.05 -13.55
C SER D 167 11.27 1.25 -13.78
N LEU D 168 11.61 2.13 -14.73
CA LEU D 168 12.99 2.26 -15.22
C LEU D 168 13.59 3.68 -15.09
N PRO D 169 14.34 3.95 -14.00
CA PRO D 169 14.95 5.29 -13.85
C PRO D 169 15.88 5.58 -15.01
N VAL D 170 15.77 6.79 -15.58
CA VAL D 170 16.46 7.08 -16.85
C VAL D 170 17.99 6.94 -16.79
N ASP D 171 18.58 7.30 -15.65
CA ASP D 171 20.04 7.13 -15.45
C ASP D 171 20.48 5.66 -15.48
N LEU D 172 19.71 4.77 -14.86
CA LEU D 172 20.03 3.35 -14.85
C LEU D 172 19.78 2.66 -16.19
N LEU D 173 18.72 3.11 -16.87
CA LEU D 173 18.41 2.64 -18.22
C LEU D 173 19.56 2.91 -19.20
N GLY D 174 20.20 4.07 -19.08
CA GLY D 174 21.33 4.42 -19.95
C GLY D 174 22.68 3.95 -19.43
N SER D 175 22.69 3.13 -18.38
CA SER D 175 23.94 2.71 -17.76
C SER D 175 24.41 1.32 -18.19
N SER D 176 25.74 1.17 -18.28
CA SER D 176 26.37 -0.10 -18.64
C SER D 176 27.11 -0.75 -17.47
N GLU D 177 26.95 -0.20 -16.27
CA GLU D 177 27.56 -0.77 -15.05
C GLU D 177 27.10 -2.20 -14.84
N GLY D 178 28.06 -3.13 -14.84
CA GLY D 178 27.79 -4.55 -14.55
C GLY D 178 27.32 -5.36 -15.75
N ILE D 179 27.17 -4.70 -16.89
CA ILE D 179 26.65 -5.36 -18.09
C ILE D 179 27.78 -5.89 -18.98
N ASP D 180 27.64 -7.16 -19.36
CA ASP D 180 28.59 -7.87 -20.21
C ASP D 180 27.83 -8.74 -21.22
N THR D 181 27.75 -8.27 -22.46
CA THR D 181 26.97 -8.94 -23.52
C THR D 181 27.76 -10.03 -24.26
N THR D 182 29.02 -10.21 -23.88
CA THR D 182 29.84 -11.28 -24.45
C THR D 182 29.43 -12.64 -23.85
N VAL D 183 29.05 -12.61 -22.57
CA VAL D 183 28.45 -13.78 -21.90
C VAL D 183 27.00 -13.91 -22.37
N PRO D 184 26.65 -15.03 -23.05
CA PRO D 184 25.27 -15.20 -23.49
C PRO D 184 24.28 -15.30 -22.33
N ASN D 185 23.05 -14.83 -22.58
CA ASN D 185 21.97 -14.92 -21.61
C ASN D 185 21.61 -16.37 -21.32
N PRO D 186 21.18 -16.66 -20.08
CA PRO D 186 20.59 -17.96 -19.77
C PRO D 186 19.35 -18.26 -20.64
N PRO D 187 18.91 -19.53 -20.71
CA PRO D 187 17.69 -19.83 -21.48
C PRO D 187 16.47 -19.06 -20.95
N ALA D 188 15.59 -18.63 -21.84
CA ALA D 188 14.40 -17.88 -21.45
C ALA D 188 13.32 -18.77 -20.80
N ASN D 189 13.09 -19.95 -21.37
CA ASN D 189 12.10 -20.90 -20.81
C ASN D 189 10.67 -20.33 -20.67
N THR D 190 10.26 -19.52 -21.64
CA THR D 190 8.90 -18.96 -21.71
C THR D 190 7.83 -20.06 -21.74
N PRO D 191 6.87 -20.04 -20.80
CA PRO D 191 5.83 -21.08 -20.82
C PRO D 191 5.05 -21.06 -22.14
N ALA D 192 4.79 -22.24 -22.69
CA ALA D 192 4.04 -22.36 -23.94
C ALA D 192 2.56 -21.99 -23.74
N LYS D 193 1.99 -22.39 -22.61
CA LYS D 193 0.70 -21.89 -22.17
C LYS D 193 0.77 -21.51 -20.68
N PRO D 194 -0.25 -20.80 -20.15
CA PRO D 194 -0.20 -20.33 -18.76
C PRO D 194 -0.03 -21.45 -17.73
N VAL D 195 0.84 -21.20 -16.74
CA VAL D 195 0.99 -22.05 -15.56
C VAL D 195 -0.31 -21.96 -14.76
N GLY D 196 -0.73 -23.07 -14.16
CA GLY D 196 -2.00 -23.09 -13.43
C GLY D 196 -1.95 -23.58 -11.98
N VAL D 197 -3.06 -23.33 -11.28
CA VAL D 197 -3.24 -23.83 -9.92
C VAL D 197 -3.99 -25.18 -10.01
N VAL D 198 -3.53 -26.16 -9.24
CA VAL D 198 -4.08 -27.51 -9.25
C VAL D 198 -4.23 -28.00 -7.82
N ALA D 199 -5.46 -28.39 -7.45
CA ALA D 199 -5.75 -28.89 -6.11
C ALA D 199 -5.57 -30.40 -6.03
N ASP D 200 -4.99 -30.86 -4.93
CA ASP D 200 -4.90 -32.29 -4.64
C ASP D 200 -6.28 -32.93 -4.70
N GLY D 201 -6.39 -34.05 -5.41
CA GLY D 201 -7.65 -34.77 -5.51
C GLY D 201 -8.63 -34.20 -6.52
N TRP D 202 -8.14 -33.39 -7.48
CA TRP D 202 -9.02 -32.83 -8.50
C TRP D 202 -9.69 -33.91 -9.36
N GLN D 203 -8.97 -35.00 -9.62
CA GLN D 203 -9.49 -36.14 -10.37
C GLN D 203 -10.69 -36.79 -9.69
N LYS D 204 -10.67 -36.85 -8.36
CA LYS D 204 -11.81 -37.38 -7.63
C LYS D 204 -13.02 -36.42 -7.71
N ALA D 205 -12.77 -35.11 -7.70
CA ALA D 205 -13.83 -34.13 -7.93
C ALA D 205 -14.39 -34.26 -9.36
N ALA D 206 -13.50 -34.46 -10.33
CA ALA D 206 -13.90 -34.68 -11.74
C ALA D 206 -14.78 -35.92 -11.86
N ASP D 207 -14.44 -36.98 -11.13
CA ASP D 207 -15.27 -38.21 -11.08
C ASP D 207 -16.66 -37.95 -10.52
N GLN D 208 -16.75 -37.09 -9.50
CA GLN D 208 -18.03 -36.70 -8.90
C GLN D 208 -18.91 -35.91 -9.87
N ALA D 209 -18.28 -35.05 -10.68
CA ALA D 209 -18.94 -34.33 -11.78
C ALA D 209 -19.45 -35.26 -12.88
N ALA D 210 -18.70 -36.33 -13.18
CA ALA D 210 -19.12 -37.35 -14.15
C ALA D 210 -20.39 -38.07 -13.66
N ALA D 211 -20.43 -38.40 -12.37
CA ALA D 211 -21.62 -38.98 -11.76
C ALA D 211 -22.85 -38.06 -11.84
N LEU D 212 -22.66 -36.76 -11.64
CA LEU D 212 -23.76 -35.81 -11.80
C LEU D 212 -24.24 -35.76 -13.25
N LEU D 213 -23.29 -35.80 -14.18
CA LEU D 213 -23.59 -35.82 -15.61
C LEU D 213 -24.40 -37.05 -16.02
N ALA D 214 -24.06 -38.22 -15.46
CA ALA D 214 -24.81 -39.45 -15.71
C ALA D 214 -26.29 -39.31 -15.34
N GLU D 215 -26.55 -38.65 -14.23
CA GLU D 215 -27.91 -38.52 -13.72
C GLU D 215 -28.67 -37.33 -14.32
N ALA D 216 -27.97 -36.45 -15.03
CA ALA D 216 -28.56 -35.24 -15.60
C ALA D 216 -29.36 -35.53 -16.88
N LYS D 217 -30.55 -34.92 -16.99
CA LYS D 217 -31.37 -35.05 -18.21
C LYS D 217 -30.93 -34.00 -19.26
N HIS D 218 -30.82 -32.75 -18.81
CA HIS D 218 -30.42 -31.64 -19.69
C HIS D 218 -29.21 -30.86 -19.17
N PRO D 219 -27.99 -31.37 -19.39
CA PRO D 219 -26.79 -30.59 -19.04
C PRO D 219 -26.42 -29.58 -20.12
N VAL D 220 -25.67 -28.54 -19.73
CA VAL D 220 -25.02 -27.61 -20.66
C VAL D 220 -23.56 -27.37 -20.27
N LEU D 221 -22.72 -27.10 -21.27
CA LEU D 221 -21.37 -26.59 -21.06
C LEU D 221 -21.35 -25.08 -21.23
N VAL D 222 -20.91 -24.36 -20.18
CA VAL D 222 -20.74 -22.92 -20.29
C VAL D 222 -19.24 -22.63 -20.33
N VAL D 223 -18.76 -22.16 -21.48
CA VAL D 223 -17.32 -22.09 -21.75
C VAL D 223 -16.78 -20.65 -21.69
N GLY D 224 -15.68 -20.47 -20.95
CA GLY D 224 -15.02 -19.16 -20.80
C GLY D 224 -13.68 -19.10 -21.53
N ALA D 225 -13.09 -17.90 -21.57
CA ALA D 225 -11.80 -17.67 -22.26
C ALA D 225 -10.63 -18.50 -21.72
N ALA D 226 -10.65 -18.85 -20.44
CA ALA D 226 -9.59 -19.68 -19.86
C ALA D 226 -9.49 -21.06 -20.52
N ALA D 227 -10.62 -21.58 -21.02
CA ALA D 227 -10.63 -22.84 -21.77
C ALA D 227 -9.90 -22.71 -23.11
N ILE D 228 -10.02 -21.55 -23.74
CA ILE D 228 -9.26 -21.25 -24.97
C ILE D 228 -7.76 -21.11 -24.71
N ARG D 229 -7.38 -20.41 -23.64
CA ARG D 229 -5.95 -20.26 -23.27
C ARG D 229 -5.24 -21.59 -23.00
N SER D 230 -5.97 -22.54 -22.45
CA SER D 230 -5.50 -23.87 -22.09
C SER D 230 -5.29 -24.80 -23.31
N GLY D 231 -5.78 -24.37 -24.47
CA GLY D 231 -5.77 -25.21 -25.68
C GLY D 231 -6.82 -26.33 -25.70
N ALA D 232 -7.93 -26.11 -25.01
CA ALA D 232 -8.96 -27.13 -24.80
C ALA D 232 -10.14 -27.12 -25.81
N VAL D 233 -10.09 -26.26 -26.80
CA VAL D 233 -11.23 -26.10 -27.71
C VAL D 233 -11.56 -27.38 -28.51
N PRO D 234 -10.56 -27.97 -29.22
CA PRO D 234 -10.86 -29.22 -29.95
C PRO D 234 -11.36 -30.35 -29.04
N ALA D 235 -10.80 -30.45 -27.84
CA ALA D 235 -11.22 -31.46 -26.86
C ALA D 235 -12.63 -31.26 -26.32
N ILE D 236 -13.01 -30.01 -26.09
CA ILE D 236 -14.34 -29.68 -25.59
C ILE D 236 -15.38 -29.98 -26.67
N ARG D 237 -15.06 -29.62 -27.91
CA ARG D 237 -15.96 -29.85 -29.04
C ARG D 237 -16.28 -31.34 -29.22
N ALA D 238 -15.25 -32.18 -29.12
CA ALA D 238 -15.39 -33.63 -29.28
C ALA D 238 -16.18 -34.27 -28.14
N LEU D 239 -16.05 -33.70 -26.93
CA LEU D 239 -16.83 -34.18 -25.80
C LEU D 239 -18.32 -33.85 -25.97
N ALA D 240 -18.63 -32.60 -26.33
CA ALA D 240 -20.01 -32.16 -26.53
C ALA D 240 -20.67 -32.91 -27.69
N GLU D 241 -19.91 -33.15 -28.75
CA GLU D 241 -20.41 -33.84 -29.93
C GLU D 241 -20.81 -35.31 -29.64
N ARG D 242 -19.94 -36.03 -28.95
CA ARG D 242 -20.17 -37.42 -28.57
C ARG D 242 -21.40 -37.58 -27.66
N LEU D 243 -21.53 -36.69 -26.68
CA LEU D 243 -22.54 -36.82 -25.64
C LEU D 243 -23.76 -35.95 -25.87
N ASN D 244 -23.73 -35.17 -26.95
CA ASN D 244 -24.86 -34.32 -27.35
C ASN D 244 -25.18 -33.19 -26.36
N ILE D 245 -24.14 -32.50 -25.89
CA ILE D 245 -24.31 -31.45 -24.89
C ILE D 245 -24.22 -30.07 -25.55
N PRO D 246 -25.23 -29.21 -25.35
CA PRO D 246 -25.16 -27.84 -25.82
C PRO D 246 -24.00 -27.04 -25.21
N VAL D 247 -23.44 -26.13 -26.00
CA VAL D 247 -22.33 -25.26 -25.59
C VAL D 247 -22.80 -23.82 -25.60
N ILE D 248 -22.66 -23.15 -24.46
CA ILE D 248 -23.01 -21.73 -24.31
C ILE D 248 -21.73 -20.99 -23.92
N THR D 249 -21.58 -19.74 -24.38
CA THR D 249 -20.32 -19.04 -24.16
C THR D 249 -20.45 -17.67 -23.48
N THR D 250 -19.32 -17.21 -22.94
CA THR D 250 -19.14 -15.81 -22.54
C THR D 250 -18.92 -14.96 -23.81
N TYR D 251 -18.74 -13.65 -23.66
CA TYR D 251 -18.56 -12.76 -24.83
C TYR D 251 -17.43 -13.19 -25.77
N ILE D 252 -16.25 -13.50 -25.24
CA ILE D 252 -15.13 -13.74 -26.16
C ILE D 252 -14.86 -15.20 -26.47
N ALA D 253 -15.60 -16.08 -25.81
CA ALA D 253 -15.48 -17.49 -26.08
C ALA D 253 -16.41 -17.93 -27.25
N LYS D 254 -17.12 -16.97 -27.85
CA LYS D 254 -17.84 -17.18 -29.14
C LYS D 254 -16.90 -17.76 -30.19
N GLY D 255 -17.34 -18.84 -30.84
CA GLY D 255 -16.58 -19.43 -31.92
C GLY D 255 -15.84 -20.69 -31.55
N VAL D 256 -16.09 -21.22 -30.34
CA VAL D 256 -15.50 -22.51 -29.95
C VAL D 256 -16.18 -23.64 -30.73
N LEU D 257 -17.40 -23.37 -31.18
CA LEU D 257 -18.07 -24.14 -32.23
C LEU D 257 -18.24 -23.21 -33.43
N PRO D 258 -18.14 -23.75 -34.65
CA PRO D 258 -18.30 -22.92 -35.85
C PRO D 258 -19.75 -22.44 -36.03
N VAL D 259 -19.92 -21.39 -36.84
CA VAL D 259 -21.25 -20.88 -37.18
C VAL D 259 -22.10 -21.99 -37.81
N GLY D 260 -23.33 -22.15 -37.32
CA GLY D 260 -24.27 -23.11 -37.88
C GLY D 260 -24.28 -24.47 -37.19
N HIS D 261 -23.31 -24.69 -36.29
CA HIS D 261 -23.22 -25.94 -35.52
C HIS D 261 -24.48 -26.13 -34.68
N GLU D 262 -24.98 -27.36 -34.65
CA GLU D 262 -26.22 -27.69 -33.95
C GLU D 262 -26.13 -27.51 -32.44
N LEU D 263 -24.93 -27.69 -31.87
CA LEU D 263 -24.72 -27.57 -30.42
C LEU D 263 -24.33 -26.16 -29.98
N ASN D 264 -24.21 -25.27 -30.96
CA ASN D 264 -23.89 -23.87 -30.73
C ASN D 264 -25.15 -23.13 -30.22
N TYR D 265 -25.30 -23.08 -28.90
CA TYR D 265 -26.46 -22.47 -28.28
C TYR D 265 -26.35 -20.97 -28.02
N GLY D 266 -25.22 -20.36 -28.38
CA GLY D 266 -25.07 -18.90 -28.30
C GLY D 266 -24.29 -18.37 -27.10
N ALA D 267 -24.13 -17.05 -27.06
CA ALA D 267 -23.50 -16.37 -25.94
C ALA D 267 -24.54 -15.68 -25.05
N VAL D 268 -24.19 -15.48 -23.79
CA VAL D 268 -25.05 -14.79 -22.83
C VAL D 268 -24.57 -13.37 -22.61
N THR D 269 -25.52 -12.43 -22.62
CA THR D 269 -25.31 -11.07 -22.09
C THR D 269 -26.52 -10.72 -21.22
N GLY D 270 -26.28 -10.12 -20.05
CA GLY D 270 -27.36 -9.77 -19.12
C GLY D 270 -28.39 -8.83 -19.74
N TYR D 271 -28.02 -8.25 -20.89
CA TYR D 271 -28.85 -7.30 -21.63
C TYR D 271 -29.74 -7.98 -22.67
N MET D 272 -29.62 -9.31 -22.81
CA MET D 272 -30.26 -10.01 -23.92
C MET D 272 -31.79 -10.07 -23.91
N ASP D 273 -32.41 -10.19 -22.74
CA ASP D 273 -33.88 -10.18 -22.64
C ASP D 273 -34.46 -8.82 -23.02
N GLY D 274 -33.85 -7.76 -22.52
CA GLY D 274 -34.24 -6.38 -22.86
C GLY D 274 -34.03 -6.01 -24.31
N ILE D 275 -32.89 -6.40 -24.88
CA ILE D 275 -32.61 -6.18 -26.32
C ILE D 275 -33.60 -6.94 -27.23
N LEU D 276 -33.79 -8.23 -26.99
CA LEU D 276 -34.67 -9.04 -27.85
C LEU D 276 -36.16 -8.89 -27.51
N ASN D 277 -36.46 -8.30 -26.36
CA ASN D 277 -37.84 -8.21 -25.86
C ASN D 277 -38.47 -9.62 -25.84
N PHE D 278 -37.82 -10.53 -25.10
CA PHE D 278 -38.08 -11.97 -25.17
C PHE D 278 -37.52 -12.67 -23.92
N PRO D 279 -38.20 -13.71 -23.41
CA PRO D 279 -37.64 -14.52 -22.30
C PRO D 279 -36.45 -15.41 -22.74
N ALA D 280 -35.37 -14.76 -23.17
CA ALA D 280 -34.21 -15.42 -23.75
C ALA D 280 -33.43 -16.31 -22.76
N LEU D 281 -33.14 -15.78 -21.58
CA LEU D 281 -32.43 -16.54 -20.56
C LEU D 281 -33.27 -17.70 -20.01
N GLN D 282 -34.58 -17.45 -19.85
CA GLN D 282 -35.52 -18.49 -19.46
C GLN D 282 -35.54 -19.65 -20.47
N THR D 283 -35.53 -19.31 -21.75
CA THR D 283 -35.52 -20.31 -22.82
C THR D 283 -34.22 -21.13 -22.81
N MET D 284 -33.08 -20.45 -22.64
CA MET D 284 -31.77 -21.11 -22.58
C MET D 284 -31.60 -22.04 -21.38
N PHE D 285 -32.07 -21.63 -20.21
CA PHE D 285 -31.70 -22.30 -18.95
C PHE D 285 -32.82 -23.00 -18.15
N ALA D 286 -34.08 -22.65 -18.37
CA ALA D 286 -35.18 -23.17 -17.52
C ALA D 286 -35.23 -24.70 -17.33
N PRO D 287 -35.08 -25.48 -18.41
CA PRO D 287 -35.13 -26.92 -18.19
C PRO D 287 -33.77 -27.61 -17.89
N VAL D 288 -32.70 -26.82 -17.76
CA VAL D 288 -31.36 -27.36 -17.58
C VAL D 288 -31.19 -27.82 -16.13
N ASP D 289 -30.59 -28.97 -15.91
CA ASP D 289 -30.41 -29.44 -14.53
C ASP D 289 -28.95 -29.54 -14.05
N LEU D 290 -28.02 -29.32 -14.96
CA LEU D 290 -26.60 -29.35 -14.64
C LEU D 290 -25.86 -28.32 -15.51
N VAL D 291 -25.24 -27.35 -14.85
CA VAL D 291 -24.39 -26.36 -15.52
C VAL D 291 -22.93 -26.69 -15.21
N LEU D 292 -22.16 -27.01 -16.24
CA LEU D 292 -20.70 -27.13 -16.11
C LEU D 292 -20.03 -25.86 -16.65
N THR D 293 -19.46 -25.06 -15.75
CA THR D 293 -18.82 -23.80 -16.13
C THR D 293 -17.34 -24.08 -16.33
N VAL D 294 -16.97 -24.29 -17.59
CA VAL D 294 -15.65 -24.80 -17.96
C VAL D 294 -14.73 -23.61 -18.21
N GLY D 295 -13.79 -23.41 -17.30
CA GLY D 295 -12.91 -22.24 -17.33
C GLY D 295 -13.64 -21.00 -16.84
N TYR D 296 -14.38 -21.13 -15.74
CA TYR D 296 -15.19 -20.01 -15.22
C TYR D 296 -14.36 -18.83 -14.73
N ASP D 297 -14.81 -17.61 -15.04
CA ASP D 297 -14.22 -16.39 -14.52
C ASP D 297 -15.34 -15.35 -14.36
N TYR D 298 -15.62 -14.98 -13.11
CA TYR D 298 -16.66 -13.99 -12.78
C TYR D 298 -16.44 -12.67 -13.50
N ALA D 299 -15.18 -12.34 -13.81
CA ALA D 299 -14.85 -11.08 -14.50
C ALA D 299 -15.47 -10.97 -15.90
N GLU D 300 -15.78 -12.10 -16.52
CA GLU D 300 -16.39 -12.11 -17.85
C GLU D 300 -17.88 -11.72 -17.84
N ASP D 301 -18.42 -11.47 -16.64
CA ASP D 301 -19.80 -10.97 -16.46
C ASP D 301 -20.91 -11.94 -16.86
N LEU D 302 -20.61 -13.24 -16.88
CA LEU D 302 -21.65 -14.26 -16.93
C LEU D 302 -21.83 -14.75 -15.49
N ARG D 303 -22.88 -14.26 -14.83
CA ARG D 303 -23.03 -14.38 -13.38
C ARG D 303 -23.97 -15.54 -13.05
N PRO D 304 -23.79 -16.20 -11.88
CA PRO D 304 -24.71 -17.28 -11.50
C PRO D 304 -26.19 -16.91 -11.59
N SER D 305 -26.55 -15.69 -11.20
CA SER D 305 -27.95 -15.22 -11.28
C SER D 305 -28.56 -15.38 -12.68
N MET D 306 -27.72 -15.32 -13.72
CA MET D 306 -28.17 -15.42 -15.11
C MET D 306 -28.58 -16.83 -15.56
N TRP D 307 -27.95 -17.86 -15.00
CA TRP D 307 -28.34 -19.23 -15.33
C TRP D 307 -29.36 -19.82 -14.36
N GLN D 308 -29.64 -19.10 -13.27
CA GLN D 308 -30.59 -19.56 -12.25
C GLN D 308 -32.04 -19.26 -12.65
N LYS D 309 -32.53 -20.01 -13.63
CA LYS D 309 -33.89 -19.90 -14.18
C LYS D 309 -34.57 -21.24 -14.11
N GLY D 310 -35.87 -21.23 -13.86
CA GLY D 310 -36.68 -22.45 -13.95
C GLY D 310 -36.34 -23.39 -12.83
N ILE D 311 -36.05 -24.65 -13.20
CA ILE D 311 -35.77 -25.70 -12.20
C ILE D 311 -34.44 -25.51 -11.48
N GLU D 312 -34.30 -26.15 -10.32
CA GLU D 312 -33.05 -26.12 -9.55
C GLU D 312 -31.93 -26.87 -10.29
N LYS D 313 -30.72 -26.32 -10.24
CA LYS D 313 -29.58 -26.91 -10.96
C LYS D 313 -28.46 -27.35 -10.01
N LYS D 314 -27.71 -28.38 -10.41
CA LYS D 314 -26.40 -28.65 -9.86
C LYS D 314 -25.36 -27.91 -10.71
N THR D 315 -24.24 -27.51 -10.10
CA THR D 315 -23.16 -26.79 -10.80
C THR D 315 -21.77 -27.39 -10.58
N VAL D 316 -20.97 -27.38 -11.66
CA VAL D 316 -19.56 -27.82 -11.61
C VAL D 316 -18.67 -26.71 -12.15
N ARG D 317 -17.75 -26.24 -11.30
CA ARG D 317 -16.78 -25.22 -11.67
C ARG D 317 -15.49 -25.91 -12.03
N ILE D 318 -14.95 -25.60 -13.21
CA ILE D 318 -13.62 -26.06 -13.57
C ILE D 318 -12.77 -24.84 -13.89
N SER D 319 -11.66 -24.69 -13.18
CA SER D 319 -10.84 -23.50 -13.31
C SER D 319 -9.40 -23.75 -12.80
N PRO D 320 -8.40 -23.16 -13.48
CA PRO D 320 -7.03 -23.30 -12.98
C PRO D 320 -6.70 -22.31 -11.85
N THR D 321 -7.69 -22.01 -11.01
CA THR D 321 -7.54 -21.08 -9.87
C THR D 321 -8.50 -21.49 -8.78
N VAL D 322 -8.14 -21.20 -7.54
CA VAL D 322 -9.03 -21.38 -6.40
C VAL D 322 -10.15 -20.33 -6.54
N ASN D 323 -11.38 -20.75 -6.22
CA ASN D 323 -12.57 -19.88 -6.27
C ASN D 323 -12.36 -18.59 -5.46
N PRO D 324 -12.29 -17.42 -6.15
CA PRO D 324 -12.12 -16.14 -5.46
C PRO D 324 -13.44 -15.53 -4.93
N ILE D 325 -14.59 -16.10 -5.31
CA ILE D 325 -15.90 -15.48 -5.01
C ILE D 325 -16.95 -16.42 -4.35
N PRO D 326 -16.61 -17.13 -3.26
CA PRO D 326 -17.57 -18.02 -2.58
C PRO D 326 -18.84 -17.32 -2.06
N ARG D 327 -18.80 -16.02 -1.80
CA ARG D 327 -20.00 -15.26 -1.46
C ARG D 327 -21.02 -15.33 -2.60
N VAL D 328 -20.54 -15.44 -3.83
CA VAL D 328 -21.42 -15.35 -4.98
C VAL D 328 -21.67 -16.71 -5.64
N TYR D 329 -20.63 -17.54 -5.71
CA TYR D 329 -20.70 -18.80 -6.43
C TYR D 329 -20.16 -19.93 -5.56
N ARG D 330 -21.06 -20.78 -5.12
CA ARG D 330 -20.72 -22.02 -4.41
C ARG D 330 -21.03 -23.26 -5.22
N PRO D 331 -20.09 -23.70 -6.07
CA PRO D 331 -20.40 -24.84 -6.92
C PRO D 331 -20.65 -26.10 -6.09
N ASP D 332 -21.50 -27.00 -6.57
CA ASP D 332 -21.69 -28.31 -5.96
C ASP D 332 -20.43 -29.14 -6.04
N VAL D 333 -19.73 -29.04 -7.18
CA VAL D 333 -18.43 -29.68 -7.35
C VAL D 333 -17.46 -28.62 -7.90
N ASP D 334 -16.26 -28.51 -7.30
CA ASP D 334 -15.24 -27.52 -7.72
C ASP D 334 -13.96 -28.27 -8.13
N VAL D 335 -13.62 -28.17 -9.42
CA VAL D 335 -12.46 -28.87 -9.97
C VAL D 335 -11.36 -27.85 -10.27
N VAL D 336 -10.36 -27.78 -9.38
CA VAL D 336 -9.30 -26.80 -9.53
C VAL D 336 -8.12 -27.49 -10.22
N THR D 337 -7.96 -27.17 -11.51
CA THR D 337 -6.99 -27.82 -12.40
C THR D 337 -6.93 -27.11 -13.76
N ASP D 338 -5.94 -27.46 -14.58
CA ASP D 338 -5.85 -27.06 -15.98
C ASP D 338 -7.08 -27.57 -16.76
N VAL D 339 -7.71 -26.69 -17.55
CA VAL D 339 -8.93 -27.06 -18.28
C VAL D 339 -8.74 -28.28 -19.22
N LEU D 340 -7.66 -28.30 -20.01
CA LEU D 340 -7.39 -29.45 -20.91
C LEU D 340 -7.19 -30.73 -20.14
N ALA D 341 -6.45 -30.65 -19.02
CA ALA D 341 -6.24 -31.81 -18.14
C ALA D 341 -7.57 -32.37 -17.62
N PHE D 342 -8.48 -31.50 -17.20
CA PHE D 342 -9.83 -31.91 -16.83
C PHE D 342 -10.62 -32.62 -17.95
N VAL D 343 -10.62 -32.02 -19.15
CA VAL D 343 -11.38 -32.58 -20.25
C VAL D 343 -10.88 -33.99 -20.63
N GLU D 344 -9.56 -34.15 -20.66
CA GLU D 344 -8.94 -35.45 -20.96
C GLU D 344 -9.21 -36.51 -19.90
N HIS D 345 -9.30 -36.09 -18.63
CA HIS D 345 -9.68 -37.03 -17.58
C HIS D 345 -11.17 -37.37 -17.68
N PHE D 346 -11.96 -36.34 -17.98
CA PHE D 346 -13.42 -36.44 -18.06
C PHE D 346 -13.86 -37.32 -19.25
N GLU D 347 -13.09 -37.28 -20.34
CA GLU D 347 -13.33 -38.19 -21.47
C GLU D 347 -13.20 -39.64 -21.03
N THR D 348 -12.23 -39.93 -20.16
CA THR D 348 -12.07 -41.29 -19.64
C THR D 348 -13.21 -41.69 -18.68
N ALA D 349 -13.63 -40.77 -17.82
CA ALA D 349 -14.68 -41.04 -16.84
C ALA D 349 -16.07 -41.18 -17.47
N THR D 350 -16.27 -40.56 -18.62
CA THR D 350 -17.57 -40.59 -19.30
C THR D 350 -17.55 -41.43 -20.59
N ALA D 351 -16.49 -42.19 -20.81
CA ALA D 351 -16.32 -42.99 -22.02
C ALA D 351 -17.52 -43.90 -22.38
N SER D 352 -18.15 -44.52 -21.39
CA SER D 352 -19.20 -45.49 -21.68
C SER D 352 -20.61 -44.91 -21.54
N PHE D 353 -20.69 -43.58 -21.38
CA PHE D 353 -21.97 -42.87 -21.21
C PHE D 353 -22.73 -42.81 -22.51
N GLY D 354 -24.06 -42.86 -22.39
CA GLY D 354 -24.95 -42.67 -23.53
C GLY D 354 -25.21 -41.19 -23.74
N ALA D 355 -25.35 -40.81 -25.02
CA ALA D 355 -25.63 -39.43 -25.40
C ALA D 355 -26.92 -38.91 -24.77
N LYS D 356 -26.97 -37.61 -24.50
CA LYS D 356 -28.13 -36.97 -23.88
C LYS D 356 -29.16 -36.54 -24.92
N GLN D 357 -30.36 -36.25 -24.43
CA GLN D 357 -31.34 -35.51 -25.20
C GLN D 357 -31.20 -34.04 -24.83
N ARG D 358 -31.02 -33.17 -25.82
CA ARG D 358 -30.84 -31.74 -25.53
C ARG D 358 -32.14 -30.95 -25.58
N HIS D 359 -32.22 -29.91 -24.74
CA HIS D 359 -33.47 -29.13 -24.64
C HIS D 359 -33.64 -28.24 -25.87
N ASP D 360 -34.90 -27.87 -26.15
CA ASP D 360 -35.28 -27.09 -27.32
C ASP D 360 -35.18 -25.57 -27.05
N ILE D 361 -34.48 -24.86 -27.93
CA ILE D 361 -34.37 -23.40 -27.86
C ILE D 361 -34.76 -22.75 -29.21
N GLU D 362 -35.54 -23.47 -30.02
CA GLU D 362 -35.90 -22.96 -31.36
C GLU D 362 -36.56 -21.57 -31.37
N PRO D 363 -37.53 -21.32 -30.44
CA PRO D 363 -38.12 -19.97 -30.30
C PRO D 363 -37.08 -18.85 -30.08
N LEU D 364 -36.00 -19.16 -29.38
CA LEU D 364 -34.94 -18.18 -29.15
C LEU D 364 -34.16 -17.97 -30.46
N ARG D 365 -33.85 -19.07 -31.15
CA ARG D 365 -33.15 -19.02 -32.41
C ARG D 365 -33.93 -18.28 -33.49
N ALA D 366 -35.26 -18.43 -33.48
CA ALA D 366 -36.13 -17.73 -34.42
C ALA D 366 -36.11 -16.22 -34.17
N ARG D 367 -36.21 -15.83 -32.89
CA ARG D 367 -36.20 -14.42 -32.51
C ARG D 367 -34.94 -13.69 -32.98
N ILE D 368 -33.78 -14.32 -32.72
CA ILE D 368 -32.49 -13.82 -33.18
C ILE D 368 -32.43 -13.71 -34.71
N ALA D 369 -32.78 -14.81 -35.40
CA ALA D 369 -32.85 -14.79 -36.87
C ALA D 369 -33.78 -13.70 -37.41
N GLU D 370 -34.90 -13.49 -36.71
CA GLU D 370 -35.87 -12.43 -37.06
C GLU D 370 -35.27 -11.02 -36.95
N PHE D 371 -34.46 -10.79 -35.91
CA PHE D 371 -33.77 -9.52 -35.75
C PHE D 371 -32.76 -9.28 -36.88
N LEU D 372 -32.00 -10.31 -37.21
CA LEU D 372 -30.96 -10.22 -38.25
C LEU D 372 -31.54 -9.95 -39.63
N ALA D 373 -32.72 -10.52 -39.89
CA ALA D 373 -33.36 -10.39 -41.19
C ALA D 373 -34.26 -9.14 -41.31
N ASP D 374 -34.41 -8.40 -40.21
CA ASP D 374 -35.31 -7.23 -40.16
C ASP D 374 -35.25 -6.33 -41.41
N PRO D 375 -36.32 -6.36 -42.25
CA PRO D 375 -36.36 -5.62 -43.52
C PRO D 375 -36.91 -4.19 -43.43
N GLU D 376 -37.45 -3.80 -42.28
CA GLU D 376 -38.06 -2.50 -42.11
C GLU D 376 -37.02 -1.38 -42.26
N THR D 377 -37.46 -0.22 -42.74
CA THR D 377 -36.64 0.99 -42.71
C THR D 377 -37.16 1.86 -41.58
N TYR D 378 -36.35 2.82 -41.14
CA TYR D 378 -36.71 3.64 -40.00
C TYR D 378 -36.44 5.10 -40.30
N GLU D 379 -37.18 5.98 -39.62
CA GLU D 379 -37.06 7.42 -39.83
C GLU D 379 -35.73 7.99 -39.31
N ASP D 380 -35.18 7.38 -38.27
CA ASP D 380 -34.04 7.98 -37.57
C ASP D 380 -32.72 7.22 -37.73
N GLY D 381 -32.56 6.53 -38.86
CA GLY D 381 -31.35 5.78 -39.16
C GLY D 381 -31.57 4.28 -39.09
N MET D 382 -30.48 3.53 -39.17
CA MET D 382 -30.55 2.07 -39.13
C MET D 382 -30.67 1.57 -37.68
N ARG D 383 -30.99 0.29 -37.55
CA ARG D 383 -30.96 -0.37 -36.26
C ARG D 383 -29.70 -1.23 -36.22
N VAL D 384 -29.12 -1.38 -35.03
CA VAL D 384 -27.79 -1.98 -34.88
C VAL D 384 -27.75 -3.45 -35.37
N HIS D 385 -28.83 -4.20 -35.15
CA HIS D 385 -28.93 -5.59 -35.66
C HIS D 385 -28.89 -5.68 -37.19
N GLN D 386 -29.36 -4.63 -37.87
CA GLN D 386 -29.27 -4.55 -39.33
C GLN D 386 -27.83 -4.26 -39.78
N VAL D 387 -27.13 -3.41 -39.01
CA VAL D 387 -25.71 -3.11 -39.22
C VAL D 387 -24.85 -4.38 -39.09
N ILE D 388 -25.08 -5.14 -38.03
CA ILE D 388 -24.30 -6.36 -37.77
C ILE D 388 -24.59 -7.49 -38.77
N ASP D 389 -25.84 -7.63 -39.19
CA ASP D 389 -26.20 -8.59 -40.24
C ASP D 389 -25.42 -8.30 -41.54
N SER D 390 -25.35 -7.03 -41.91
CA SER D 390 -24.55 -6.59 -43.06
C SER D 390 -23.06 -6.92 -42.92
N MET D 391 -22.50 -6.63 -41.74
CA MET D 391 -21.12 -7.02 -41.40
C MET D 391 -20.88 -8.53 -41.47
N ASN D 392 -21.82 -9.32 -40.96
CA ASN D 392 -21.74 -10.78 -41.02
C ASN D 392 -21.66 -11.28 -42.46
N THR D 393 -22.48 -10.68 -43.33
CA THR D 393 -22.57 -11.06 -44.73
C THR D 393 -21.25 -10.82 -45.46
N VAL D 394 -20.67 -9.65 -45.26
CA VAL D 394 -19.43 -9.29 -45.97
C VAL D 394 -18.20 -9.98 -45.38
N MET D 395 -18.20 -10.18 -44.05
CA MET D 395 -17.14 -10.97 -43.41
C MET D 395 -17.12 -12.41 -43.93
N GLU D 396 -18.29 -13.03 -44.05
CA GLU D 396 -18.41 -14.39 -44.60
C GLU D 396 -17.88 -14.45 -46.05
N GLU D 397 -18.17 -13.42 -46.84
CA GLU D 397 -17.65 -13.31 -48.21
C GLU D 397 -16.13 -13.15 -48.22
N ALA D 398 -15.62 -12.16 -47.48
CA ALA D 398 -14.20 -11.79 -47.49
C ALA D 398 -13.25 -12.79 -46.87
N ALA D 399 -13.69 -13.55 -45.86
CA ALA D 399 -12.81 -14.42 -45.09
C ALA D 399 -12.80 -15.88 -45.55
N GLU D 400 -11.66 -16.54 -45.43
CA GLU D 400 -11.59 -17.99 -45.60
C GLU D 400 -12.40 -18.65 -44.50
N PRO D 401 -12.92 -19.89 -44.75
CA PRO D 401 -13.53 -20.71 -43.69
C PRO D 401 -12.69 -20.75 -42.39
N GLY D 402 -13.33 -20.42 -41.27
CA GLY D 402 -12.65 -20.40 -39.97
C GLY D 402 -11.72 -19.22 -39.72
N GLU D 403 -11.81 -18.18 -40.56
CA GLU D 403 -10.95 -17.01 -40.43
C GLU D 403 -11.76 -15.72 -40.25
N GLY D 404 -11.08 -14.57 -40.15
CA GLY D 404 -11.76 -13.29 -39.94
C GLY D 404 -12.00 -12.94 -38.47
N THR D 405 -11.98 -11.63 -38.18
CA THR D 405 -12.18 -11.10 -36.83
C THR D 405 -13.10 -9.90 -36.88
N ILE D 406 -14.15 -9.93 -36.06
CA ILE D 406 -14.97 -8.76 -35.79
C ILE D 406 -14.60 -8.24 -34.40
N VAL D 407 -14.15 -6.99 -34.34
CA VAL D 407 -13.82 -6.35 -33.07
C VAL D 407 -14.92 -5.36 -32.70
N SER D 408 -15.29 -5.32 -31.42
CA SER D 408 -16.29 -4.39 -30.90
C SER D 408 -15.75 -3.48 -29.78
N ASP D 409 -16.00 -2.17 -29.89
CA ASP D 409 -15.75 -1.24 -28.80
C ASP D 409 -16.87 -1.45 -27.77
N ILE D 410 -16.98 -0.54 -26.80
CA ILE D 410 -17.90 -0.70 -25.67
C ILE D 410 -19.05 0.30 -25.77
N GLY D 411 -20.26 -0.13 -25.44
CA GLY D 411 -21.49 0.68 -25.52
C GLY D 411 -22.67 -0.29 -25.56
N PHE D 412 -23.88 0.24 -25.77
CA PHE D 412 -25.11 -0.58 -25.94
C PHE D 412 -25.00 -1.49 -27.18
N PHE D 413 -24.46 -0.96 -28.28
CA PHE D 413 -24.24 -1.70 -29.54
C PHE D 413 -23.39 -2.98 -29.31
N ARG D 414 -22.54 -2.97 -28.28
CA ARG D 414 -21.63 -4.09 -28.01
C ARG D 414 -22.39 -5.38 -27.69
N HIS D 415 -23.50 -5.23 -26.98
CA HIS D 415 -24.31 -6.35 -26.54
C HIS D 415 -25.14 -6.94 -27.68
N TYR D 416 -25.41 -6.11 -28.69
CA TYR D 416 -25.91 -6.58 -29.98
C TYR D 416 -24.86 -7.46 -30.66
N GLY D 417 -23.60 -7.01 -30.66
CA GLY D 417 -22.47 -7.81 -31.15
C GLY D 417 -22.39 -9.17 -30.48
N VAL D 418 -22.54 -9.21 -29.16
CA VAL D 418 -22.54 -10.47 -28.41
C VAL D 418 -23.63 -11.43 -28.90
N LEU D 419 -24.82 -10.90 -29.15
CA LEU D 419 -25.95 -11.71 -29.63
C LEU D 419 -25.88 -12.10 -31.12
N PHE D 420 -25.37 -11.19 -31.96
CA PHE D 420 -25.57 -11.26 -33.41
C PHE D 420 -24.30 -11.42 -34.27
N ALA D 421 -23.14 -11.04 -33.75
CA ALA D 421 -21.91 -11.07 -34.56
C ALA D 421 -21.40 -12.48 -34.87
N ARG D 422 -20.96 -12.63 -36.11
CA ARG D 422 -20.37 -13.87 -36.61
C ARG D 422 -18.98 -14.14 -35.98
N ALA D 423 -18.79 -15.36 -35.50
CA ALA D 423 -17.49 -15.83 -35.02
C ALA D 423 -17.28 -17.27 -35.47
N ASP D 424 -16.38 -17.44 -36.44
CA ASP D 424 -16.15 -18.75 -37.05
C ASP D 424 -14.83 -19.39 -36.56
N GLN D 425 -14.25 -18.79 -35.52
CA GLN D 425 -13.06 -19.31 -34.85
C GLN D 425 -13.02 -18.77 -33.42
N PRO D 426 -12.25 -19.42 -32.53
CA PRO D 426 -12.00 -18.84 -31.21
C PRO D 426 -11.34 -17.46 -31.30
N PHE D 427 -11.80 -16.53 -30.45
CA PHE D 427 -11.43 -15.12 -30.51
C PHE D 427 -11.73 -14.49 -31.89
N GLY D 428 -12.80 -14.96 -32.53
CA GLY D 428 -13.25 -14.42 -33.82
C GLY D 428 -14.20 -13.26 -33.65
N PHE D 429 -14.74 -13.11 -32.44
CA PHE D 429 -15.40 -11.88 -32.01
C PHE D 429 -14.64 -11.38 -30.76
N LEU D 430 -14.02 -10.21 -30.89
CA LEU D 430 -13.21 -9.67 -29.81
C LEU D 430 -13.80 -8.43 -29.22
N THR D 431 -14.01 -8.46 -27.92
CA THR D 431 -14.34 -7.26 -27.17
C THR D 431 -13.64 -7.32 -25.80
N SER D 432 -13.75 -6.26 -25.02
CA SER D 432 -13.18 -6.25 -23.68
C SER D 432 -14.04 -7.03 -22.72
N ALA D 433 -13.48 -8.13 -22.22
CA ALA D 433 -14.19 -9.07 -21.37
C ALA D 433 -14.49 -8.51 -19.96
N GLY D 434 -13.45 -8.17 -19.20
CA GLY D 434 -13.59 -7.72 -17.81
C GLY D 434 -13.49 -6.23 -17.50
N CYS D 435 -12.80 -5.48 -18.35
CA CYS D 435 -12.53 -4.07 -18.08
C CYS D 435 -13.53 -3.11 -18.70
N SER D 436 -13.90 -3.38 -19.96
CA SER D 436 -14.91 -2.59 -20.71
C SER D 436 -14.66 -1.08 -20.77
N SER D 437 -13.43 -0.70 -21.09
CA SER D 437 -13.10 0.71 -21.31
C SER D 437 -13.56 1.13 -22.72
N PHE D 438 -14.28 2.25 -22.84
CA PHE D 438 -14.56 2.77 -24.15
C PHE D 438 -13.24 3.24 -24.83
N GLY D 439 -13.23 3.25 -26.16
CA GLY D 439 -12.00 3.51 -26.92
C GLY D 439 -11.16 2.26 -27.19
N TYR D 440 -11.64 1.12 -26.68
CA TYR D 440 -10.99 -0.18 -26.83
C TYR D 440 -10.79 -0.64 -28.29
N GLY D 441 -11.72 -0.23 -29.16
CA GLY D 441 -11.90 -0.81 -30.50
C GLY D 441 -10.74 -0.67 -31.45
N ILE D 442 -10.27 0.56 -31.67
CA ILE D 442 -9.12 0.82 -32.54
C ILE D 442 -7.87 0.02 -32.14
N PRO D 443 -7.40 0.15 -30.87
CA PRO D 443 -6.22 -0.64 -30.48
C PRO D 443 -6.44 -2.16 -30.54
N ALA D 444 -7.63 -2.64 -30.23
CA ALA D 444 -7.91 -4.07 -30.38
C ALA D 444 -7.87 -4.52 -31.84
N ALA D 445 -8.37 -3.67 -32.74
CA ALA D 445 -8.32 -3.95 -34.19
C ALA D 445 -6.88 -3.94 -34.70
N ILE D 446 -6.06 -3.03 -34.17
CA ILE D 446 -4.62 -3.00 -34.47
C ILE D 446 -3.98 -4.30 -34.01
N GLY D 447 -4.21 -4.68 -32.75
CA GLY D 447 -3.72 -5.96 -32.22
C GLY D 447 -4.19 -7.18 -33.01
N ALA D 448 -5.49 -7.23 -33.32
CA ALA D 448 -6.05 -8.34 -34.10
C ALA D 448 -5.48 -8.46 -35.52
N GLN D 449 -5.39 -7.34 -36.23
CA GLN D 449 -4.84 -7.34 -37.61
C GLN D 449 -3.35 -7.71 -37.64
N MET D 450 -2.61 -7.33 -36.60
CA MET D 450 -1.19 -7.71 -36.52
C MET D 450 -1.01 -9.18 -36.19
N ALA D 451 -1.91 -9.74 -35.39
CA ALA D 451 -1.85 -11.16 -35.06
C ALA D 451 -2.28 -12.05 -36.22
N ARG D 452 -3.20 -11.53 -37.04
CA ARG D 452 -3.77 -12.28 -38.18
C ARG D 452 -3.61 -11.47 -39.47
N PRO D 453 -2.37 -11.35 -39.96
CA PRO D 453 -2.10 -10.41 -41.06
C PRO D 453 -2.80 -10.71 -42.39
N ASP D 454 -3.15 -11.99 -42.63
CA ASP D 454 -3.80 -12.36 -43.88
C ASP D 454 -5.34 -12.54 -43.76
N GLN D 455 -5.92 -12.03 -42.68
CA GLN D 455 -7.36 -12.16 -42.44
C GLN D 455 -8.07 -10.79 -42.39
N PRO D 456 -9.36 -10.74 -42.80
CA PRO D 456 -10.15 -9.52 -42.68
C PRO D 456 -10.42 -9.17 -41.22
N THR D 457 -10.37 -7.87 -40.91
CA THR D 457 -10.59 -7.38 -39.56
C THR D 457 -11.58 -6.25 -39.66
N PHE D 458 -12.80 -6.48 -39.15
CA PHE D 458 -13.84 -5.45 -39.04
C PHE D 458 -13.97 -4.94 -37.61
N LEU D 459 -14.12 -3.63 -37.45
CA LEU D 459 -14.39 -3.01 -36.15
C LEU D 459 -15.73 -2.32 -36.17
N ILE D 460 -16.51 -2.53 -35.11
CA ILE D 460 -17.70 -1.71 -34.84
C ILE D 460 -17.52 -0.89 -33.56
N ALA D 461 -17.81 0.40 -33.63
CA ALA D 461 -17.72 1.26 -32.45
C ALA D 461 -18.87 2.27 -32.42
N GLY D 462 -19.20 2.79 -31.23
CA GLY D 462 -20.23 3.82 -31.09
C GLY D 462 -19.57 5.18 -31.13
N ASP D 463 -20.36 6.23 -31.35
CA ASP D 463 -19.79 7.58 -31.42
C ASP D 463 -19.08 8.03 -30.12
N GLY D 464 -19.62 7.66 -28.96
CA GLY D 464 -19.05 8.06 -27.65
C GLY D 464 -17.70 7.43 -27.37
N GLY D 465 -17.65 6.10 -27.48
CA GLY D 465 -16.43 5.33 -27.29
C GLY D 465 -15.42 5.54 -28.39
N PHE D 466 -15.85 5.49 -29.64
CA PHE D 466 -14.94 5.76 -30.75
C PHE D 466 -14.25 7.11 -30.61
N HIS D 467 -15.01 8.15 -30.29
CA HIS D 467 -14.41 9.49 -30.23
C HIS D 467 -13.47 9.70 -29.03
N SER D 468 -13.65 8.93 -27.95
CA SER D 468 -12.75 8.99 -26.81
C SER D 468 -11.29 8.67 -27.15
N ASN D 469 -11.08 8.00 -28.28
CA ASN D 469 -9.78 7.51 -28.69
C ASN D 469 -9.55 7.51 -30.22
N SER D 470 -10.16 8.45 -30.93
CA SER D 470 -10.20 8.43 -32.39
C SER D 470 -8.90 8.91 -33.06
N SER D 471 -7.99 9.49 -32.27
CA SER D 471 -6.74 10.02 -32.78
C SER D 471 -5.80 8.96 -33.33
N ASP D 472 -5.97 7.72 -32.88
CA ASP D 472 -5.15 6.63 -33.37
C ASP D 472 -5.61 6.06 -34.72
N LEU D 473 -6.60 6.71 -35.32
CA LEU D 473 -6.85 6.57 -36.77
C LEU D 473 -5.60 6.87 -37.60
N GLU D 474 -4.80 7.84 -37.16
CA GLU D 474 -3.57 8.22 -37.83
C GLU D 474 -2.54 7.09 -37.77
N THR D 475 -2.58 6.31 -36.69
CA THR D 475 -1.70 5.15 -36.53
C THR D 475 -2.09 4.01 -37.48
N ILE D 476 -3.39 3.81 -37.66
CA ILE D 476 -3.91 2.82 -38.60
C ILE D 476 -3.46 3.13 -40.04
N ALA D 477 -3.52 4.41 -40.42
CA ALA D 477 -3.07 4.89 -41.74
C ALA D 477 -1.54 4.78 -41.93
N ARG D 478 -0.78 5.17 -40.90
CA ARG D 478 0.68 5.10 -40.89
C ARG D 478 1.21 3.67 -40.98
N LEU D 479 0.55 2.74 -40.26
CA LEU D 479 0.94 1.33 -40.34
C LEU D 479 0.29 0.64 -41.54
N ASN D 480 -0.54 1.38 -42.26
CA ASN D 480 -1.33 0.86 -43.39
C ASN D 480 -2.05 -0.47 -43.13
N LEU D 481 -2.76 -0.54 -42.01
CA LEU D 481 -3.47 -1.77 -41.64
C LEU D 481 -4.86 -1.70 -42.24
N PRO D 482 -5.22 -2.73 -43.04
CA PRO D 482 -6.47 -2.68 -43.81
C PRO D 482 -7.73 -3.03 -42.99
N ILE D 483 -7.86 -2.43 -41.81
CA ILE D 483 -9.01 -2.58 -40.94
C ILE D 483 -10.21 -1.81 -41.50
N VAL D 484 -11.39 -2.44 -41.52
CA VAL D 484 -12.62 -1.75 -41.92
C VAL D 484 -13.45 -1.40 -40.68
N THR D 485 -13.67 -0.10 -40.46
CA THR D 485 -14.35 0.40 -39.25
C THR D 485 -15.75 0.92 -39.55
N VAL D 486 -16.72 0.45 -38.76
CA VAL D 486 -18.09 0.98 -38.82
C VAL D 486 -18.39 1.79 -37.55
N VAL D 487 -18.70 3.08 -37.69
CA VAL D 487 -19.09 3.89 -36.54
C VAL D 487 -20.61 4.07 -36.51
N VAL D 488 -21.26 3.47 -35.52
CA VAL D 488 -22.70 3.65 -35.34
C VAL D 488 -22.99 4.85 -34.44
N ASN D 489 -23.57 5.89 -35.04
CA ASN D 489 -23.62 7.21 -34.42
C ASN D 489 -25.05 7.60 -34.04
N ASN D 490 -25.24 7.93 -32.77
CA ASN D 490 -26.52 8.46 -32.29
C ASN D 490 -26.38 9.77 -31.47
N ASP D 491 -25.20 10.40 -31.58
CA ASP D 491 -24.87 11.66 -30.91
C ASP D 491 -25.04 11.59 -29.38
N THR D 492 -24.84 10.38 -28.83
CA THR D 492 -25.16 10.08 -27.44
C THR D 492 -24.29 8.96 -26.90
N ASN D 493 -23.97 9.07 -25.61
CA ASN D 493 -23.58 7.92 -24.80
C ASN D 493 -24.83 7.09 -24.49
N GLY D 494 -25.24 6.25 -25.44
CA GLY D 494 -26.52 5.54 -25.43
C GLY D 494 -26.79 4.63 -24.26
N LEU D 495 -25.79 3.84 -23.89
CA LEU D 495 -25.89 2.89 -22.76
C LEU D 495 -26.18 3.62 -21.45
N ILE D 496 -25.61 4.80 -21.30
CA ILE D 496 -25.75 5.61 -20.11
C ILE D 496 -27.15 6.26 -20.06
N GLU D 497 -27.69 6.67 -21.21
CA GLU D 497 -29.10 7.12 -21.27
C GLU D 497 -30.05 5.99 -20.85
N LEU D 498 -29.78 4.76 -21.27
CA LEU D 498 -30.56 3.59 -20.78
C LEU D 498 -30.55 3.49 -19.24
N TYR D 499 -29.36 3.49 -18.65
CA TYR D 499 -29.22 3.49 -17.19
C TYR D 499 -29.95 4.64 -16.47
N GLN D 500 -29.92 5.85 -17.04
CA GLN D 500 -30.72 6.98 -16.52
C GLN D 500 -32.20 6.64 -16.44
N ASN D 501 -32.74 6.09 -17.53
CA ASN D 501 -34.15 5.65 -17.60
C ASN D 501 -34.51 4.47 -16.67
N ILE D 502 -33.63 3.48 -16.58
CA ILE D 502 -33.78 2.39 -15.63
C ILE D 502 -33.87 2.91 -14.20
N GLY D 503 -32.99 3.85 -13.86
CA GLY D 503 -32.89 4.32 -12.48
C GLY D 503 -33.93 5.35 -12.09
N HIS D 504 -34.21 6.27 -13.02
CA HIS D 504 -34.98 7.47 -12.72
C HIS D 504 -36.26 7.63 -13.55
N HIS D 505 -36.44 6.77 -14.55
CA HIS D 505 -37.57 6.82 -15.51
C HIS D 505 -37.58 8.06 -16.41
N ARG D 506 -36.45 8.72 -16.53
CA ARG D 506 -36.26 9.85 -17.44
C ARG D 506 -34.78 10.02 -17.75
N SER D 507 -34.50 10.77 -18.82
CA SER D 507 -33.16 11.13 -19.22
C SER D 507 -32.73 12.49 -18.65
N HIS D 508 -31.43 12.69 -18.59
CA HIS D 508 -30.84 14.00 -18.30
C HIS D 508 -29.71 14.26 -19.28
N ASP D 509 -30.03 15.05 -20.30
CA ASP D 509 -29.20 15.25 -21.48
C ASP D 509 -27.79 15.81 -21.27
N PRO D 510 -27.61 16.81 -20.37
CA PRO D 510 -26.24 17.32 -20.05
C PRO D 510 -25.21 16.25 -19.65
N ALA D 511 -25.68 15.10 -19.18
CA ALA D 511 -24.82 14.01 -18.74
C ALA D 511 -24.53 12.95 -19.84
N VAL D 512 -25.26 13.01 -20.95
CA VAL D 512 -25.16 11.96 -22.00
C VAL D 512 -25.12 12.39 -23.48
N LYS D 513 -25.50 13.63 -23.78
CA LYS D 513 -25.70 14.07 -25.16
C LYS D 513 -24.56 14.92 -25.73
N PHE D 514 -24.17 14.59 -26.97
CA PHE D 514 -23.14 15.31 -27.70
C PHE D 514 -23.74 16.20 -28.81
N GLY D 515 -22.90 17.09 -29.34
CA GLY D 515 -23.18 17.73 -30.63
C GLY D 515 -22.71 16.79 -31.74
N GLY D 516 -22.91 17.20 -32.99
CA GLY D 516 -22.59 16.32 -34.11
C GLY D 516 -21.11 16.28 -34.43
N VAL D 517 -20.61 15.08 -34.72
CA VAL D 517 -19.25 14.88 -35.25
C VAL D 517 -19.37 14.21 -36.62
N ASP D 518 -18.67 14.77 -37.60
CA ASP D 518 -18.58 14.18 -38.93
C ASP D 518 -17.42 13.20 -38.94
N PHE D 519 -17.73 11.92 -38.75
CA PHE D 519 -16.69 10.90 -38.64
C PHE D 519 -16.00 10.58 -39.98
N VAL D 520 -16.73 10.78 -41.08
CA VAL D 520 -16.19 10.68 -42.44
C VAL D 520 -15.12 11.75 -42.65
N ALA D 521 -15.43 12.99 -42.31
CA ALA D 521 -14.48 14.07 -42.44
C ALA D 521 -13.31 13.87 -41.45
N LEU D 522 -13.61 13.25 -40.30
CA LEU D 522 -12.62 13.01 -39.27
C LEU D 522 -11.60 11.98 -39.73
N ALA D 523 -12.08 10.91 -40.35
CA ALA D 523 -11.22 9.85 -40.87
C ALA D 523 -10.34 10.40 -41.99
N GLU D 524 -10.94 11.19 -42.88
CA GLU D 524 -10.21 11.76 -43.99
C GLU D 524 -9.10 12.73 -43.53
N ALA D 525 -9.37 13.50 -42.47
CA ALA D 525 -8.35 14.36 -41.84
C ALA D 525 -7.14 13.56 -41.31
N ASN D 526 -7.36 12.30 -40.94
CA ASN D 526 -6.31 11.38 -40.47
C ASN D 526 -5.66 10.58 -41.60
N GLY D 527 -6.11 10.80 -42.83
CA GLY D 527 -5.61 10.08 -43.99
C GLY D 527 -6.25 8.72 -44.21
N VAL D 528 -7.45 8.54 -43.69
CA VAL D 528 -8.21 7.30 -43.87
C VAL D 528 -9.42 7.59 -44.76
N ASP D 529 -9.53 6.89 -45.89
CA ASP D 529 -10.70 7.00 -46.78
C ASP D 529 -11.98 6.59 -46.05
N ALA D 530 -13.09 7.25 -46.36
CA ALA D 530 -14.34 7.09 -45.60
C ALA D 530 -15.61 7.41 -46.40
N THR D 531 -16.76 6.94 -45.89
CA THR D 531 -18.06 7.17 -46.51
C THR D 531 -19.21 7.02 -45.49
N ARG D 532 -20.35 7.66 -45.80
CA ARG D 532 -21.56 7.53 -44.99
C ARG D 532 -22.50 6.50 -45.61
N ALA D 533 -23.08 5.62 -44.79
CA ALA D 533 -24.10 4.67 -45.25
C ALA D 533 -25.33 4.76 -44.34
N THR D 534 -26.52 4.82 -44.97
CA THR D 534 -27.76 5.14 -44.27
C THR D 534 -28.79 4.03 -44.36
N ASN D 535 -28.46 2.96 -45.08
CA ASN D 535 -29.32 1.78 -45.19
C ASN D 535 -28.54 0.53 -45.53
N ARG D 536 -29.23 -0.61 -45.56
CA ARG D 536 -28.59 -1.89 -45.85
C ARG D 536 -27.78 -1.89 -47.16
N GLU D 537 -28.44 -1.45 -48.23
CA GLU D 537 -27.82 -1.39 -49.55
C GLU D 537 -26.54 -0.54 -49.57
N GLU D 538 -26.61 0.68 -49.03
CA GLU D 538 -25.41 1.55 -48.96
C GLU D 538 -24.32 0.95 -48.08
N LEU D 539 -24.72 0.30 -46.98
CA LEU D 539 -23.78 -0.32 -46.05
C LEU D 539 -23.06 -1.54 -46.62
N LEU D 540 -23.78 -2.39 -47.34
CA LEU D 540 -23.16 -3.55 -47.99
C LEU D 540 -22.13 -3.12 -49.01
N ALA D 541 -22.47 -2.09 -49.79
CA ALA D 541 -21.57 -1.54 -50.79
C ALA D 541 -20.30 -0.96 -50.16
N ALA D 542 -20.46 -0.24 -49.04
CA ALA D 542 -19.34 0.36 -48.31
C ALA D 542 -18.42 -0.70 -47.71
N LEU D 543 -19.02 -1.74 -47.15
CA LEU D 543 -18.27 -2.84 -46.56
C LEU D 543 -17.45 -3.61 -47.59
N ARG D 544 -18.06 -3.86 -48.75
CA ARG D 544 -17.38 -4.61 -49.84
C ARG D 544 -16.28 -3.75 -50.47
N LYS D 545 -16.55 -2.46 -50.65
CA LYS D 545 -15.48 -1.55 -51.06
C LYS D 545 -14.31 -1.57 -50.05
N GLY D 546 -14.62 -1.38 -48.77
CA GLY D 546 -13.62 -1.43 -47.69
C GLY D 546 -12.82 -2.73 -47.64
N ALA D 547 -13.54 -3.86 -47.68
CA ALA D 547 -12.92 -5.19 -47.66
C ALA D 547 -11.87 -5.45 -48.77
N GLU D 548 -12.03 -4.84 -49.92
CA GLU D 548 -11.12 -5.08 -51.04
C GLU D 548 -10.14 -3.93 -51.28
N LEU D 549 -10.21 -2.88 -50.47
CA LEU D 549 -9.44 -1.66 -50.67
C LEU D 549 -7.91 -1.80 -50.53
N GLY D 550 -7.45 -2.74 -49.69
CA GLY D 550 -6.02 -2.86 -49.39
C GLY D 550 -5.47 -1.75 -48.50
N ARG D 551 -6.36 -0.86 -48.06
CA ARG D 551 -6.06 0.25 -47.14
C ARG D 551 -7.17 0.29 -46.08
N PRO D 552 -6.95 0.97 -44.94
CA PRO D 552 -8.05 1.15 -43.99
C PRO D 552 -9.21 1.97 -44.58
N PHE D 553 -10.41 1.73 -44.06
CA PHE D 553 -11.62 2.37 -44.54
C PHE D 553 -12.54 2.61 -43.35
N LEU D 554 -13.23 3.76 -43.35
CA LEU D 554 -14.23 4.03 -42.30
C LEU D 554 -15.62 4.31 -42.88
N ILE D 555 -16.63 3.74 -42.24
CA ILE D 555 -18.02 3.90 -42.63
C ILE D 555 -18.81 4.46 -41.44
N GLU D 556 -19.42 5.61 -41.61
CA GLU D 556 -20.29 6.16 -40.57
C GLU D 556 -21.74 5.80 -40.86
N VAL D 557 -22.42 5.25 -39.85
CA VAL D 557 -23.84 4.87 -39.92
C VAL D 557 -24.66 5.57 -38.83
N PRO D 558 -25.64 6.41 -39.22
CA PRO D 558 -26.61 6.91 -38.24
C PRO D 558 -27.49 5.78 -37.69
N VAL D 559 -27.61 5.69 -36.37
CA VAL D 559 -28.48 4.69 -35.75
C VAL D 559 -29.40 5.30 -34.68
N ASN D 560 -30.31 4.49 -34.19
CA ASN D 560 -31.12 4.88 -33.04
C ASN D 560 -31.52 3.64 -32.27
N TYR D 561 -31.84 3.82 -30.99
CA TYR D 561 -32.34 2.73 -30.14
C TYR D 561 -33.75 3.06 -29.64
N ASP D 562 -34.53 2.02 -29.42
CA ASP D 562 -35.78 2.18 -28.68
C ASP D 562 -35.67 1.31 -27.42
N PHE D 563 -35.50 1.97 -26.28
CA PHE D 563 -35.31 1.28 -24.99
C PHE D 563 -36.64 0.78 -24.42
N GLN D 564 -36.60 -0.43 -23.84
CA GLN D 564 -37.67 -0.84 -22.94
C GLN D 564 -37.06 -1.05 -21.53
N PRO D 565 -36.90 0.05 -20.74
CA PRO D 565 -36.20 0.07 -19.42
C PRO D 565 -36.69 -0.99 -18.43
N GLY D 566 -37.98 -1.32 -18.49
CA GLY D 566 -38.58 -2.41 -17.73
C GLY D 566 -38.12 -3.81 -18.12
N GLY D 567 -37.45 -3.93 -19.27
CA GLY D 567 -37.02 -5.23 -19.77
C GLY D 567 -35.65 -5.71 -19.29
N PHE D 568 -35.05 -4.97 -18.35
CA PHE D 568 -33.65 -5.19 -17.99
C PHE D 568 -33.38 -5.58 -16.54
N GLY D 569 -34.37 -6.23 -15.90
CA GLY D 569 -34.23 -6.74 -14.54
C GLY D 569 -33.06 -7.69 -14.31
N ALA D 570 -32.61 -8.39 -15.35
CA ALA D 570 -31.45 -9.30 -15.27
C ALA D 570 -30.10 -8.62 -14.97
N LEU D 571 -30.04 -7.30 -15.13
CA LEU D 571 -28.84 -6.52 -14.83
C LEU D 571 -28.60 -6.30 -13.33
N SER D 572 -29.61 -6.57 -12.50
CA SER D 572 -29.49 -6.29 -11.08
C SER D 572 -28.42 -7.13 -10.35
N ILE D 573 -27.75 -6.49 -9.40
CA ILE D 573 -26.63 -7.08 -8.66
C ILE D 573 -26.88 -7.00 -7.15
MG MG E . -4.83 -8.18 36.86
K K F . 9.39 16.31 49.87
N1' TPP G . -2.74 -6.73 24.15
C2' TPP G . -1.98 -5.58 24.18
CM2 TPP G . -0.67 -5.48 23.49
N3' TPP G . -2.46 -4.49 24.89
C4' TPP G . -3.67 -4.57 25.53
N4' TPP G . -4.04 -3.46 26.16
C5' TPP G . -4.47 -5.74 25.49
C6' TPP G . -3.96 -6.83 24.80
C7' TPP G . -5.83 -5.85 26.21
N3 TPP G . -5.43 -5.51 27.54
C2 TPP G . -5.33 -4.20 27.98
S1 TPP G . -4.77 -4.06 29.47
C5 TPP G . -4.67 -5.66 29.63
C4 TPP G . -5.02 -6.38 28.49
CM4 TPP G . -4.99 -7.87 28.35
C6 TPP G . -4.14 -6.18 30.94
C7 TPP G . -5.16 -6.16 32.06
O7 TPP G . -4.61 -6.92 33.12
PA TPP G . -3.71 -6.28 34.29
O1A TPP G . -3.47 -7.38 35.31
O2A TPP G . -2.40 -5.71 33.81
O3A TPP G . -4.59 -5.09 34.90
PB TPP G . -6.11 -5.21 35.42
O1B TPP G . -6.24 -4.15 36.47
O2B TPP G . -7.10 -4.85 34.34
O3B TPP G . -6.35 -6.59 35.99
OB GVA H . -7.16 0.82 28.07
C GVA H . -8.37 0.96 27.78
OA GVA H . -9.26 1.14 28.65
CA GVA H . -8.74 0.85 26.32
CB GVA H . -10.24 0.98 26.10
CG GVA H . -10.67 2.44 26.01
CD GVA H . -12.10 2.54 25.50
NE GVA H . -12.64 3.85 25.79
CZ GVA H . -13.90 4.16 25.53
NH2 GVA H . -14.79 3.19 25.36
NH1 GVA H . -14.23 5.39 25.45
MG MG I . 23.70 -16.48 25.06
K K J . 12.89 -45.75 24.11
K K K . 7.67 -10.03 25.40
N1' TPP L . 15.52 -9.60 17.46
C2' TPP L . 14.67 -10.64 17.15
CM2 TPP L . 13.18 -10.53 17.30
N3' TPP L . 15.20 -11.81 16.69
C4' TPP L . 16.58 -11.95 16.54
N4' TPP L . 16.98 -13.14 16.08
C5' TPP L . 17.48 -10.91 16.84
C6' TPP L . 16.90 -9.72 17.33
C7' TPP L . 19.01 -11.04 16.68
N3 TPP L . 19.26 -12.21 17.46
C2 TPP L . 19.23 -13.49 16.92
S1 TPP L . 19.46 -14.62 18.01
C5 TPP L . 19.62 -13.54 19.19
C4 TPP L . 19.48 -12.22 18.78
CM4 TPP L . 19.56 -11.00 19.66
C6 TPP L . 19.88 -14.09 20.57
C7 TPP L . 21.22 -14.80 20.64
O7 TPP L . 21.54 -15.01 22.00
PA TPP L . 21.15 -16.36 22.75
O1A TPP L . 21.57 -16.26 24.21
O2A TPP L . 19.67 -16.62 22.65
O3A TPP L . 21.96 -17.54 22.00
PB TPP L . 23.56 -17.48 21.76
O1B TPP L . 24.04 -18.89 21.61
O2B TPP L . 23.85 -16.73 20.50
O3B TPP L . 24.22 -16.84 22.96
OB GVA M . 19.80 -17.58 12.76
C GVA M . 20.64 -16.98 12.06
OA GVA M . 21.87 -17.22 12.15
CA GVA M . 20.12 -15.94 11.08
CB GVA M . 21.18 -15.47 10.09
CG GVA M . 21.47 -16.51 9.02
CD GVA M . 22.41 -15.97 7.95
NE GVA M . 22.72 -16.99 6.96
CZ GVA M . 23.55 -16.78 5.94
NH2 GVA M . 24.41 -15.74 5.96
NH1 GVA M . 23.54 -17.56 4.94
MG MG N . 5.53 18.52 -33.34
K K O . -6.47 46.31 -26.00
K K P . -7.42 10.12 -25.58
N1' TPP Q . 3.24 11.07 -22.73
C2' TPP Q . 2.56 12.00 -21.97
CM2 TPP Q . 1.23 11.69 -21.33
N3' TPP Q . 3.09 13.25 -21.81
C4' TPP Q . 4.30 13.57 -22.39
N4' TPP Q . 4.77 14.79 -22.17
C5' TPP Q . 5.02 12.62 -23.14
C6' TPP Q . 4.46 11.36 -23.31
C7' TPP Q . 6.36 12.96 -23.79
N3 TPP Q . 6.04 14.10 -24.59
C2 TPP Q . 6.09 15.41 -24.16
S1 TPP Q . 5.62 16.49 -25.25
C5 TPP Q . 5.34 15.32 -26.33
C4 TPP Q . 5.58 14.02 -25.87
CM4 TPP Q . 5.39 12.76 -26.65
C6 TPP Q . 4.83 15.81 -27.64
C7 TPP Q . 5.86 16.64 -28.38
O7 TPP Q . 5.35 16.85 -29.68
PA TPP Q . 4.50 18.15 -30.06
O1A TPP Q . 4.24 18.06 -31.56
O2A TPP Q . 3.22 18.26 -29.27
O3A TPP Q . 5.46 19.41 -29.73
PB TPP Q . 6.97 19.59 -30.30
O1B TPP Q . 7.22 21.05 -30.41
O2B TPP Q . 7.99 18.97 -29.39
O3B TPP Q . 7.06 18.91 -31.67
OB GVA R . 8.23 18.79 -19.76
C GVA R . 9.46 18.72 -20.02
OA GVA R . 10.06 19.66 -20.58
CA GVA R . 10.16 17.44 -19.64
CB GVA R . 11.66 17.63 -19.46
CG GVA R . 11.97 18.47 -18.23
CD GVA R . 13.43 18.29 -17.81
NE GVA R . 13.88 19.38 -16.95
CZ GVA R . 15.16 19.54 -16.61
NH2 GVA R . 16.13 18.92 -17.29
NH1 GVA R . 15.46 20.30 -15.65
MG MG S . -23.83 6.44 -29.25
K K T . -15.35 -16.68 -48.32
N1' TPP U . -15.36 5.81 -19.23
C2' TPP U . -14.62 4.73 -19.67
CM2 TPP U . -13.12 4.74 -19.73
N3' TPP U . -15.28 3.60 -20.07
C4' TPP U . -16.67 3.53 -20.04
N4' TPP U . -17.21 2.38 -20.45
C5' TPP U . -17.44 4.61 -19.57
C6' TPP U . -16.75 5.76 -19.17
C7' TPP U . -18.97 4.57 -19.53
N3 TPP U . -19.29 4.14 -20.87
C2 TPP U . -19.35 2.81 -21.27
S1 TPP U . -19.64 2.59 -22.83
C5 TPP U . -19.71 4.19 -23.06
C4 TPP U . -19.48 4.97 -21.92
CM4 TPP U . -19.49 6.47 -21.85
C6 TPP U . -19.99 4.59 -24.48
C7 TPP U . -21.45 4.68 -24.83
O7 TPP U . -21.51 5.47 -26.00
PA TPP U . -21.32 4.86 -27.47
O1A TPP U . -21.77 5.91 -28.46
O2A TPP U . -19.90 4.48 -27.79
O3A TPP U . -22.22 3.54 -27.50
PB TPP U . -23.84 3.50 -27.43
O1B TPP U . -24.28 2.43 -28.38
O2B TPP U . -24.22 3.08 -26.04
O3B TPP U . -24.44 4.81 -27.83
OB GVA V . -20.17 -2.07 -20.55
C GVA V . -20.95 -2.78 -19.88
OA GVA V . -22.04 -3.20 -20.33
CA GVA V . -20.55 -3.14 -18.46
CB GVA V . -21.71 -3.04 -17.48
CG GVA V . -22.47 -4.36 -17.42
CD GVA V . -22.99 -4.65 -16.02
NE GVA V . -23.36 -6.06 -15.96
CZ GVA V . -24.30 -6.54 -15.15
NH2 GVA V . -25.07 -5.72 -14.41
NH1 GVA V . -24.46 -7.79 -15.09
#